data_9GFH
#
_entry.id   9GFH
#
_cell.length_a   125.416
_cell.length_b   128.509
_cell.length_c   134.650
_cell.angle_alpha   90.000
_cell.angle_beta   90.000
_cell.angle_gamma   90.000
#
_symmetry.space_group_name_H-M   'P 21 21 21'
#
loop_
_entity.id
_entity.type
_entity.pdbx_description
1 polymer 'BCR P1173 light chain'
2 polymer 'BCR P1173 heavy chain'
3 branched 2-acetamido-2-deoxy-beta-D-glucopyranose-(1-4)-[alpha-L-fucopyranose-(1-6)]2-acetamido-2-deoxy-beta-D-glucopyranose
4 non-polymer 2-acetamido-2-deoxy-beta-D-glucopyranose
5 non-polymer 'CITRIC ACID'
6 water water
#
loop_
_entity_poly.entity_id
_entity_poly.type
_entity_poly.pdbx_seq_one_letter_code
_entity_poly.pdbx_strand_id
1 'polypeptide(L)'
;DIQMTQSPSSLSASVGDRVTITCRASQSISSYLNWYQQKPGKAPKLLIYAASSLQSGVPSRFSGSGSGTDFTLTISSLQP
EDFATYYCQQSYSTPPHTFGQGTKVEIKRTVAAPSVFIFPPSDEQLKSGTASVVCLLNNFYPREAKVQWKVDNALQSGNS
QESVTEQDSKDSTYSLSSTLTLSKADYEKHKVYACEVTHQGLSSPVTKSFNRGEC
;
L,B,D,F
2 'polypeptide(L)'
;EVQLVQSGAEVKKPGESLRISCKGSGYSFTSYWITWVRQMPGKGLEWMGRIDPSDSYTNYSPSFQGHVTISADKSISTAY
LQWSSLKASDTAMYYCAREQWLGIKNFDYWGQGTLVTVSSGSASAPTLFPLVSCENSPSDTSSVAVGCLAQDFLPDSITF
SWKYKNNSDISSTRGFPSVLRGGKYAATSQVLLPSKDVMQGTDEHVVCKVQHPNGNKEKNVPLPV
;
A,H,C,E
#
# COMPACT_ATOMS: atom_id res chain seq x y z
N ASP A 1 13.80 3.21 24.14
CA ASP A 1 12.80 2.49 24.98
C ASP A 1 11.38 2.98 24.65
N ILE A 2 11.26 4.18 24.10
CA ILE A 2 10.02 4.65 23.49
C ILE A 2 10.14 4.45 21.99
N GLN A 3 9.19 3.71 21.42
CA GLN A 3 9.16 3.42 19.99
C GLN A 3 8.27 4.42 19.28
N MET A 4 8.82 5.07 18.25
CA MET A 4 8.08 6.03 17.45
C MET A 4 7.76 5.38 16.10
N THR A 5 6.50 5.46 15.69
CA THR A 5 6.03 4.84 14.46
C THR A 5 5.41 5.89 13.55
N GLN A 6 5.73 5.82 12.26
CA GLN A 6 5.27 6.78 11.27
C GLN A 6 4.41 6.08 10.22
N SER A 7 3.47 6.83 9.65
CA SER A 7 2.63 6.34 8.57
C SER A 7 2.15 7.50 7.71
N PRO A 8 2.05 7.31 6.38
CA PRO A 8 2.41 6.11 5.60
C PRO A 8 3.91 6.01 5.39
N SER A 9 4.40 4.89 4.83
CA SER A 9 5.82 4.75 4.59
C SER A 9 6.30 5.62 3.44
N SER A 10 5.55 5.64 2.34
CA SER A 10 5.86 6.51 1.21
C SER A 10 4.55 6.94 0.56
N LEU A 11 4.58 8.07 -0.14
CA LEU A 11 3.38 8.57 -0.79
C LEU A 11 3.75 9.53 -1.92
N SER A 12 2.82 9.65 -2.88
CA SER A 12 2.98 10.53 -4.04
C SER A 12 1.73 11.38 -4.20
N ALA A 13 1.90 12.70 -4.27
CA ALA A 13 0.78 13.63 -4.31
C ALA A 13 1.10 14.81 -5.23
N SER A 14 0.05 15.44 -5.75
CA SER A 14 0.15 16.49 -6.74
C SER A 14 0.31 17.87 -6.08
N VAL A 15 0.87 18.80 -6.85
CA VAL A 15 1.04 20.17 -6.35
C VAL A 15 -0.32 20.74 -6.00
N GLY A 16 -0.43 21.34 -4.82
CA GLY A 16 -1.68 21.88 -4.35
C GLY A 16 -2.48 20.94 -3.49
N ASP A 17 -2.10 19.66 -3.44
CA ASP A 17 -2.81 18.67 -2.64
C ASP A 17 -2.41 18.78 -1.17
N ARG A 18 -3.24 18.18 -0.32
CA ARG A 18 -2.94 18.08 1.10
C ARG A 18 -2.19 16.79 1.39
N VAL A 19 -1.09 16.89 2.12
CA VAL A 19 -0.30 15.74 2.54
C VAL A 19 -0.43 15.62 4.05
N THR A 20 -0.72 14.40 4.51
CA THR A 20 -0.97 14.10 5.92
C THR A 20 -0.06 12.96 6.37
N ILE A 21 0.72 13.20 7.42
CA ILE A 21 1.62 12.19 7.97
C ILE A 21 1.35 12.06 9.46
N THR A 22 1.28 10.82 9.94
CA THR A 22 0.98 10.52 11.33
C THR A 22 2.19 9.92 12.02
N CYS A 23 2.38 10.30 13.29
CA CYS A 23 3.46 9.78 14.12
C CYS A 23 2.82 9.34 15.43
N ARG A 24 3.08 8.09 15.82
CA ARG A 24 2.46 7.48 16.98
C ARG A 24 3.54 7.09 17.99
N ALA A 25 3.26 7.35 19.27
CA ALA A 25 4.19 7.05 20.35
C ALA A 25 3.72 5.83 21.13
N SER A 26 4.69 5.06 21.62
CA SER A 26 4.39 3.86 22.41
C SER A 26 3.93 4.17 23.83
N GLN A 27 3.90 5.44 24.22
CA GLN A 27 3.47 5.86 25.54
C GLN A 27 3.44 7.37 25.57
N SER A 28 2.62 7.93 26.45
CA SER A 28 2.42 9.37 26.50
C SER A 28 3.78 10.09 26.53
N ILE A 29 3.89 11.12 25.69
CA ILE A 29 5.10 11.94 25.64
C ILE A 29 4.69 13.41 25.68
N SER A 30 3.49 13.67 26.19
CA SER A 30 2.96 15.02 26.27
C SER A 30 3.10 15.72 24.93
N SER A 31 3.77 16.87 24.90
CA SER A 31 3.98 17.63 23.67
C SER A 31 5.45 17.64 23.26
N TYR A 32 6.22 16.64 23.68
CA TYR A 32 7.65 16.56 23.43
C TYR A 32 7.91 15.87 22.08
N LEU A 33 7.43 16.51 21.02
CA LEU A 33 7.58 15.97 19.67
C LEU A 33 8.07 17.05 18.72
N ASN A 34 8.97 16.67 17.81
CA ASN A 34 9.50 17.56 16.80
C ASN A 34 9.41 16.90 15.43
N TRP A 35 9.37 17.71 14.38
CA TRP A 35 9.32 17.25 13.00
C TRP A 35 10.51 17.81 12.23
N TYR A 36 11.14 16.97 11.42
CA TYR A 36 12.28 17.37 10.61
C TYR A 36 12.05 17.01 9.15
N GLN A 37 12.73 17.75 8.28
CA GLN A 37 12.73 17.52 6.84
C GLN A 37 14.15 17.25 6.38
N GLN A 38 14.32 16.23 5.54
CA GLN A 38 15.64 15.90 5.00
C GLN A 38 15.49 15.71 3.49
N LYS A 39 15.86 16.71 2.74
CA LYS A 39 15.96 16.54 1.29
C LYS A 39 17.23 15.74 0.98
N PRO A 40 17.21 14.92 -0.07
CA PRO A 40 18.29 13.93 -0.23
C PRO A 40 19.64 14.61 -0.40
N GLY A 41 20.65 14.05 0.28
CA GLY A 41 22.00 14.57 0.20
C GLY A 41 22.25 15.82 1.01
N LYS A 42 21.37 16.17 1.95
CA LYS A 42 21.54 17.34 2.78
C LYS A 42 21.12 17.02 4.21
N ALA A 43 21.53 17.87 5.13
CA ALA A 43 21.25 17.65 6.54
C ALA A 43 19.79 17.92 6.84
N PRO A 44 19.24 17.28 7.88
CA PRO A 44 17.86 17.57 8.29
C PRO A 44 17.65 19.04 8.64
N LYS A 45 16.38 19.38 8.77
CA LYS A 45 15.95 20.75 9.01
C LYS A 45 14.73 20.74 9.91
N LEU A 46 14.78 21.51 11.00
CA LEU A 46 13.66 21.54 11.94
C LEU A 46 12.49 22.30 11.33
N LEU A 47 11.30 21.70 11.41
CA LEU A 47 10.08 22.30 10.91
C LEU A 47 9.15 22.71 12.05
N ILE A 48 8.72 21.75 12.85
CA ILE A 48 7.82 21.97 13.98
C ILE A 48 8.54 21.54 15.25
N TYR A 49 8.36 22.28 16.33
CA TYR A 49 8.87 21.91 17.63
C TYR A 49 7.76 22.05 18.67
N ALA A 50 7.87 21.26 19.75
CA ALA A 50 6.88 21.29 20.82
C ALA A 50 5.50 20.86 20.32
N ALA A 51 5.48 20.02 19.29
CA ALA A 51 4.27 19.42 18.72
C ALA A 51 3.55 20.30 17.70
N SER A 52 3.55 21.64 17.87
CA SER A 52 2.74 22.46 16.98
C SER A 52 3.28 23.88 16.80
N SER A 53 4.57 24.11 16.97
CA SER A 53 5.15 25.44 16.83
C SER A 53 6.03 25.50 15.60
N LEU A 54 5.77 26.46 14.73
CA LEU A 54 6.46 26.57 13.45
C LEU A 54 7.79 27.28 13.66
N GLN A 55 8.88 26.56 13.39
CA GLN A 55 10.21 27.17 13.44
C GLN A 55 10.29 28.34 12.47
N SER A 56 10.85 29.46 12.94
CA SER A 56 10.92 30.65 12.09
C SER A 56 11.69 30.34 10.82
N GLY A 57 11.19 30.84 9.70
CA GLY A 57 11.80 30.57 8.41
C GLY A 57 11.23 29.37 7.69
N VAL A 58 10.21 28.73 8.23
CA VAL A 58 9.58 27.56 7.62
C VAL A 58 8.26 28.00 7.00
N PRO A 59 7.95 27.59 5.78
CA PRO A 59 6.68 28.01 5.17
C PRO A 59 5.49 27.75 6.07
N SER A 60 4.51 28.65 6.01
CA SER A 60 3.33 28.56 6.86
C SER A 60 2.40 27.42 6.46
N ARG A 61 2.63 26.77 5.33
CA ARG A 61 1.82 25.61 4.95
C ARG A 61 2.14 24.38 5.80
N PHE A 62 3.28 24.38 6.49
CA PHE A 62 3.57 23.31 7.43
C PHE A 62 2.92 23.58 8.77
N SER A 63 2.46 22.51 9.43
CA SER A 63 1.77 22.63 10.70
C SER A 63 1.72 21.27 11.36
N GLY A 64 1.61 21.28 12.69
CA GLY A 64 1.55 20.04 13.45
C GLY A 64 0.49 20.12 14.53
N SER A 65 0.05 18.93 14.96
CA SER A 65 -0.95 18.81 16.01
C SER A 65 -0.71 17.51 16.76
N GLY A 66 -1.47 17.35 17.85
CA GLY A 66 -1.45 16.13 18.63
C GLY A 66 -0.82 16.33 20.00
N SER A 67 -1.03 15.33 20.84
CA SER A 67 -0.48 15.29 22.19
C SER A 67 -0.70 13.90 22.76
N GLY A 68 0.26 13.42 23.55
CA GLY A 68 0.13 12.12 24.18
C GLY A 68 0.74 11.00 23.35
N THR A 69 -0.08 10.41 22.48
CA THR A 69 0.35 9.30 21.63
C THR A 69 0.08 9.53 20.15
N ASP A 70 -0.75 10.50 19.79
CA ASP A 70 -1.14 10.75 18.39
C ASP A 70 -0.68 12.13 17.97
N PHE A 71 0.10 12.19 16.89
CA PHE A 71 0.56 13.46 16.33
C PHE A 71 0.41 13.41 14.82
N THR A 72 0.37 14.60 14.19
CA THR A 72 0.11 14.69 12.76
C THR A 72 0.76 15.92 12.15
N LEU A 73 1.62 15.71 11.15
CA LEU A 73 2.15 16.76 10.31
C LEU A 73 1.28 16.97 9.09
N THR A 74 1.08 18.24 8.70
CA THR A 74 0.24 18.57 7.56
C THR A 74 0.89 19.65 6.71
N ILE A 75 0.98 19.38 5.41
CA ILE A 75 1.36 20.37 4.41
C ILE A 75 0.06 20.75 3.69
N SER A 76 -0.44 21.96 3.94
CA SER A 76 -1.78 22.30 3.46
C SER A 76 -1.85 22.30 1.93
N SER A 77 -0.81 22.79 1.27
CA SER A 77 -0.79 22.86 -0.20
C SER A 77 0.61 22.48 -0.67
N LEU A 78 0.77 21.22 -1.08
CA LEU A 78 2.08 20.73 -1.48
C LEU A 78 2.67 21.59 -2.59
N GLN A 79 3.97 21.85 -2.49
CA GLN A 79 4.71 22.64 -3.47
C GLN A 79 5.82 21.81 -4.08
N PRO A 80 6.27 22.17 -5.29
CA PRO A 80 7.24 21.32 -5.99
C PRO A 80 8.55 21.12 -5.25
N GLU A 81 8.90 22.02 -4.33
CA GLU A 81 10.17 21.96 -3.63
C GLU A 81 10.10 21.19 -2.31
N ASP A 82 8.97 20.54 -2.02
CA ASP A 82 8.76 19.87 -0.75
C ASP A 82 9.08 18.37 -0.80
N PHE A 83 9.46 17.83 -1.94
CA PHE A 83 9.84 16.43 -2.00
C PHE A 83 11.02 16.18 -1.05
N ALA A 84 10.85 15.26 -0.12
CA ALA A 84 11.85 15.04 0.92
C ALA A 84 11.44 13.81 1.72
N THR A 85 12.19 13.54 2.79
CA THR A 85 11.88 12.51 3.77
C THR A 85 11.66 13.20 5.11
N TYR A 86 10.54 12.91 5.76
CA TYR A 86 10.12 13.59 6.97
C TYR A 86 10.22 12.66 8.17
N TYR A 87 10.81 13.14 9.25
CA TYR A 87 10.99 12.37 10.48
C TYR A 87 10.33 13.06 11.66
N CYS A 88 9.82 12.26 12.59
CA CYS A 88 9.44 12.75 13.91
C CYS A 88 10.45 12.29 14.94
N GLN A 89 10.51 13.03 16.05
CA GLN A 89 11.49 12.77 17.09
C GLN A 89 10.87 13.08 18.45
N GLN A 90 11.25 12.28 19.45
CA GLN A 90 10.71 12.40 20.80
C GLN A 90 11.79 12.91 21.74
N SER A 91 11.40 13.80 22.66
CA SER A 91 12.33 14.44 23.58
C SER A 91 11.88 14.31 25.04
N TYR A 92 11.06 13.31 25.35
CA TYR A 92 10.55 13.07 26.69
C TYR A 92 11.35 12.00 27.43
N SER A 93 11.44 10.79 26.86
CA SER A 93 12.20 9.69 27.47
C SER A 93 13.69 9.88 27.17
N THR A 94 14.34 10.69 28.00
CA THR A 94 15.78 10.81 27.84
C THR A 94 16.49 9.97 28.90
N PRO A 95 17.54 9.22 28.54
CA PRO A 95 17.96 8.82 27.18
C PRO A 95 17.18 7.57 26.79
N PRO A 96 17.21 7.13 25.54
CA PRO A 96 17.76 7.80 24.36
C PRO A 96 16.68 8.59 23.62
N HIS A 97 17.00 9.70 22.98
CA HIS A 97 16.04 10.33 22.10
C HIS A 97 15.86 9.47 20.85
N THR A 98 14.60 9.24 20.46
CA THR A 98 14.27 8.31 19.40
C THR A 98 13.59 9.04 18.25
N PHE A 99 13.92 8.63 17.03
CA PHE A 99 13.33 9.15 15.81
C PHE A 99 12.30 8.16 15.28
N GLY A 100 11.41 8.65 14.42
CA GLY A 100 10.59 7.79 13.60
C GLY A 100 11.43 7.17 12.49
N GLN A 101 10.78 6.32 11.68
CA GLN A 101 11.52 5.68 10.60
C GLN A 101 11.55 6.50 9.32
N GLY A 102 10.66 7.46 9.17
CA GLY A 102 10.68 8.37 8.04
C GLY A 102 9.52 8.10 7.08
N THR A 103 9.12 9.14 6.36
CA THR A 103 8.06 9.06 5.36
C THR A 103 8.50 9.80 4.11
N LYS A 104 8.63 9.08 2.99
CA LYS A 104 9.10 9.67 1.75
C LYS A 104 7.92 10.24 0.95
N VAL A 105 8.06 11.49 0.53
CA VAL A 105 7.04 12.22 -0.19
C VAL A 105 7.56 12.56 -1.58
N GLU A 106 6.80 12.19 -2.61
CA GLU A 106 7.13 12.50 -3.99
C GLU A 106 6.05 13.37 -4.59
N ILE A 107 6.45 14.21 -5.55
CA ILE A 107 5.54 15.07 -6.28
C ILE A 107 5.07 14.35 -7.54
N LYS A 108 3.76 14.35 -7.77
CA LYS A 108 3.20 13.75 -8.97
C LYS A 108 2.99 14.83 -10.03
N ARG A 109 3.26 14.48 -11.28
CA ARG A 109 3.14 15.41 -12.39
C ARG A 109 2.67 14.62 -13.61
N THR A 110 2.70 15.25 -14.77
CA THR A 110 2.24 14.60 -15.99
C THR A 110 3.39 13.91 -16.70
N VAL A 111 3.05 12.86 -17.46
CA VAL A 111 4.08 12.09 -18.16
C VAL A 111 4.92 13.03 -19.03
N ALA A 112 6.20 12.72 -19.15
CA ALA A 112 7.13 13.53 -19.92
C ALA A 112 8.20 12.63 -20.52
N ALA A 113 8.35 12.69 -21.84
CA ALA A 113 9.33 11.84 -22.50
C ALA A 113 10.74 12.41 -22.35
N PRO A 114 11.76 11.56 -22.38
CA PRO A 114 13.14 12.03 -22.19
C PRO A 114 13.81 12.49 -23.48
N SER A 115 14.71 13.45 -23.31
CA SER A 115 15.67 13.79 -24.36
C SER A 115 16.92 12.95 -24.17
N VAL A 116 17.44 12.40 -25.27
CA VAL A 116 18.50 11.41 -25.22
C VAL A 116 19.72 11.94 -25.95
N PHE A 117 20.90 11.73 -25.33
CA PHE A 117 22.18 12.08 -25.94
C PHE A 117 23.16 10.94 -25.69
N ILE A 118 24.08 10.75 -26.65
CA ILE A 118 25.11 9.73 -26.54
C ILE A 118 26.47 10.39 -26.80
N PHE A 119 27.50 9.89 -26.11
CA PHE A 119 28.82 10.48 -26.16
C PHE A 119 29.85 9.37 -26.35
N PRO A 120 30.79 9.51 -27.29
CA PRO A 120 31.83 8.48 -27.45
C PRO A 120 32.95 8.69 -26.45
N PRO A 121 33.86 7.72 -26.31
CA PRO A 121 35.03 7.94 -25.46
C PRO A 121 35.96 8.96 -26.08
N SER A 122 36.62 9.73 -25.22
CA SER A 122 37.57 10.73 -25.68
C SER A 122 38.86 10.05 -26.11
N ASP A 123 39.48 10.60 -27.16
CA ASP A 123 40.78 10.09 -27.59
C ASP A 123 41.78 10.10 -26.44
N GLU A 124 41.68 11.09 -25.55
CA GLU A 124 42.55 11.14 -24.39
C GLU A 124 42.38 9.90 -23.51
N GLN A 125 41.13 9.50 -23.27
CA GLN A 125 40.87 8.32 -22.45
C GLN A 125 41.34 7.04 -23.14
N LEU A 126 41.35 7.03 -24.47
CA LEU A 126 41.62 5.79 -25.19
C LEU A 126 43.10 5.42 -25.16
N LYS A 127 43.99 6.40 -25.30
CA LYS A 127 45.42 6.12 -25.22
C LYS A 127 45.80 5.50 -23.88
N SER A 128 45.02 5.78 -22.83
CA SER A 128 45.27 5.19 -21.52
C SER A 128 44.81 3.73 -21.46
N GLY A 129 43.94 3.29 -22.36
CA GLY A 129 43.61 1.89 -22.52
C GLY A 129 42.19 1.48 -22.18
N THR A 130 41.32 2.38 -21.73
CA THR A 130 39.94 2.03 -21.42
C THR A 130 39.00 2.99 -22.15
N ALA A 131 37.85 2.46 -22.56
CA ALA A 131 36.85 3.21 -23.31
C ALA A 131 35.54 3.22 -22.55
N SER A 132 34.99 4.41 -22.31
CA SER A 132 33.72 4.59 -21.61
C SER A 132 32.73 5.32 -22.50
N VAL A 133 31.59 4.69 -22.77
CA VAL A 133 30.50 5.30 -23.52
C VAL A 133 29.42 5.74 -22.54
N VAL A 134 28.78 6.88 -22.83
CA VAL A 134 27.81 7.47 -21.93
C VAL A 134 26.53 7.78 -22.69
N CYS A 135 25.41 7.68 -21.97
CA CYS A 135 24.07 7.88 -22.52
C CYS A 135 23.27 8.65 -21.49
N LEU A 136 22.70 9.80 -21.89
CA LEU A 136 22.01 10.69 -20.96
C LEU A 136 20.54 10.82 -21.32
N LEU A 137 19.68 10.79 -20.31
CA LEU A 137 18.25 11.03 -20.44
C LEU A 137 17.88 12.24 -19.58
N ASN A 138 17.20 13.22 -20.18
CA ASN A 138 16.93 14.50 -19.51
C ASN A 138 15.44 14.73 -19.35
N ASN A 139 15.05 15.15 -18.14
CA ASN A 139 13.72 15.69 -17.85
C ASN A 139 12.61 14.75 -18.31
N PHE A 140 12.48 13.63 -17.61
CA PHE A 140 11.41 12.68 -17.88
C PHE A 140 10.67 12.35 -16.58
N TYR A 141 9.43 11.88 -16.75
CA TYR A 141 8.57 11.46 -15.65
C TYR A 141 7.58 10.46 -16.22
N PRO A 142 7.31 9.34 -15.52
CA PRO A 142 7.80 8.96 -14.18
C PRO A 142 9.24 8.47 -14.16
N ARG A 143 9.68 8.09 -12.95
CA ARG A 143 11.07 7.71 -12.73
C ARG A 143 11.46 6.46 -13.51
N GLU A 144 10.50 5.57 -13.76
CA GLU A 144 10.82 4.27 -14.33
C GLU A 144 11.26 4.45 -15.78
N ALA A 145 12.53 4.16 -16.05
CA ALA A 145 13.07 4.13 -17.40
C ALA A 145 14.01 2.94 -17.52
N LYS A 146 14.16 2.45 -18.75
CA LYS A 146 15.02 1.31 -19.02
C LYS A 146 15.96 1.66 -20.16
N VAL A 147 17.26 1.67 -19.87
CA VAL A 147 18.29 1.94 -20.87
C VAL A 147 18.89 0.61 -21.30
N GLN A 148 19.37 0.55 -22.54
CA GLN A 148 19.72 -0.72 -23.16
C GLN A 148 20.84 -0.50 -24.15
N TRP A 149 22.00 -1.11 -23.90
CA TRP A 149 23.17 -0.95 -24.76
C TRP A 149 23.23 -2.07 -25.79
N LYS A 150 23.68 -1.72 -27.00
CA LYS A 150 23.91 -2.68 -28.07
C LYS A 150 25.20 -2.33 -28.79
N VAL A 151 26.03 -3.34 -29.04
CA VAL A 151 27.28 -3.18 -29.79
C VAL A 151 27.19 -4.12 -30.98
N ASP A 152 27.11 -3.56 -32.19
CA ASP A 152 26.84 -4.34 -33.40
C ASP A 152 25.57 -5.15 -33.24
N ASN A 153 24.53 -4.52 -32.69
CA ASN A 153 23.21 -5.10 -32.48
C ASN A 153 23.22 -6.29 -31.53
N ALA A 154 24.34 -6.54 -30.85
CA ALA A 154 24.44 -7.56 -29.83
C ALA A 154 24.28 -6.92 -28.46
N LEU A 155 23.31 -7.42 -27.69
CA LEU A 155 22.99 -6.79 -26.42
C LEU A 155 24.07 -6.99 -25.38
N GLN A 156 24.39 -5.93 -24.65
CA GLN A 156 25.35 -5.93 -23.57
C GLN A 156 24.67 -6.30 -22.25
N SER A 157 25.48 -6.70 -21.28
CA SER A 157 24.97 -7.06 -19.97
C SER A 157 26.12 -7.16 -18.98
N GLY A 158 25.88 -6.71 -17.75
CA GLY A 158 26.88 -6.82 -16.70
C GLY A 158 28.11 -5.98 -16.91
N ASN A 159 28.10 -5.05 -17.87
CA ASN A 159 29.25 -4.20 -18.16
C ASN A 159 28.83 -2.73 -18.22
N SER A 160 27.80 -2.35 -17.45
CA SER A 160 27.31 -0.98 -17.46
C SER A 160 26.75 -0.65 -16.09
N GLN A 161 26.75 0.64 -15.78
CA GLN A 161 26.21 1.15 -14.53
C GLN A 161 25.43 2.42 -14.81
N GLU A 162 24.56 2.80 -13.88
CA GLU A 162 23.72 3.98 -14.08
C GLU A 162 23.39 4.61 -12.73
N SER A 163 22.84 5.82 -12.80
CA SER A 163 22.39 6.54 -11.62
C SER A 163 21.33 7.55 -12.06
N VAL A 164 20.49 7.95 -11.11
CA VAL A 164 19.34 8.80 -11.38
C VAL A 164 19.36 9.98 -10.43
N THR A 165 18.91 11.14 -10.93
CA THR A 165 18.91 12.35 -10.14
C THR A 165 17.67 12.44 -9.25
N GLU A 166 17.69 13.40 -8.34
CA GLU A 166 16.49 13.73 -7.57
C GLU A 166 15.45 14.40 -8.48
N GLN A 167 14.27 14.64 -7.93
CA GLN A 167 13.26 15.38 -8.66
C GLN A 167 13.67 16.85 -8.75
N ASP A 168 13.57 17.42 -9.94
CA ASP A 168 13.81 18.84 -10.09
C ASP A 168 12.85 19.62 -9.21
N SER A 169 13.31 20.76 -8.70
CA SER A 169 12.57 21.51 -7.71
C SER A 169 11.59 22.51 -8.32
N LYS A 170 11.56 22.66 -9.64
CA LYS A 170 10.56 23.47 -10.32
C LYS A 170 9.62 22.64 -11.19
N ASP A 171 10.15 21.71 -11.99
CA ASP A 171 9.32 20.96 -12.95
C ASP A 171 9.12 19.50 -12.57
N SER A 172 9.73 19.02 -11.49
CA SER A 172 9.42 17.72 -10.89
C SER A 172 9.81 16.55 -11.79
N THR A 173 10.81 16.71 -12.65
CA THR A 173 11.25 15.65 -13.54
C THR A 173 12.55 15.02 -13.04
N TYR A 174 12.93 13.92 -13.71
CA TYR A 174 14.15 13.18 -13.39
C TYR A 174 15.10 13.18 -14.59
N SER A 175 16.37 12.91 -14.31
CA SER A 175 17.37 12.68 -15.35
C SER A 175 18.20 11.47 -14.96
N LEU A 176 18.83 10.86 -15.97
CA LEU A 176 19.54 9.59 -15.77
C LEU A 176 20.80 9.55 -16.62
N SER A 177 21.88 9.04 -16.04
CA SER A 177 23.15 8.85 -16.72
C SER A 177 23.56 7.38 -16.67
N SER A 178 23.98 6.84 -17.81
CA SER A 178 24.39 5.44 -17.92
C SER A 178 25.72 5.35 -18.65
N THR A 179 26.57 4.43 -18.22
CA THR A 179 27.94 4.32 -18.72
C THR A 179 28.25 2.88 -19.10
N LEU A 180 28.62 2.68 -20.36
CA LEU A 180 29.12 1.38 -20.84
C LEU A 180 30.64 1.45 -20.88
N THR A 181 31.29 0.50 -20.22
CA THR A 181 32.74 0.45 -20.10
C THR A 181 33.28 -0.78 -20.82
N LEU A 182 34.23 -0.55 -21.73
CA LEU A 182 34.85 -1.62 -22.50
C LEU A 182 36.35 -1.42 -22.48
N SER A 183 37.09 -2.50 -22.74
CA SER A 183 38.52 -2.38 -22.94
C SER A 183 38.80 -1.74 -24.30
N LYS A 184 39.87 -0.96 -24.38
CA LYS A 184 40.24 -0.36 -25.66
C LYS A 184 40.29 -1.41 -26.76
N ALA A 185 40.68 -2.64 -26.41
CA ALA A 185 40.69 -3.73 -27.39
C ALA A 185 39.29 -3.95 -27.95
N ASP A 186 38.35 -4.34 -27.09
CA ASP A 186 37.01 -4.67 -27.57
C ASP A 186 36.33 -3.50 -28.26
N TYR A 187 36.66 -2.26 -27.87
CA TYR A 187 35.97 -1.11 -28.46
C TYR A 187 36.26 -0.99 -29.95
N GLU A 188 37.50 -1.22 -30.37
CA GLU A 188 37.89 -1.10 -31.75
C GLU A 188 37.69 -2.39 -32.55
N LYS A 189 37.09 -3.40 -31.93
CA LYS A 189 36.68 -4.61 -32.64
C LYS A 189 35.32 -4.42 -33.31
N HIS A 190 34.43 -3.65 -32.68
CA HIS A 190 33.09 -3.40 -33.17
C HIS A 190 32.99 -1.95 -33.65
N LYS A 191 31.90 -1.64 -34.36
CA LYS A 191 31.78 -0.35 -35.03
C LYS A 191 30.63 0.49 -34.52
N VAL A 192 29.41 -0.03 -34.49
CA VAL A 192 28.22 0.74 -34.19
C VAL A 192 27.86 0.56 -32.72
N TYR A 193 27.69 1.68 -32.00
CA TYR A 193 27.32 1.68 -30.60
C TYR A 193 26.02 2.45 -30.43
N ALA A 194 25.16 1.98 -29.52
CA ALA A 194 23.82 2.54 -29.38
C ALA A 194 23.28 2.28 -27.98
N CYS A 195 22.51 3.23 -27.47
CA CYS A 195 21.68 3.03 -26.29
C CYS A 195 20.22 3.22 -26.68
N GLU A 196 19.38 2.27 -26.29
CA GLU A 196 17.95 2.29 -26.60
C GLU A 196 17.16 2.52 -25.31
N VAL A 197 16.28 3.52 -25.32
CA VAL A 197 15.55 3.95 -24.13
C VAL A 197 14.08 3.55 -24.24
N THR A 198 13.50 3.11 -23.12
CA THR A 198 12.09 2.76 -23.00
C THR A 198 11.47 3.54 -21.87
N HIS A 199 10.30 4.13 -22.12
CA HIS A 199 9.66 5.00 -21.14
C HIS A 199 8.19 5.18 -21.54
N GLN A 200 7.35 5.46 -20.53
CA GLN A 200 5.92 5.60 -20.77
C GLN A 200 5.64 6.62 -21.87
N GLY A 201 6.22 7.82 -21.74
CA GLY A 201 5.99 8.89 -22.69
C GLY A 201 6.49 8.62 -24.10
N LEU A 202 7.13 7.48 -24.34
CA LEU A 202 7.57 7.08 -25.66
C LEU A 202 6.67 5.96 -26.16
N SER A 203 5.94 6.23 -27.24
CA SER A 203 5.11 5.20 -27.84
C SER A 203 5.95 4.11 -28.49
N SER A 204 7.22 4.38 -28.78
CA SER A 204 8.11 3.43 -29.40
C SER A 204 9.51 3.66 -28.87
N PRO A 205 10.28 2.59 -28.60
CA PRO A 205 11.63 2.78 -28.04
C PRO A 205 12.46 3.72 -28.88
N VAL A 206 13.16 4.63 -28.20
CA VAL A 206 14.04 5.60 -28.84
C VAL A 206 15.47 5.07 -28.82
N THR A 207 16.17 5.23 -29.93
CA THR A 207 17.56 4.78 -30.06
C THR A 207 18.44 5.94 -30.49
N LYS A 208 19.62 6.03 -29.88
CA LYS A 208 20.66 6.96 -30.28
C LYS A 208 21.95 6.18 -30.45
N SER A 209 22.68 6.49 -31.53
CA SER A 209 23.85 5.69 -31.87
C SER A 209 24.86 6.54 -32.62
N PHE A 210 26.09 6.01 -32.70
CA PHE A 210 27.15 6.59 -33.50
C PHE A 210 28.02 5.47 -34.03
N ASN A 211 28.81 5.79 -35.05
CA ASN A 211 29.77 4.85 -35.62
C ASN A 211 31.19 5.25 -35.22
N ARG A 212 32.03 4.24 -35.02
CA ARG A 212 33.34 4.45 -34.42
C ARG A 212 34.22 5.40 -35.23
N GLY A 213 34.01 5.49 -36.54
CA GLY A 213 34.83 6.38 -37.34
C GLY A 213 34.47 7.83 -37.05
N GLU A 214 33.40 8.31 -37.68
CA GLU A 214 32.89 9.64 -37.40
C GLU A 214 32.44 9.77 -35.95
N GLU B 1 45.71 23.27 35.77
CA GLU B 1 44.82 22.24 36.37
C GLU B 1 44.89 22.32 37.89
N VAL B 2 44.11 23.23 38.47
CA VAL B 2 44.14 23.44 39.91
C VAL B 2 43.72 22.15 40.61
N GLN B 3 44.36 21.87 41.74
CA GLN B 3 44.13 20.61 42.45
C GLN B 3 44.58 20.75 43.90
N LEU B 4 43.71 20.36 44.82
CA LEU B 4 44.04 20.25 46.23
C LEU B 4 43.79 18.82 46.67
N VAL B 5 44.79 18.21 47.30
CA VAL B 5 44.74 16.79 47.67
C VAL B 5 45.15 16.68 49.14
N GLN B 6 44.32 16.01 49.93
CA GLN B 6 44.47 15.95 51.37
C GLN B 6 44.92 14.57 51.83
N SER B 7 45.40 14.53 53.07
CA SER B 7 45.83 13.29 53.68
C SER B 7 44.63 12.35 53.88
N GLY B 8 44.94 11.10 54.24
CA GLY B 8 43.92 10.07 54.35
C GLY B 8 43.23 10.05 55.70
N ALA B 9 42.30 9.11 55.84
CA ALA B 9 41.52 8.99 57.06
C ALA B 9 42.41 8.64 58.25
N GLU B 10 41.94 9.00 59.45
CA GLU B 10 42.69 8.79 60.67
C GLU B 10 41.78 8.21 61.74
N VAL B 11 42.37 7.41 62.61
CA VAL B 11 41.72 6.92 63.83
C VAL B 11 42.66 7.25 64.99
N LYS B 12 42.21 8.11 65.90
CA LYS B 12 43.02 8.53 67.03
C LYS B 12 42.21 8.39 68.31
N LYS B 13 42.91 8.31 69.43
CA LYS B 13 42.20 8.13 70.67
C LYS B 13 42.13 9.46 71.42
N PRO B 14 41.11 9.67 72.26
CA PRO B 14 40.97 10.96 72.94
C PRO B 14 42.25 11.34 73.66
N GLY B 15 42.73 12.57 73.41
CA GLY B 15 43.93 13.08 74.03
C GLY B 15 45.17 13.05 73.16
N GLU B 16 45.15 12.33 72.04
CA GLU B 16 46.32 12.26 71.19
C GLU B 16 46.39 13.49 70.28
N SER B 17 47.55 13.66 69.63
CA SER B 17 47.80 14.76 68.72
C SER B 17 47.73 14.27 67.28
N LEU B 18 47.42 15.19 66.37
CA LEU B 18 47.19 14.86 64.97
C LEU B 18 47.45 16.08 64.10
N ARG B 19 47.92 15.83 62.87
CA ARG B 19 48.10 16.89 61.89
C ARG B 19 47.64 16.41 60.52
N ILE B 20 46.67 17.14 59.94
CA ILE B 20 46.16 16.86 58.60
C ILE B 20 46.96 17.70 57.61
N SER B 21 46.96 17.28 56.34
CA SER B 21 47.68 17.99 55.30
C SER B 21 46.75 18.32 54.13
N CYS B 22 47.20 19.26 53.29
CA CYS B 22 46.45 19.70 52.13
C CYS B 22 47.44 20.34 51.17
N LYS B 23 47.71 19.65 50.06
CA LYS B 23 48.77 20.04 49.13
C LYS B 23 48.17 20.56 47.84
N GLY B 24 48.67 21.72 47.38
CA GLY B 24 48.19 22.35 46.17
C GLY B 24 49.12 22.12 44.99
N SER B 25 48.55 22.19 43.79
CA SER B 25 49.31 22.00 42.56
C SER B 25 48.55 22.65 41.42
N GLY B 26 49.29 23.04 40.38
CA GLY B 26 48.70 23.68 39.22
C GLY B 26 48.45 25.16 39.38
N TYR B 27 49.02 25.79 40.39
CA TYR B 27 48.89 27.23 40.61
C TYR B 27 49.94 27.64 41.64
N SER B 28 50.27 28.93 41.65
CA SER B 28 51.24 29.43 42.62
C SER B 28 50.61 29.38 44.01
N PHE B 29 51.10 28.46 44.83
CA PHE B 29 50.53 28.24 46.17
C PHE B 29 50.52 29.52 47.00
N THR B 30 51.37 30.48 46.67
CA THR B 30 51.60 31.65 47.50
C THR B 30 50.80 32.87 47.05
N SER B 31 49.93 32.73 46.05
CA SER B 31 49.07 33.81 45.58
C SER B 31 47.64 33.67 46.06
N TYR B 32 47.33 32.64 46.85
CA TYR B 32 45.97 32.41 47.32
C TYR B 32 46.02 31.95 48.77
N TRP B 33 45.01 32.35 49.53
CA TRP B 33 44.86 31.88 50.91
C TRP B 33 44.40 30.42 50.92
N ILE B 34 44.45 29.81 52.10
CA ILE B 34 43.95 28.46 52.32
C ILE B 34 43.08 28.48 53.58
N THR B 35 41.81 28.09 53.43
CA THR B 35 40.88 28.03 54.55
C THR B 35 40.52 26.58 54.85
N TRP B 36 40.21 26.32 56.11
CA TRP B 36 39.77 25.01 56.56
C TRP B 36 38.32 25.07 57.02
N VAL B 37 37.55 24.05 56.65
CA VAL B 37 36.13 23.98 56.93
C VAL B 37 35.82 22.64 57.57
N ARG B 38 34.94 22.63 58.57
CA ARG B 38 34.52 21.43 59.26
C ARG B 38 33.04 21.17 59.02
N GLN B 39 32.69 19.89 58.82
CA GLN B 39 31.31 19.46 58.64
C GLN B 39 31.06 18.28 59.58
N MET B 40 30.41 18.55 60.71
CA MET B 40 30.12 17.48 61.64
C MET B 40 29.28 16.41 60.95
N PRO B 41 29.35 15.16 61.42
CA PRO B 41 28.58 14.09 60.78
C PRO B 41 27.10 14.44 60.63
N GLY B 42 26.64 14.60 59.39
CA GLY B 42 25.24 14.84 59.12
C GLY B 42 24.78 16.27 59.25
N LYS B 43 25.69 17.22 59.43
CA LYS B 43 25.36 18.63 59.64
C LYS B 43 25.97 19.47 58.51
N GLY B 44 25.92 20.79 58.68
CA GLY B 44 26.36 21.72 57.66
C GLY B 44 27.81 22.14 57.81
N LEU B 45 28.17 23.20 57.08
CA LEU B 45 29.56 23.64 56.95
C LEU B 45 29.87 24.76 57.93
N GLU B 46 31.09 24.73 58.48
CA GLU B 46 31.54 25.69 59.48
C GLU B 46 32.93 26.19 59.11
N TRP B 47 33.10 27.50 58.98
CA TRP B 47 34.41 28.07 58.70
C TRP B 47 35.26 28.08 59.97
N MET B 48 36.46 27.48 59.89
CA MET B 48 37.35 27.31 61.03
C MET B 48 38.43 28.39 61.10
N GLY B 49 39.21 28.54 60.03
CA GLY B 49 40.32 29.46 60.03
C GLY B 49 40.95 29.55 58.66
N ARG B 50 41.92 30.46 58.56
CA ARG B 50 42.55 30.83 57.30
C ARG B 50 44.03 31.10 57.52
N ILE B 51 44.84 30.92 56.46
CA ILE B 51 46.26 31.26 56.50
C ILE B 51 46.69 31.75 55.12
N ASP B 52 47.52 32.80 55.11
CA ASP B 52 48.13 33.34 53.91
C ASP B 52 49.54 32.74 53.78
N PRO B 53 49.76 31.75 52.91
CA PRO B 53 51.08 31.10 52.85
C PRO B 53 52.23 32.02 52.49
N SER B 54 51.98 33.19 51.89
CA SER B 54 53.09 34.07 51.52
C SER B 54 53.80 34.62 52.76
N ASP B 55 53.03 35.10 53.73
CA ASP B 55 53.58 35.66 54.96
C ASP B 55 53.14 34.92 56.21
N SER B 56 52.31 33.88 56.08
CA SER B 56 51.90 32.99 57.18
C SER B 56 51.00 33.69 58.20
N TYR B 57 50.39 34.80 57.83
CA TYR B 57 49.43 35.48 58.69
C TYR B 57 48.13 34.68 58.76
N THR B 58 47.69 34.34 59.96
CA THR B 58 46.50 33.53 60.16
C THR B 58 45.35 34.34 60.76
N ASN B 59 44.14 33.85 60.53
CA ASN B 59 42.93 34.39 61.12
C ASN B 59 41.97 33.25 61.38
N TYR B 60 41.67 33.01 62.66
CA TYR B 60 40.81 31.92 63.09
C TYR B 60 39.40 32.42 63.38
N SER B 61 38.47 31.47 63.43
CA SER B 61 37.13 31.79 63.87
C SER B 61 37.08 31.88 65.39
N PRO B 62 36.26 32.78 65.95
CA PRO B 62 36.13 32.84 67.41
C PRO B 62 35.82 31.49 68.04
N SER B 63 35.07 30.64 67.34
CA SER B 63 34.68 29.35 67.90
C SER B 63 35.87 28.41 68.05
N PHE B 64 36.78 28.39 67.07
CA PHE B 64 37.85 27.43 67.02
C PHE B 64 39.18 27.94 67.56
N GLN B 65 39.33 29.26 67.74
CA GLN B 65 40.56 29.81 68.28
C GLN B 65 40.96 29.07 69.55
N GLY B 66 42.25 28.71 69.63
CA GLY B 66 42.79 28.07 70.82
C GLY B 66 42.91 26.57 70.72
N HIS B 67 41.86 25.91 70.23
CA HIS B 67 41.82 24.44 70.18
C HIS B 67 42.48 23.87 68.94
N VAL B 68 42.82 24.69 67.95
CA VAL B 68 43.35 24.20 66.67
C VAL B 68 44.38 25.21 66.17
N THR B 69 45.26 24.73 65.29
CA THR B 69 46.36 25.54 64.77
C THR B 69 46.52 25.29 63.28
N ILE B 70 46.74 26.36 62.53
CA ILE B 70 46.91 26.31 61.07
C ILE B 70 48.31 26.78 60.72
N SER B 71 48.97 26.03 59.83
CA SER B 71 50.33 26.33 59.40
C SER B 71 50.46 26.03 57.91
N ALA B 72 51.66 26.25 57.37
CA ALA B 72 51.91 26.05 55.95
C ALA B 72 53.41 25.93 55.72
N ASP B 73 53.77 25.39 54.56
CA ASP B 73 55.16 25.18 54.16
C ASP B 73 55.23 25.43 52.65
N LYS B 74 55.45 26.69 52.28
CA LYS B 74 55.40 27.05 50.86
C LYS B 74 56.48 26.33 50.06
N SER B 75 57.57 25.91 50.69
CA SER B 75 58.62 25.19 49.97
C SER B 75 58.07 23.90 49.36
N ILE B 76 57.18 23.22 50.08
CA ILE B 76 56.51 22.02 49.59
C ILE B 76 55.06 22.31 49.20
N SER B 77 54.68 23.59 49.15
CA SER B 77 53.34 24.02 48.75
C SER B 77 52.25 23.18 49.43
N THR B 78 52.25 23.25 50.76
CA THR B 78 51.35 22.45 51.57
C THR B 78 50.91 23.24 52.79
N ALA B 79 49.67 23.00 53.22
CA ALA B 79 49.11 23.58 54.43
C ALA B 79 48.65 22.47 55.36
N TYR B 80 48.56 22.79 56.66
CA TYR B 80 48.27 21.80 57.68
C TYR B 80 47.23 22.29 58.66
N LEU B 81 46.54 21.33 59.29
CA LEU B 81 45.61 21.56 60.39
C LEU B 81 45.97 20.59 61.51
N GLN B 82 46.16 21.11 62.72
CA GLN B 82 46.77 20.33 63.79
C GLN B 82 45.96 20.44 65.08
N TRP B 83 45.90 19.33 65.82
CA TRP B 83 45.37 19.29 67.18
C TRP B 83 46.45 18.78 68.13
N SER B 84 46.42 19.27 69.36
CA SER B 84 47.34 18.82 70.39
C SER B 84 46.73 17.76 71.30
N SER B 85 45.46 17.92 71.65
CA SER B 85 44.72 16.90 72.40
C SER B 85 43.33 16.78 71.78
N LEU B 86 43.12 15.69 71.03
CA LEU B 86 41.86 15.48 70.32
C LEU B 86 40.76 15.05 71.28
N LYS B 87 39.55 15.48 70.98
CA LYS B 87 38.37 15.20 71.77
C LYS B 87 37.36 14.43 70.93
N ALA B 88 36.35 13.87 71.58
CA ALA B 88 35.31 13.16 70.86
C ALA B 88 34.52 14.10 69.97
N SER B 89 34.28 15.33 70.44
CA SER B 89 33.56 16.31 69.65
C SER B 89 34.24 16.62 68.32
N ASP B 90 35.53 16.34 68.21
CA ASP B 90 36.30 16.65 67.01
C ASP B 90 36.11 15.63 65.89
N THR B 91 35.24 14.64 66.08
CA THR B 91 34.97 13.64 65.04
C THR B 91 34.11 14.27 63.95
N ALA B 92 34.66 14.41 62.74
CA ALA B 92 33.96 15.07 61.65
C ALA B 92 34.78 14.93 60.37
N MET B 93 34.30 15.59 59.31
CA MET B 93 35.01 15.71 58.05
C MET B 93 35.61 17.11 57.95
N TYR B 94 36.85 17.17 57.47
CA TYR B 94 37.59 18.43 57.38
C TYR B 94 38.01 18.69 55.95
N TYR B 95 37.66 19.86 55.43
CA TYR B 95 37.97 20.27 54.07
C TYR B 95 38.95 21.42 54.07
N CYS B 96 39.88 21.42 53.11
CA CYS B 96 40.65 22.60 52.79
C CYS B 96 40.13 23.18 51.48
N ALA B 97 40.30 24.48 51.32
CA ALA B 97 39.76 25.17 50.15
C ALA B 97 40.60 26.39 49.85
N ARG B 98 40.82 26.64 48.57
CA ARG B 98 41.52 27.83 48.13
C ARG B 98 40.57 29.03 48.19
N GLU B 99 41.07 30.14 48.72
CA GLU B 99 40.29 31.36 48.87
C GLU B 99 40.93 32.48 48.07
N GLN B 100 40.08 33.29 47.43
CA GLN B 100 40.56 34.48 46.72
C GLN B 100 40.31 35.69 47.60
N TRP B 101 41.31 36.57 47.68
CA TRP B 101 41.22 37.78 48.48
C TRP B 101 41.14 39.05 47.63
N LEU B 102 41.00 38.90 46.32
CA LEU B 102 40.96 40.03 45.40
C LEU B 102 39.50 40.41 45.19
N GLY B 103 39.09 41.52 45.78
CA GLY B 103 37.70 41.95 45.73
C GLY B 103 36.82 41.07 46.60
N ILE B 104 35.67 40.67 46.07
CA ILE B 104 34.77 39.79 46.80
C ILE B 104 35.44 38.42 46.94
N LYS B 105 35.60 37.97 48.18
CA LYS B 105 36.28 36.69 48.42
C LYS B 105 35.33 35.52 48.19
N ASN B 106 35.91 34.38 47.80
CA ASN B 106 35.15 33.18 47.55
C ASN B 106 36.08 31.97 47.56
N PHE B 107 35.52 30.82 47.95
CA PHE B 107 36.24 29.53 47.98
C PHE B 107 36.04 28.84 46.63
N ASP B 108 37.03 28.93 45.73
CA ASP B 108 36.82 28.51 44.35
C ASP B 108 37.26 27.07 44.06
N TYR B 109 38.16 26.49 44.86
CA TYR B 109 38.58 25.10 44.67
C TYR B 109 38.74 24.43 46.03
N TRP B 110 38.23 23.21 46.15
CA TRP B 110 38.19 22.48 47.40
C TRP B 110 38.96 21.16 47.27
N GLY B 111 39.48 20.69 48.40
CA GLY B 111 40.03 19.35 48.48
C GLY B 111 38.95 18.30 48.67
N GLN B 112 39.37 17.03 48.67
CA GLN B 112 38.43 15.93 48.75
C GLN B 112 37.95 15.66 50.17
N GLY B 113 38.72 16.04 51.18
CA GLY B 113 38.28 15.89 52.55
C GLY B 113 39.06 14.81 53.27
N THR B 114 39.21 15.00 54.59
CA THR B 114 39.86 14.04 55.48
C THR B 114 38.91 13.70 56.61
N LEU B 115 38.61 12.41 56.75
CA LEU B 115 37.74 11.92 57.81
C LEU B 115 38.56 11.68 59.06
N VAL B 116 38.23 12.40 60.14
CA VAL B 116 38.88 12.22 61.44
C VAL B 116 37.91 11.51 62.36
N THR B 117 38.31 10.32 62.83
CA THR B 117 37.48 9.50 63.70
C THR B 117 38.19 9.36 65.04
N VAL B 118 37.56 9.87 66.10
CA VAL B 118 38.12 9.87 67.44
C VAL B 118 37.29 8.91 68.29
N SER B 119 37.90 7.81 68.72
CA SER B 119 37.18 6.82 69.52
C SER B 119 38.18 5.97 70.29
N SER B 120 37.66 5.19 71.23
CA SER B 120 38.47 4.26 72.00
C SER B 120 38.76 2.98 71.23
N GLY B 121 38.15 2.80 70.06
CA GLY B 121 38.40 1.64 69.24
C GLY B 121 39.78 1.69 68.62
N SER B 122 40.09 0.63 67.88
CA SER B 122 41.36 0.50 67.17
C SER B 122 41.09 0.13 65.73
N ALA B 123 41.88 0.71 64.83
CA ALA B 123 41.62 0.56 63.40
C ALA B 123 41.74 -0.91 62.98
N SER B 124 41.04 -1.26 61.90
CA SER B 124 41.04 -2.62 61.40
C SER B 124 40.63 -2.60 59.94
N ALA B 125 41.22 -3.50 59.18
CA ALA B 125 40.88 -3.67 57.78
C ALA B 125 39.68 -4.60 57.63
N PRO B 126 38.99 -4.55 56.50
CA PRO B 126 37.75 -5.32 56.35
C PRO B 126 37.98 -6.80 56.11
N THR B 127 36.90 -7.56 56.29
CA THR B 127 36.85 -8.99 55.98
C THR B 127 35.75 -9.21 54.96
N LEU B 128 36.06 -9.96 53.91
CA LEU B 128 35.16 -10.10 52.76
C LEU B 128 34.48 -11.47 52.75
N PHE B 129 33.21 -11.49 52.34
CA PHE B 129 32.45 -12.70 52.13
C PHE B 129 31.64 -12.55 50.85
N PRO B 130 31.47 -13.61 50.08
CA PRO B 130 30.70 -13.51 48.84
C PRO B 130 29.20 -13.63 49.08
N LEU B 131 28.44 -13.17 48.09
CA LEU B 131 26.98 -13.22 48.11
C LEU B 131 26.51 -13.79 46.78
N VAL B 132 25.95 -15.00 46.81
CA VAL B 132 25.51 -15.70 45.61
C VAL B 132 24.02 -16.00 45.76
N SER B 133 23.26 -15.74 44.70
CA SER B 133 21.87 -16.16 44.66
C SER B 133 21.79 -17.65 44.94
N CYS B 134 20.87 -18.02 45.84
CA CYS B 134 20.78 -19.39 46.34
C CYS B 134 20.78 -20.40 45.19
N SER B 142 16.00 -11.91 33.20
CA SER B 142 17.05 -12.38 32.30
C SER B 142 18.38 -11.66 32.57
N SER B 143 18.61 -11.35 33.85
CA SER B 143 19.90 -10.82 34.29
C SER B 143 20.08 -11.20 35.74
N VAL B 144 21.24 -11.78 36.07
CA VAL B 144 21.50 -12.35 37.38
C VAL B 144 22.29 -11.35 38.23
N ALA B 145 22.03 -11.38 39.53
CA ALA B 145 22.65 -10.47 40.48
C ALA B 145 23.59 -11.22 41.42
N VAL B 146 24.77 -10.64 41.66
CA VAL B 146 25.79 -11.24 42.50
C VAL B 146 26.48 -10.13 43.28
N GLY B 147 26.92 -10.43 44.51
CA GLY B 147 27.35 -9.41 45.44
C GLY B 147 28.52 -9.80 46.31
N CYS B 148 28.91 -8.86 47.17
CA CYS B 148 30.09 -8.94 48.02
C CYS B 148 29.81 -8.20 49.32
N LEU B 149 30.27 -8.76 50.45
CA LEU B 149 29.98 -8.21 51.77
C LEU B 149 31.28 -7.97 52.53
N ALA B 150 31.49 -6.73 52.95
CA ALA B 150 32.65 -6.35 53.76
C ALA B 150 32.21 -6.09 55.20
N GLN B 151 33.02 -6.53 56.15
CA GLN B 151 32.66 -6.48 57.57
C GLN B 151 33.88 -6.16 58.43
N ASP B 152 33.61 -5.58 59.59
CA ASP B 152 34.58 -5.52 60.69
C ASP B 152 35.77 -4.60 60.36
N PHE B 153 35.48 -3.44 59.78
CA PHE B 153 36.52 -2.46 59.46
C PHE B 153 36.25 -1.13 60.15
N LEU B 154 37.32 -0.37 60.30
CA LEU B 154 37.31 0.94 60.95
C LEU B 154 38.66 1.60 60.64
N PRO B 155 38.67 2.85 60.19
CA PRO B 155 37.55 3.79 60.04
C PRO B 155 36.68 3.48 58.82
N ASP B 156 35.60 4.24 58.64
CA ASP B 156 34.68 4.04 57.52
C ASP B 156 35.20 4.79 56.29
N SER B 157 36.18 4.15 55.62
CA SER B 157 36.82 4.70 54.42
C SER B 157 37.12 3.53 53.49
N ILE B 158 36.10 3.09 52.75
CA ILE B 158 36.18 1.87 51.95
C ILE B 158 35.72 2.17 50.53
N THR B 159 36.29 1.42 49.58
CA THR B 159 35.97 1.54 48.16
C THR B 159 35.81 0.15 47.57
N PHE B 160 34.89 0.01 46.62
CA PHE B 160 34.65 -1.25 45.93
C PHE B 160 35.05 -1.17 44.47
N SER B 161 35.41 -2.33 43.90
CA SER B 161 35.70 -2.45 42.47
C SER B 161 35.59 -3.93 42.09
N TRP B 162 35.25 -4.19 40.82
CA TRP B 162 35.02 -5.55 40.34
C TRP B 162 35.86 -5.83 39.11
N LYS B 163 36.17 -7.12 38.92
CA LYS B 163 36.95 -7.59 37.78
C LYS B 163 36.47 -8.96 37.33
N TYR B 164 36.48 -9.20 36.02
CA TYR B 164 36.17 -10.51 35.45
C TYR B 164 37.35 -11.46 35.61
N LYS B 165 37.16 -12.71 35.15
CA LYS B 165 38.25 -13.66 35.12
C LYS B 165 39.38 -13.19 34.21
N ASN B 166 39.06 -12.44 33.15
CA ASN B 166 40.07 -11.92 32.24
C ASN B 166 40.52 -10.51 32.61
N ASN B 167 40.48 -10.17 33.90
CA ASN B 167 40.97 -8.89 34.38
C ASN B 167 40.39 -7.73 33.57
N GLY B 175 26.81 0.96 44.96
CA GLY B 175 27.45 1.25 46.23
C GLY B 175 26.45 1.67 47.29
N PHE B 176 26.39 0.89 48.39
CA PHE B 176 25.47 1.12 49.47
C PHE B 176 26.19 1.71 50.68
N PRO B 177 25.59 2.67 51.38
CA PRO B 177 26.23 3.23 52.58
C PRO B 177 26.49 2.15 53.63
N SER B 178 27.42 2.47 54.53
CA SER B 178 27.80 1.56 55.61
C SER B 178 26.86 1.71 56.80
N VAL B 179 26.98 0.77 57.74
CA VAL B 179 26.17 0.77 58.95
C VAL B 179 27.06 0.43 60.13
N LEU B 180 26.78 1.04 61.29
CA LEU B 180 27.61 0.86 62.48
C LEU B 180 27.04 -0.25 63.36
N ARG B 181 27.93 -1.08 63.90
CA ARG B 181 27.51 -2.18 64.77
C ARG B 181 28.73 -2.60 65.58
N GLY B 182 28.65 -2.42 66.90
CA GLY B 182 29.73 -2.80 67.80
C GLY B 182 31.08 -2.22 67.43
N GLY B 183 31.15 -0.91 67.20
CA GLY B 183 32.41 -0.26 66.94
C GLY B 183 33.03 -0.56 65.60
N LYS B 184 32.30 -1.21 64.69
CA LYS B 184 32.83 -1.58 63.38
C LYS B 184 31.75 -1.36 62.33
N TYR B 185 32.18 -1.20 61.08
CA TYR B 185 31.30 -0.89 59.97
C TYR B 185 31.21 -2.07 59.00
N ALA B 186 30.09 -2.16 58.30
CA ALA B 186 29.87 -3.19 57.29
C ALA B 186 29.17 -2.58 56.08
N ALA B 187 29.46 -3.13 54.90
CA ALA B 187 28.92 -2.61 53.65
C ALA B 187 28.83 -3.72 52.62
N THR B 188 27.99 -3.52 51.60
CA THR B 188 27.76 -4.51 50.56
C THR B 188 27.83 -3.85 49.18
N SER B 189 28.03 -4.70 48.16
CA SER B 189 28.09 -4.26 46.77
C SER B 189 27.50 -5.35 45.88
N GLN B 190 26.94 -4.94 44.73
CA GLN B 190 26.32 -5.87 43.81
C GLN B 190 26.63 -5.49 42.37
N VAL B 191 26.48 -6.47 41.49
CA VAL B 191 26.63 -6.30 40.05
C VAL B 191 25.55 -7.13 39.35
N LEU B 192 25.17 -6.70 38.15
CA LEU B 192 24.22 -7.40 37.31
C LEU B 192 24.94 -7.95 36.08
N LEU B 193 24.70 -9.22 35.76
CA LEU B 193 25.37 -9.84 34.63
C LEU B 193 24.34 -10.38 33.63
N PRO B 194 24.55 -10.17 32.33
CA PRO B 194 23.58 -10.67 31.35
C PRO B 194 23.45 -12.19 31.41
N SER B 195 22.21 -12.67 31.42
CA SER B 195 21.99 -14.10 31.41
C SER B 195 22.64 -14.76 30.21
N LYS B 196 22.51 -14.14 29.03
CA LYS B 196 23.15 -14.67 27.83
C LYS B 196 24.62 -14.98 28.09
N ASP B 197 25.40 -13.94 28.43
CA ASP B 197 26.82 -14.12 28.66
C ASP B 197 27.10 -15.21 29.70
N VAL B 198 26.25 -15.30 30.71
CA VAL B 198 26.45 -16.27 31.79
C VAL B 198 26.02 -17.66 31.34
N ASP B 203 33.64 -18.86 32.14
CA ASP B 203 34.13 -18.43 33.45
C ASP B 203 33.21 -18.92 34.55
N GLU B 204 33.81 -19.32 35.67
CA GLU B 204 33.08 -19.84 36.82
C GLU B 204 33.18 -18.93 38.04
N HIS B 205 33.67 -17.70 37.88
CA HIS B 205 33.86 -16.82 39.02
C HIS B 205 34.09 -15.39 38.55
N VAL B 206 33.94 -14.46 39.49
CA VAL B 206 34.31 -13.07 39.32
C VAL B 206 34.93 -12.61 40.64
N VAL B 207 35.57 -11.44 40.61
CA VAL B 207 36.46 -11.01 41.68
C VAL B 207 35.93 -9.71 42.30
N CYS B 208 35.84 -9.70 43.63
CA CYS B 208 35.47 -8.52 44.40
C CYS B 208 36.71 -7.92 45.04
N LYS B 209 36.83 -6.59 44.97
CA LYS B 209 37.98 -5.86 45.47
C LYS B 209 37.52 -4.70 46.34
N VAL B 210 38.19 -4.52 47.48
CA VAL B 210 37.94 -3.37 48.36
C VAL B 210 39.26 -2.70 48.69
N GLN B 211 39.24 -1.37 48.79
CA GLN B 211 40.38 -0.57 49.21
C GLN B 211 40.09 0.06 50.57
N HIS B 212 41.07 0.06 51.46
CA HIS B 212 40.88 0.55 52.82
C HIS B 212 42.21 1.01 53.37
N PRO B 213 42.23 2.07 54.19
CA PRO B 213 43.52 2.59 54.69
C PRO B 213 44.40 1.53 55.35
N ASN B 214 43.82 0.63 56.13
CA ASN B 214 44.59 -0.35 56.88
C ASN B 214 44.81 -1.65 56.11
N GLY B 215 44.32 -1.75 54.88
CA GLY B 215 44.55 -2.96 54.10
C GLY B 215 43.55 -3.18 52.98
N ASN B 216 44.07 -3.47 51.79
CA ASN B 216 43.24 -3.84 50.65
C ASN B 216 43.11 -5.36 50.58
N LYS B 217 42.00 -5.81 50.02
CA LYS B 217 41.68 -7.24 50.03
C LYS B 217 40.85 -7.61 48.82
N GLU B 218 41.00 -8.86 48.39
CA GLU B 218 40.30 -9.42 47.25
C GLU B 218 39.48 -10.63 47.69
N LYS B 219 38.53 -11.04 46.86
CA LYS B 219 37.72 -12.22 47.15
C LYS B 219 37.01 -12.68 45.89
N ASN B 220 37.15 -13.98 45.58
CA ASN B 220 36.45 -14.57 44.46
C ASN B 220 34.98 -14.80 44.79
N VAL B 221 34.12 -14.64 43.79
CA VAL B 221 32.68 -14.75 43.94
C VAL B 221 32.17 -15.82 42.97
N PRO B 222 31.50 -16.86 43.44
CA PRO B 222 30.97 -17.87 42.51
C PRO B 222 29.81 -17.33 41.67
N LEU B 223 29.66 -17.92 40.48
CA LEU B 223 28.56 -17.63 39.58
C LEU B 223 27.64 -18.84 39.50
N PRO B 224 26.36 -18.73 39.89
CA PRO B 224 25.50 -19.93 39.87
C PRO B 224 25.04 -20.30 38.47
N ILE C 2 26.56 37.87 61.57
CA ILE C 2 25.52 38.03 60.56
C ILE C 2 24.88 36.65 60.36
N GLN C 3 23.55 36.58 60.51
CA GLN C 3 22.84 35.31 60.35
C GLN C 3 22.31 35.18 58.92
N MET C 4 22.63 34.05 58.29
CA MET C 4 22.17 33.74 56.95
C MET C 4 21.06 32.70 57.02
N THR C 5 19.95 32.99 56.34
CA THR C 5 18.78 32.13 56.32
C THR C 5 18.43 31.73 54.90
N GLN C 6 18.13 30.44 54.71
CA GLN C 6 17.79 29.88 53.41
C GLN C 6 16.38 29.33 53.43
N SER C 7 15.73 29.35 52.26
CA SER C 7 14.42 28.73 52.10
C SER C 7 14.27 28.35 50.63
N PRO C 8 13.53 27.28 50.32
CA PRO C 8 12.86 26.38 51.27
C PRO C 8 13.86 25.42 51.89
N SER C 9 13.46 24.65 52.90
CA SER C 9 14.39 23.70 53.51
C SER C 9 14.66 22.52 52.58
N SER C 10 13.60 21.99 51.97
CA SER C 10 13.72 20.89 51.02
C SER C 10 12.66 21.06 49.93
N LEU C 11 12.93 20.46 48.76
CA LEU C 11 12.00 20.54 47.66
C LEU C 11 12.25 19.40 46.69
N SER C 12 11.21 19.05 45.93
CA SER C 12 11.25 17.99 44.95
C SER C 12 10.69 18.52 43.63
N ALA C 13 11.44 18.37 42.54
CA ALA C 13 11.04 18.95 41.27
C ALA C 13 11.44 18.02 40.12
N SER C 14 10.70 18.14 39.02
CA SER C 14 10.85 17.27 37.87
C SER C 14 11.93 17.81 36.93
N VAL C 15 12.47 16.90 36.12
CA VAL C 15 13.47 17.31 35.13
C VAL C 15 12.84 18.31 34.18
N GLY C 16 13.54 19.41 33.94
CA GLY C 16 13.05 20.47 33.09
C GLY C 16 12.38 21.61 33.83
N ASP C 17 12.11 21.44 35.13
CA ASP C 17 11.45 22.47 35.92
C ASP C 17 12.44 23.54 36.36
N ARG C 18 11.90 24.70 36.75
CA ARG C 18 12.69 25.77 37.32
C ARG C 18 12.69 25.64 38.83
N VAL C 19 13.87 25.72 39.43
CA VAL C 19 14.05 25.67 40.88
C VAL C 19 14.52 27.04 41.35
N THR C 20 13.89 27.53 42.42
CA THR C 20 14.17 28.85 42.96
C THR C 20 14.51 28.72 44.45
N ILE C 21 15.68 29.21 44.83
CA ILE C 21 16.15 29.17 46.21
C ILE C 21 16.53 30.58 46.63
N THR C 22 16.09 30.99 47.82
CA THR C 22 16.34 32.33 48.32
C THR C 22 17.24 32.27 49.55
N CYS C 23 18.16 33.24 49.64
CA CYS C 23 19.06 33.40 50.78
C CYS C 23 18.99 34.85 51.21
N ARG C 24 18.64 35.10 52.47
CA ARG C 24 18.51 36.45 52.98
C ARG C 24 19.41 36.66 54.18
N ALA C 25 20.00 37.86 54.24
CA ALA C 25 20.97 38.22 55.26
C ALA C 25 20.33 39.11 56.31
N SER C 26 20.84 39.00 57.54
CA SER C 26 20.34 39.78 58.67
C SER C 26 20.73 41.25 58.61
N GLN C 27 21.47 41.67 57.58
CA GLN C 27 21.87 43.06 57.42
C GLN C 27 22.57 43.18 56.08
N SER C 28 22.49 44.38 55.49
CA SER C 28 23.01 44.59 54.14
C SER C 28 24.43 44.07 54.02
N ILE C 29 24.69 43.33 52.95
CA ILE C 29 26.02 42.78 52.68
C ILE C 29 26.43 43.03 51.24
N SER C 30 25.81 44.04 50.62
CA SER C 30 26.05 44.41 49.22
C SER C 30 25.99 43.14 48.38
N SER C 31 27.04 42.81 47.61
CA SER C 31 27.05 41.65 46.73
C SER C 31 28.03 40.59 47.22
N TYR C 32 28.29 40.56 48.53
CA TYR C 32 29.23 39.60 49.11
C TYR C 32 28.53 38.28 49.43
N LEU C 33 28.00 37.65 48.38
CA LEU C 33 27.33 36.37 48.52
C LEU C 33 27.82 35.39 47.45
N ASN C 34 27.99 34.14 47.87
CA ASN C 34 28.41 33.06 47.01
C ASN C 34 27.47 31.89 47.21
N TRP C 35 27.37 31.04 46.18
CA TRP C 35 26.52 29.85 46.23
C TRP C 35 27.38 28.62 45.96
N TYR C 36 27.13 27.55 46.73
CA TYR C 36 27.86 26.30 46.58
C TYR C 36 26.89 25.13 46.43
N GLN C 37 27.39 24.07 45.78
CA GLN C 37 26.68 22.81 45.64
C GLN C 37 27.50 21.70 46.26
N GLN C 38 26.84 20.83 47.02
CA GLN C 38 27.49 19.68 47.65
C GLN C 38 26.63 18.44 47.41
N LYS C 39 27.04 17.59 46.47
CA LYS C 39 26.40 16.30 46.31
C LYS C 39 26.85 15.38 47.45
N PRO C 40 25.98 14.48 47.91
CA PRO C 40 26.28 13.79 49.17
C PRO C 40 27.57 12.99 49.11
N GLY C 41 28.35 13.09 50.18
CA GLY C 41 29.61 12.36 50.26
C GLY C 41 30.73 12.93 49.44
N LYS C 42 30.63 14.19 49.00
CA LYS C 42 31.64 14.79 48.15
C LYS C 42 31.86 16.24 48.59
N ALA C 43 32.97 16.82 48.15
CA ALA C 43 33.32 18.15 48.58
C ALA C 43 32.42 19.20 47.91
N PRO C 44 32.20 20.34 48.55
CA PRO C 44 31.44 21.42 47.91
C PRO C 44 32.09 21.89 46.62
N LYS C 45 31.32 22.67 45.87
CA LYS C 45 31.72 23.16 44.54
C LYS C 45 31.13 24.55 44.35
N LEU C 46 31.97 25.52 43.98
CA LEU C 46 31.49 26.88 43.79
C LEU C 46 30.66 26.98 42.51
N LEU C 47 29.49 27.60 42.62
CA LEU C 47 28.62 27.83 41.48
C LEU C 47 28.55 29.30 41.09
N ILE C 48 28.07 30.16 41.99
CA ILE C 48 27.94 31.59 41.74
C ILE C 48 28.82 32.32 42.75
N TYR C 49 29.53 33.35 42.29
CA TYR C 49 30.33 34.20 43.15
C TYR C 49 30.02 35.66 42.83
N ALA C 50 30.21 36.52 43.82
CA ALA C 50 29.91 37.95 43.68
C ALA C 50 28.42 38.19 43.43
N ALA C 51 27.59 37.26 43.91
CA ALA C 51 26.13 37.37 43.85
C ALA C 51 25.56 36.96 42.49
N SER C 52 26.28 37.22 41.40
CA SER C 52 25.69 36.98 40.08
C SER C 52 26.70 36.61 38.99
N SER C 53 27.86 36.05 39.33
CA SER C 53 28.87 35.68 38.35
C SER C 53 29.04 34.16 38.33
N LEU C 54 28.92 33.57 37.14
CA LEU C 54 28.98 32.12 36.99
C LEU C 54 30.43 31.66 36.94
N GLN C 55 30.84 30.86 37.92
CA GLN C 55 32.17 30.28 37.94
C GLN C 55 32.42 29.46 36.67
N SER C 56 33.61 29.61 36.10
CA SER C 56 33.96 28.90 34.89
C SER C 56 33.87 27.39 35.15
N GLY C 57 33.27 26.68 34.19
CA GLY C 57 33.08 25.24 34.32
C GLY C 57 31.76 24.84 34.93
N VAL C 58 30.87 25.78 35.21
CA VAL C 58 29.56 25.49 35.80
C VAL C 58 28.52 25.62 34.68
N PRO C 59 27.59 24.67 34.55
CA PRO C 59 26.59 24.78 33.48
C PRO C 59 25.87 26.12 33.51
N SER C 60 25.55 26.63 32.32
CA SER C 60 24.92 27.93 32.21
C SER C 60 23.48 27.96 32.72
N ARG C 61 22.90 26.81 33.06
CA ARG C 61 21.56 26.82 33.63
C ARG C 61 21.53 27.37 35.06
N PHE C 62 22.68 27.43 35.72
CA PHE C 62 22.78 28.06 37.04
C PHE C 62 22.94 29.57 36.91
N SER C 63 22.33 30.30 37.84
CA SER C 63 22.39 31.76 37.82
C SER C 63 21.95 32.29 39.16
N GLY C 64 22.41 33.49 39.49
CA GLY C 64 22.06 34.12 40.75
C GLY C 64 21.77 35.60 40.54
N SER C 65 21.05 36.17 41.50
CA SER C 65 20.70 37.58 41.47
C SER C 65 20.59 38.10 42.90
N GLY C 66 20.45 39.41 43.02
CA GLY C 66 20.20 40.06 44.28
C GLY C 66 21.40 40.86 44.76
N SER C 67 21.14 41.68 45.76
CA SER C 67 22.14 42.50 46.42
C SER C 67 21.50 43.14 47.64
N GLY C 68 22.30 43.32 48.69
CA GLY C 68 21.79 43.92 49.91
C GLY C 68 21.34 42.87 50.90
N THR C 69 20.07 42.48 50.84
CA THR C 69 19.53 41.51 51.79
C THR C 69 18.78 40.34 51.16
N ASP C 70 18.38 40.44 49.89
CA ASP C 70 17.65 39.37 49.21
C ASP C 70 18.47 38.85 48.04
N PHE C 71 18.70 37.55 48.02
CA PHE C 71 19.42 36.90 46.93
C PHE C 71 18.65 35.66 46.50
N THR C 72 18.90 35.22 45.27
CA THR C 72 18.10 34.14 44.70
C THR C 72 18.96 33.32 43.74
N LEU C 73 19.07 32.03 44.01
CA LEU C 73 19.66 31.08 43.08
C LEU C 73 18.55 30.49 42.22
N THR C 74 18.84 30.34 40.92
CA THR C 74 17.84 29.82 39.99
C THR C 74 18.48 28.79 39.06
N ILE C 75 17.86 27.63 38.98
CA ILE C 75 18.20 26.60 38.00
C ILE C 75 17.09 26.61 36.95
N SER C 76 17.41 27.08 35.75
CA SER C 76 16.37 27.29 34.75
C SER C 76 15.72 25.97 34.33
N SER C 77 16.52 24.91 34.19
CA SER C 77 15.98 23.60 33.76
C SER C 77 16.69 22.50 34.56
N LEU C 78 16.03 22.03 35.62
CA LEU C 78 16.61 21.01 36.48
C LEU C 78 17.01 19.78 35.65
N GLN C 79 18.15 19.20 35.99
CA GLN C 79 18.68 18.02 35.32
C GLN C 79 18.85 16.88 36.32
N PRO C 80 18.85 15.63 35.84
CA PRO C 80 18.89 14.49 36.77
C PRO C 80 20.11 14.47 37.66
N GLU C 81 21.19 15.13 37.26
CA GLU C 81 22.44 15.13 38.01
C GLU C 81 22.55 16.27 39.01
N ASP C 82 21.48 17.05 39.21
CA ASP C 82 21.54 18.21 40.08
C ASP C 82 21.09 17.93 41.52
N PHE C 83 20.68 16.70 41.82
CA PHE C 83 20.30 16.41 43.20
C PHE C 83 21.49 16.67 44.11
N ALA C 84 21.31 17.53 45.10
CA ALA C 84 22.41 17.96 45.96
C ALA C 84 21.83 18.82 47.07
N THR C 85 22.72 19.36 47.90
CA THR C 85 22.38 20.34 48.92
C THR C 85 23.11 21.64 48.59
N TYR C 86 22.36 22.73 48.53
CA TYR C 86 22.87 24.02 48.09
C TYR C 86 22.99 24.97 49.27
N TYR C 87 24.15 25.63 49.37
CA TYR C 87 24.45 26.55 50.45
C TYR C 87 24.75 27.94 49.89
N CYS C 88 24.40 28.96 50.67
CA CYS C 88 24.91 30.31 50.43
C CYS C 88 25.94 30.64 51.48
N GLN C 89 26.82 31.59 51.13
CA GLN C 89 27.92 31.98 51.99
C GLN C 89 28.16 33.47 51.85
N GLN C 90 28.50 34.12 52.96
CA GLN C 90 28.72 35.55 53.01
C GLN C 90 30.20 35.83 53.26
N SER C 91 30.72 36.86 52.57
CA SER C 91 32.12 37.22 52.61
C SER C 91 32.31 38.72 52.88
N TYR C 92 31.33 39.33 53.54
CA TYR C 92 31.33 40.75 53.90
C TYR C 92 31.85 40.95 55.32
N SER C 93 31.30 40.20 56.27
CA SER C 93 31.77 40.25 57.65
C SER C 93 33.07 39.47 57.80
N PRO C 96 32.64 36.19 61.92
CA PRO C 96 33.13 34.96 61.29
C PRO C 96 32.46 34.80 59.93
N HIS C 97 33.08 34.12 58.97
CA HIS C 97 32.36 33.79 57.75
C HIS C 97 31.29 32.74 58.06
N THR C 98 30.06 33.03 57.62
CA THR C 98 28.90 32.22 57.97
C THR C 98 28.25 31.66 56.70
N PHE C 99 27.82 30.41 56.78
CA PHE C 99 27.10 29.73 55.72
C PHE C 99 25.61 29.72 56.05
N GLY C 100 24.80 29.48 55.02
CA GLY C 100 23.41 29.16 55.24
C GLY C 100 23.25 27.76 55.79
N GLN C 101 22.00 27.40 56.07
CA GLN C 101 21.72 26.09 56.64
C GLN C 101 21.52 25.01 55.58
N GLY C 102 21.27 25.39 54.34
CA GLY C 102 21.21 24.43 53.26
C GLY C 102 19.79 24.23 52.75
N THR C 103 19.69 23.83 51.48
CA THR C 103 18.41 23.50 50.86
C THR C 103 18.61 22.23 50.06
N LYS C 104 17.90 21.17 50.45
CA LYS C 104 18.03 19.87 49.79
C LYS C 104 17.07 19.78 48.62
N VAL C 105 17.60 19.41 47.46
CA VAL C 105 16.84 19.37 46.21
C VAL C 105 16.82 17.92 45.72
N GLU C 106 15.61 17.40 45.47
CA GLU C 106 15.41 16.06 44.97
C GLU C 106 14.74 16.10 43.59
N ILE C 107 15.02 15.08 42.78
CA ILE C 107 14.43 14.96 41.45
C ILE C 107 13.13 14.18 41.53
N LYS C 108 12.09 14.74 40.92
CA LYS C 108 10.76 14.13 40.89
C LYS C 108 10.58 13.32 39.60
N ARG C 109 10.00 12.13 39.75
CA ARG C 109 9.77 11.24 38.62
C ARG C 109 8.54 10.39 38.89
N THR C 110 8.30 9.41 38.02
CA THR C 110 7.15 8.53 38.08
C THR C 110 7.50 7.25 38.83
N VAL C 111 6.49 6.67 39.48
CA VAL C 111 6.70 5.49 40.31
C VAL C 111 7.37 4.37 39.52
N ALA C 112 8.20 3.60 40.23
CA ALA C 112 8.92 2.48 39.63
C ALA C 112 9.08 1.42 40.71
N ALA C 113 8.60 0.20 40.44
CA ALA C 113 8.64 -0.86 41.43
C ALA C 113 10.03 -1.47 41.53
N PRO C 114 10.38 -2.02 42.69
CA PRO C 114 11.72 -2.59 42.87
C PRO C 114 11.82 -4.04 42.43
N SER C 115 12.99 -4.39 41.92
CA SER C 115 13.38 -5.78 41.75
C SER C 115 14.10 -6.23 43.02
N VAL C 116 13.77 -7.43 43.48
CA VAL C 116 14.19 -7.92 44.79
C VAL C 116 15.06 -9.14 44.63
N PHE C 117 16.13 -9.21 45.42
CA PHE C 117 17.01 -10.37 45.46
C PHE C 117 17.34 -10.70 46.91
N ILE C 118 17.53 -11.99 47.18
CA ILE C 118 17.88 -12.47 48.51
C ILE C 118 19.12 -13.36 48.41
N PHE C 119 19.97 -13.29 49.44
CA PHE C 119 21.24 -13.98 49.44
C PHE C 119 21.44 -14.70 50.78
N PRO C 120 21.81 -15.97 50.77
CA PRO C 120 22.10 -16.66 52.05
C PRO C 120 23.51 -16.36 52.52
N PRO C 121 23.84 -16.72 53.75
CA PRO C 121 25.23 -16.59 54.21
C PRO C 121 26.14 -17.59 53.51
N SER C 122 27.38 -17.17 53.31
CA SER C 122 28.37 -18.05 52.71
C SER C 122 28.84 -19.09 53.72
N ASP C 123 29.12 -20.30 53.23
CA ASP C 123 29.66 -21.33 54.10
C ASP C 123 30.91 -20.87 54.82
N GLU C 124 31.73 -20.05 54.17
CA GLU C 124 32.93 -19.52 54.81
C GLU C 124 32.58 -18.70 56.04
N GLN C 125 31.55 -17.86 55.94
CA GLN C 125 31.14 -17.05 57.08
C GLN C 125 30.57 -17.89 58.21
N LEU C 126 30.00 -19.05 57.90
CA LEU C 126 29.30 -19.82 58.91
C LEU C 126 30.26 -20.50 59.89
N LYS C 127 31.37 -21.04 59.39
CA LYS C 127 32.34 -21.66 60.30
C LYS C 127 32.85 -20.65 61.33
N SER C 128 32.82 -19.36 61.00
CA SER C 128 33.27 -18.35 61.95
C SER C 128 32.26 -18.12 63.07
N GLY C 129 31.00 -18.50 62.87
CA GLY C 129 30.02 -18.51 63.94
C GLY C 129 28.88 -17.52 63.78
N THR C 130 28.85 -16.73 62.72
CA THR C 130 27.77 -15.77 62.49
C THR C 130 27.19 -15.97 61.09
N ALA C 131 25.89 -15.76 60.98
CA ALA C 131 25.15 -15.92 59.73
C ALA C 131 24.52 -14.59 59.35
N SER C 132 24.78 -14.14 58.13
CA SER C 132 24.25 -12.88 57.61
C SER C 132 23.42 -13.15 56.37
N VAL C 133 22.14 -12.76 56.42
CA VAL C 133 21.25 -12.83 55.27
C VAL C 133 21.07 -11.42 54.71
N VAL C 134 20.98 -11.31 53.39
CA VAL C 134 20.91 -10.02 52.72
C VAL C 134 19.73 -10.00 51.76
N CYS C 135 19.14 -8.83 51.59
CA CYS C 135 17.98 -8.61 50.73
C CYS C 135 18.18 -7.27 50.04
N LEU C 136 18.11 -7.26 48.71
CA LEU C 136 18.41 -6.08 47.91
C LEU C 136 17.17 -5.63 47.15
N LEU C 137 16.94 -4.31 47.13
CA LEU C 137 15.90 -3.69 46.32
C LEU C 137 16.57 -2.74 45.35
N ASN C 138 16.26 -2.89 44.06
CA ASN C 138 16.97 -2.17 43.00
C ASN C 138 16.02 -1.28 42.21
N ASN C 139 16.46 -0.05 41.98
CA ASN C 139 15.82 0.89 41.06
C ASN C 139 14.33 1.03 41.34
N PHE C 140 14.04 1.70 42.46
CA PHE C 140 12.65 2.00 42.81
C PHE C 140 12.51 3.48 43.15
N TYR C 141 11.28 3.96 43.02
CA TYR C 141 10.90 5.33 43.32
C TYR C 141 9.42 5.32 43.63
N PRO C 142 8.94 6.04 44.66
CA PRO C 142 9.68 6.96 45.55
C PRO C 142 10.57 6.26 46.57
N ARG C 143 11.23 7.06 47.41
CA ARG C 143 12.24 6.53 48.32
C ARG C 143 11.64 5.59 49.36
N GLU C 144 10.39 5.78 49.72
CA GLU C 144 9.79 5.05 50.83
C GLU C 144 9.58 3.59 50.44
N ALA C 145 10.30 2.68 51.11
CA ALA C 145 10.09 1.25 50.97
C ALA C 145 10.14 0.62 52.36
N LYS C 146 9.49 -0.54 52.48
CA LYS C 146 9.37 -1.24 53.74
C LYS C 146 9.80 -2.70 53.55
N VAL C 147 10.89 -3.08 54.20
CA VAL C 147 11.40 -4.45 54.16
C VAL C 147 10.99 -5.15 55.45
N GLN C 148 10.81 -6.46 55.37
CA GLN C 148 10.22 -7.21 56.49
C GLN C 148 10.76 -8.62 56.47
N TRP C 149 11.50 -9.00 57.52
CA TRP C 149 12.10 -10.32 57.60
C TRP C 149 11.18 -11.31 58.31
N LYS C 150 11.19 -12.55 57.83
CA LYS C 150 10.42 -13.63 58.44
C LYS C 150 11.26 -14.89 58.47
N VAL C 151 11.30 -15.56 59.62
CA VAL C 151 11.99 -16.84 59.79
C VAL C 151 10.95 -17.84 60.27
N ASP C 152 10.63 -18.82 59.43
CA ASP C 152 9.53 -19.75 59.71
C ASP C 152 8.24 -18.98 59.99
N ASN C 153 7.99 -17.97 59.16
CA ASN C 153 6.79 -17.12 59.21
C ASN C 153 6.68 -16.31 60.49
N ALA C 154 7.73 -16.28 61.31
CA ALA C 154 7.76 -15.45 62.51
C ALA C 154 8.50 -14.16 62.20
N LEU C 155 7.84 -13.03 62.43
CA LEU C 155 8.41 -11.75 62.06
C LEU C 155 9.59 -11.42 62.98
N GLN C 156 10.68 -10.97 62.38
CA GLN C 156 11.85 -10.57 63.14
C GLN C 156 11.75 -9.09 63.52
N SER C 157 12.57 -8.69 64.48
CA SER C 157 12.57 -7.30 64.92
C SER C 157 13.83 -7.03 65.74
N GLY C 158 14.39 -5.84 65.57
CA GLY C 158 15.55 -5.43 66.34
C GLY C 158 16.82 -6.18 66.06
N ASN C 159 16.87 -6.97 64.98
CA ASN C 159 18.07 -7.73 64.63
C ASN C 159 18.45 -7.53 63.17
N SER C 160 18.20 -6.35 62.63
CA SER C 160 18.49 -6.08 61.22
C SER C 160 18.85 -4.61 61.05
N GLN C 161 19.60 -4.34 59.98
CA GLN C 161 20.01 -2.99 59.61
C GLN C 161 19.86 -2.82 58.10
N GLU C 162 19.78 -1.57 57.65
CA GLU C 162 19.63 -1.30 56.23
C GLU C 162 20.22 0.07 55.92
N SER C 163 20.39 0.33 54.63
CA SER C 163 20.86 1.63 54.17
C SER C 163 20.41 1.82 52.73
N VAL C 164 20.31 3.08 52.33
CA VAL C 164 19.72 3.46 51.04
C VAL C 164 20.71 4.33 50.28
N THR C 165 20.71 4.16 48.96
CA THR C 165 21.64 4.89 48.11
C THR C 165 21.11 6.28 47.81
N GLU C 166 21.98 7.09 47.22
CA GLU C 166 21.56 8.37 46.65
C GLU C 166 20.71 8.11 45.41
N GLN C 167 20.14 9.18 44.87
CA GLN C 167 19.42 9.07 43.60
C GLN C 167 20.41 8.86 42.47
N ASP C 168 20.11 7.90 41.60
CA ASP C 168 20.92 7.70 40.41
C ASP C 168 20.92 8.97 39.56
N SER C 169 22.05 9.21 38.90
CA SER C 169 22.26 10.45 38.16
C SER C 169 21.72 10.41 36.74
N LYS C 170 21.20 9.26 36.30
CA LYS C 170 20.56 9.16 35.00
C LYS C 170 19.06 8.87 35.12
N ASP C 171 18.66 7.92 35.95
CA ASP C 171 17.26 7.51 36.05
C ASP C 171 16.58 7.90 37.36
N SER C 172 17.32 8.49 38.30
CA SER C 172 16.73 9.13 39.49
C SER C 172 16.03 8.14 40.42
N THR C 173 16.47 6.89 40.45
CA THR C 173 15.87 5.89 41.32
C THR C 173 16.76 5.60 42.53
N TYR C 174 16.21 4.82 43.46
CA TYR C 174 16.91 4.43 44.68
C TYR C 174 17.08 2.92 44.72
N SER C 175 18.04 2.47 45.52
CA SER C 175 18.20 1.05 45.84
C SER C 175 18.47 0.94 47.33
N LEU C 176 18.19 -0.25 47.88
CA LEU C 176 18.24 -0.47 49.31
C LEU C 176 18.78 -1.86 49.61
N SER C 177 19.66 -1.95 50.59
CA SER C 177 20.24 -3.21 51.05
C SER C 177 19.91 -3.39 52.53
N SER C 178 19.49 -4.60 52.88
CA SER C 178 19.10 -4.93 54.26
C SER C 178 19.79 -6.22 54.69
N THR C 179 20.20 -6.27 55.96
CA THR C 179 20.99 -7.37 56.49
C THR C 179 20.38 -7.87 57.79
N LEU C 180 20.03 -9.16 57.81
CA LEU C 180 19.60 -9.85 59.01
C LEU C 180 20.80 -10.63 59.56
N THR C 181 21.13 -10.40 60.83
CA THR C 181 22.26 -11.06 61.46
C THR C 181 21.77 -11.98 62.56
N LEU C 182 22.16 -13.25 62.49
CA LEU C 182 21.82 -14.25 63.48
C LEU C 182 23.06 -15.04 63.84
N SER C 183 23.00 -15.68 65.00
CA SER C 183 24.05 -16.62 65.38
C SER C 183 23.93 -17.90 64.57
N LYS C 184 25.08 -18.52 64.31
CA LYS C 184 25.09 -19.80 63.61
C LYS C 184 24.12 -20.78 64.24
N ALA C 185 23.93 -20.70 65.56
CA ALA C 185 22.96 -21.55 66.23
C ALA C 185 21.56 -21.32 65.70
N ASP C 186 21.03 -20.11 65.90
CA ASP C 186 19.65 -19.83 65.49
C ASP C 186 19.45 -20.00 63.99
N TYR C 187 20.48 -19.77 63.18
CA TYR C 187 20.29 -19.85 61.73
C TYR C 187 19.94 -21.26 61.28
N GLU C 188 20.59 -22.27 61.85
CA GLU C 188 20.35 -23.64 61.44
C GLU C 188 19.24 -24.32 62.24
N LYS C 189 18.54 -23.59 63.11
CA LYS C 189 17.37 -24.17 63.76
C LYS C 189 16.13 -24.07 62.88
N HIS C 190 16.01 -23.01 62.08
CA HIS C 190 14.87 -22.77 61.22
C HIS C 190 15.26 -23.03 59.78
N LYS C 191 14.26 -23.11 58.90
CA LYS C 191 14.52 -23.56 57.54
C LYS C 191 14.24 -22.49 56.49
N VAL C 192 13.05 -21.88 56.52
CA VAL C 192 12.64 -20.94 55.47
C VAL C 192 12.93 -19.52 55.92
N TYR C 193 13.63 -18.77 55.06
CA TYR C 193 13.97 -17.38 55.29
C TYR C 193 13.40 -16.53 54.16
N ALA C 194 12.92 -15.34 54.48
CA ALA C 194 12.23 -14.52 53.49
C ALA C 194 12.30 -13.05 53.89
N CYS C 195 12.38 -12.19 52.88
CA CYS C 195 12.17 -10.76 53.03
C CYS C 195 10.97 -10.36 52.18
N GLU C 196 10.03 -9.64 52.77
CA GLU C 196 8.81 -9.20 52.10
C GLU C 196 8.88 -7.70 51.88
N VAL C 197 8.71 -7.28 50.63
CA VAL C 197 8.87 -5.88 50.25
C VAL C 197 7.49 -5.31 49.93
N THR C 198 7.25 -4.08 50.38
CA THR C 198 6.03 -3.35 50.09
C THR C 198 6.39 -1.99 49.51
N HIS C 199 5.72 -1.59 48.44
CA HIS C 199 6.05 -0.35 47.76
C HIS C 199 4.89 0.05 46.86
N GLN C 200 4.76 1.35 46.59
CA GLN C 200 3.65 1.85 45.78
C GLN C 200 3.57 1.11 44.45
N GLY C 201 4.70 1.01 43.74
CA GLY C 201 4.70 0.36 42.44
C GLY C 201 4.35 -1.10 42.49
N LEU C 202 4.18 -1.64 43.70
CA LEU C 202 3.72 -3.01 43.90
C LEU C 202 2.30 -2.93 44.43
N SER C 203 1.34 -3.43 43.64
CA SER C 203 -0.04 -3.45 44.10
C SER C 203 -0.25 -4.45 45.24
N SER C 204 0.68 -5.40 45.41
CA SER C 204 0.61 -6.39 46.46
C SER C 204 2.01 -6.71 46.91
N PRO C 205 2.25 -6.88 48.21
CA PRO C 205 3.61 -7.13 48.69
C PRO C 205 4.28 -8.30 47.98
N VAL C 206 5.54 -8.10 47.60
CA VAL C 206 6.36 -9.11 46.94
C VAL C 206 7.21 -9.81 48.00
N THR C 207 7.33 -11.13 47.86
CA THR C 207 8.12 -11.94 48.78
C THR C 207 9.18 -12.73 48.01
N LYS C 208 10.38 -12.77 48.56
CA LYS C 208 11.46 -13.62 48.06
C LYS C 208 12.01 -14.42 49.23
N SER C 209 12.29 -15.69 48.99
CA SER C 209 12.69 -16.59 50.06
C SER C 209 13.60 -17.67 49.51
N PHE C 210 14.25 -18.39 50.42
CA PHE C 210 15.05 -19.56 50.08
C PHE C 210 14.93 -20.56 51.23
N ASN C 211 15.27 -21.81 50.93
CA ASN C 211 15.28 -22.86 51.93
C ASN C 211 16.72 -23.18 52.30
N ARG C 212 16.94 -23.51 53.57
CA ARG C 212 18.29 -23.58 54.11
C ARG C 212 19.16 -24.61 53.41
N GLY C 213 18.57 -25.65 52.82
CA GLY C 213 19.37 -26.67 52.17
C GLY C 213 20.04 -26.14 50.92
N GLU C 214 19.32 -26.12 49.81
CA GLU C 214 19.84 -25.53 48.57
C GLU C 214 20.03 -24.03 48.73
N ASP D 1 -19.61 20.39 -12.74
CA ASP D 1 -19.61 21.79 -12.24
C ASP D 1 -18.92 21.86 -10.87
N ILE D 2 -19.14 20.85 -10.04
CA ILE D 2 -18.40 20.70 -8.78
C ILE D 2 -17.27 19.72 -9.04
N GLN D 3 -16.04 20.19 -8.82
CA GLN D 3 -14.84 19.41 -9.07
C GLN D 3 -14.35 18.81 -7.75
N MET D 4 -14.17 17.50 -7.72
CA MET D 4 -13.72 16.80 -6.51
C MET D 4 -12.25 16.42 -6.66
N THR D 5 -11.46 16.72 -5.63
CA THR D 5 -10.02 16.49 -5.63
C THR D 5 -9.63 15.57 -4.48
N GLN D 6 -8.77 14.59 -4.77
CA GLN D 6 -8.31 13.61 -3.79
C GLN D 6 -6.81 13.70 -3.60
N SER D 7 -6.36 13.35 -2.40
CA SER D 7 -4.94 13.28 -2.07
C SER D 7 -4.76 12.28 -0.94
N PRO D 8 -3.64 11.54 -0.93
CA PRO D 8 -2.57 11.50 -1.93
C PRO D 8 -2.97 10.65 -3.14
N SER D 9 -2.18 10.66 -4.20
CA SER D 9 -2.48 9.84 -5.37
C SER D 9 -2.22 8.36 -5.09
N SER D 10 -1.09 8.05 -4.45
CA SER D 10 -0.75 6.69 -4.09
C SER D 10 -0.03 6.69 -2.75
N LEU D 11 -0.07 5.56 -2.06
CA LEU D 11 0.60 5.46 -0.75
C LEU D 11 0.88 4.00 -0.43
N SER D 12 1.89 3.79 0.42
CA SER D 12 2.30 2.47 0.88
C SER D 12 2.44 2.52 2.40
N ALA D 13 1.75 1.61 3.09
CA ALA D 13 1.73 1.63 4.55
C ALA D 13 1.68 0.21 5.09
N SER D 14 2.15 0.04 6.32
CA SER D 14 2.27 -1.27 6.93
C SER D 14 0.97 -1.66 7.64
N VAL D 15 0.79 -2.98 7.80
CA VAL D 15 -0.38 -3.49 8.49
C VAL D 15 -0.37 -3.00 9.93
N GLY D 16 -1.52 -2.49 10.38
CA GLY D 16 -1.66 -1.91 11.70
C GLY D 16 -1.52 -0.40 11.73
N ASP D 17 -1.03 0.21 10.65
CA ASP D 17 -0.89 1.65 10.57
C ASP D 17 -2.23 2.30 10.23
N ARG D 18 -2.29 3.61 10.47
CA ARG D 18 -3.46 4.41 10.10
C ARG D 18 -3.26 4.97 8.70
N VAL D 19 -4.28 4.84 7.87
CA VAL D 19 -4.28 5.43 6.53
C VAL D 19 -5.29 6.56 6.51
N THR D 20 -4.89 7.71 5.98
CA THR D 20 -5.72 8.91 5.95
C THR D 20 -5.81 9.43 4.53
N ILE D 21 -7.03 9.58 4.03
CA ILE D 21 -7.27 10.09 2.68
C ILE D 21 -8.22 11.27 2.77
N THR D 22 -7.90 12.34 2.05
CA THR D 22 -8.67 13.57 2.05
C THR D 22 -9.30 13.82 0.69
N CYS D 23 -10.52 14.36 0.69
CA CYS D 23 -11.25 14.70 -0.52
C CYS D 23 -11.79 16.12 -0.36
N ARG D 24 -11.53 16.98 -1.34
CA ARG D 24 -11.88 18.39 -1.28
C ARG D 24 -12.85 18.75 -2.39
N ALA D 25 -13.86 19.56 -2.06
CA ALA D 25 -14.89 19.97 -3.01
C ALA D 25 -14.67 21.41 -3.47
N SER D 26 -15.04 21.69 -4.71
CA SER D 26 -14.90 23.02 -5.28
C SER D 26 -15.96 24.00 -4.77
N GLN D 27 -16.91 23.53 -3.97
CA GLN D 27 -17.95 24.35 -3.38
C GLN D 27 -18.76 23.48 -2.43
N SER D 28 -19.38 24.11 -1.42
CA SER D 28 -20.05 23.36 -0.37
C SER D 28 -20.96 22.28 -0.95
N ILE D 29 -20.91 21.08 -0.36
CA ILE D 29 -21.76 19.98 -0.77
C ILE D 29 -22.42 19.40 0.48
N SER D 30 -22.47 20.19 1.55
CA SER D 30 -23.06 19.74 2.82
C SER D 30 -22.47 18.38 3.20
N SER D 31 -23.32 17.38 3.40
CA SER D 31 -22.88 16.03 3.75
C SER D 31 -23.15 15.05 2.61
N TYR D 32 -23.23 15.55 1.38
CA TYR D 32 -23.52 14.72 0.20
C TYR D 32 -22.23 14.16 -0.40
N LEU D 33 -21.55 13.32 0.39
CA LEU D 33 -20.31 12.70 -0.04
C LEU D 33 -20.36 11.20 0.26
N ASN D 34 -19.80 10.42 -0.65
CA ASN D 34 -19.71 8.97 -0.48
C ASN D 34 -18.29 8.52 -0.76
N TRP D 35 -17.93 7.38 -0.17
CA TRP D 35 -16.62 6.75 -0.36
C TRP D 35 -16.82 5.33 -0.88
N TYR D 36 -15.99 4.94 -1.85
CA TYR D 36 -16.07 3.61 -2.43
C TYR D 36 -14.71 2.94 -2.38
N GLN D 37 -14.73 1.61 -2.42
CA GLN D 37 -13.53 0.79 -2.53
C GLN D 37 -13.64 -0.04 -3.79
N GLN D 38 -12.57 -0.09 -4.58
CA GLN D 38 -12.55 -0.86 -5.82
C GLN D 38 -11.28 -1.71 -5.86
N LYS D 39 -11.42 -3.00 -5.59
CA LYS D 39 -10.30 -3.89 -5.79
C LYS D 39 -10.13 -4.16 -7.28
N PRO D 40 -8.90 -4.38 -7.75
CA PRO D 40 -8.64 -4.31 -9.19
C PRO D 40 -9.45 -5.33 -9.97
N GLY D 41 -9.98 -4.88 -11.11
CA GLY D 41 -10.71 -5.77 -12.00
C GLY D 41 -12.09 -6.15 -11.53
N LYS D 42 -12.64 -5.42 -10.56
CA LYS D 42 -13.95 -5.73 -10.01
C LYS D 42 -14.69 -4.42 -9.78
N ALA D 43 -16.01 -4.51 -9.62
CA ALA D 43 -16.82 -3.31 -9.52
C ALA D 43 -16.60 -2.62 -8.17
N PRO D 44 -16.77 -1.29 -8.11
CA PRO D 44 -16.66 -0.58 -6.83
C PRO D 44 -17.66 -1.11 -5.80
N LYS D 45 -17.44 -0.70 -4.56
CA LYS D 45 -18.23 -1.14 -3.42
C LYS D 45 -18.35 0.02 -2.45
N LEU D 46 -19.58 0.33 -2.05
CA LEU D 46 -19.83 1.46 -1.17
C LEU D 46 -19.34 1.17 0.24
N LEU D 47 -18.61 2.13 0.82
CA LEU D 47 -18.15 2.04 2.20
C LEU D 47 -18.87 3.03 3.11
N ILE D 48 -18.75 4.32 2.82
CA ILE D 48 -19.33 5.38 3.65
C ILE D 48 -20.33 6.17 2.82
N TYR D 49 -21.45 6.52 3.44
CA TYR D 49 -22.45 7.38 2.83
C TYR D 49 -22.82 8.47 3.83
N ALA D 50 -23.23 9.63 3.29
CA ALA D 50 -23.54 10.81 4.09
C ALA D 50 -22.30 11.33 4.83
N ALA D 51 -21.11 11.01 4.32
CA ALA D 51 -19.85 11.52 4.86
C ALA D 51 -19.42 10.75 6.12
N SER D 52 -20.39 10.22 6.89
CA SER D 52 -20.04 9.64 8.18
C SER D 52 -20.92 8.45 8.58
N SER D 53 -21.58 7.79 7.65
CA SER D 53 -22.42 6.63 7.95
C SER D 53 -21.82 5.40 7.28
N LEU D 54 -21.59 4.36 8.07
CA LEU D 54 -20.93 3.14 7.61
C LEU D 54 -21.95 2.20 6.99
N GLN D 55 -21.76 1.87 5.71
CA GLN D 55 -22.60 0.88 5.04
C GLN D 55 -22.52 -0.44 5.80
N SER D 56 -23.67 -1.04 6.07
CA SER D 56 -23.71 -2.29 6.84
C SER D 56 -22.93 -3.38 6.15
N GLY D 57 -22.17 -4.14 6.95
CA GLY D 57 -21.32 -5.18 6.43
C GLY D 57 -19.90 -4.74 6.14
N VAL D 58 -19.54 -3.51 6.46
CA VAL D 58 -18.19 -2.98 6.25
C VAL D 58 -17.50 -2.93 7.60
N PRO D 59 -16.26 -3.43 7.71
CA PRO D 59 -15.57 -3.40 9.00
C PRO D 59 -15.57 -2.00 9.62
N SER D 60 -15.66 -1.96 10.96
CA SER D 60 -15.72 -0.71 11.68
C SER D 60 -14.41 0.06 11.65
N ARG D 61 -13.33 -0.52 11.13
CA ARG D 61 -12.09 0.24 11.01
C ARG D 61 -12.17 1.29 9.90
N PHE D 62 -13.12 1.17 8.99
CA PHE D 62 -13.36 2.21 8.01
C PHE D 62 -14.28 3.27 8.61
N SER D 63 -14.00 4.54 8.29
CA SER D 63 -14.80 5.64 8.83
C SER D 63 -14.50 6.90 8.04
N GLY D 64 -15.46 7.81 8.06
CA GLY D 64 -15.31 9.07 7.36
C GLY D 64 -15.82 10.22 8.21
N SER D 65 -15.35 11.42 7.87
CA SER D 65 -15.74 12.62 8.59
C SER D 65 -15.71 13.81 7.63
N GLY D 66 -16.20 14.95 8.11
CA GLY D 66 -16.16 16.19 7.36
C GLY D 66 -17.53 16.63 6.89
N SER D 67 -17.56 17.88 6.41
CA SER D 67 -18.76 18.48 5.84
C SER D 67 -18.37 19.79 5.17
N GLY D 68 -19.04 20.10 4.07
CA GLY D 68 -18.78 21.32 3.33
C GLY D 68 -17.79 21.15 2.20
N THR D 69 -16.51 21.34 2.49
CA THR D 69 -15.45 21.21 1.48
C THR D 69 -14.32 20.27 1.85
N ASP D 70 -14.18 19.88 3.11
CA ASP D 70 -13.12 18.98 3.55
C ASP D 70 -13.73 17.72 4.11
N PHE D 71 -13.33 16.57 3.55
CA PHE D 71 -13.77 15.27 4.01
C PHE D 71 -12.55 14.36 4.12
N THR D 72 -12.68 13.30 4.91
CA THR D 72 -11.53 12.46 5.20
C THR D 72 -11.99 11.03 5.44
N LEU D 73 -11.46 10.09 4.64
CA LEU D 73 -11.63 8.68 4.92
C LEU D 73 -10.44 8.21 5.76
N THR D 74 -10.72 7.38 6.76
CA THR D 74 -9.70 6.92 7.69
C THR D 74 -9.86 5.43 7.95
N ILE D 75 -8.77 4.70 7.76
CA ILE D 75 -8.68 3.29 8.13
C ILE D 75 -7.87 3.22 9.41
N SER D 76 -8.52 2.84 10.52
CA SER D 76 -7.87 2.91 11.81
C SER D 76 -6.68 1.96 11.87
N SER D 77 -6.81 0.75 11.32
CA SER D 77 -5.75 -0.24 11.35
C SER D 77 -5.72 -0.99 10.02
N LEU D 78 -4.82 -0.59 9.12
CA LEU D 78 -4.74 -1.21 7.80
C LEU D 78 -4.55 -2.71 7.93
N GLN D 79 -5.23 -3.46 7.07
CA GLN D 79 -5.17 -4.91 7.01
C GLN D 79 -4.71 -5.36 5.64
N PRO D 80 -4.16 -6.58 5.51
CA PRO D 80 -3.61 -7.01 4.21
C PRO D 80 -4.64 -7.03 3.09
N GLU D 81 -5.93 -7.15 3.40
CA GLU D 81 -6.96 -7.25 2.37
C GLU D 81 -7.50 -5.90 1.95
N ASP D 82 -6.92 -4.82 2.43
CA ASP D 82 -7.43 -3.47 2.15
C ASP D 82 -6.74 -2.82 0.96
N PHE D 83 -5.80 -3.50 0.31
CA PHE D 83 -5.19 -2.97 -0.89
C PHE D 83 -6.28 -2.78 -1.96
N ALA D 84 -6.42 -1.56 -2.44
CA ALA D 84 -7.48 -1.21 -3.38
C ALA D 84 -7.26 0.22 -3.84
N THR D 85 -8.18 0.71 -4.65
CA THR D 85 -8.23 2.11 -5.06
C THR D 85 -9.53 2.71 -4.53
N TYR D 86 -9.42 3.81 -3.80
CA TYR D 86 -10.54 4.41 -3.09
C TYR D 86 -10.96 5.72 -3.76
N TYR D 87 -12.26 5.90 -3.93
CA TYR D 87 -12.83 7.07 -4.57
C TYR D 87 -13.81 7.78 -3.66
N CYS D 88 -13.90 9.10 -3.80
CA CYS D 88 -14.99 9.89 -3.25
C CYS D 88 -15.90 10.35 -4.39
N GLN D 89 -17.15 10.62 -4.04
CA GLN D 89 -18.17 10.97 -5.02
C GLN D 89 -19.12 11.98 -4.39
N GLN D 90 -19.60 12.91 -5.20
CA GLN D 90 -20.46 14.00 -4.75
C GLN D 90 -21.88 13.80 -5.28
N SER D 91 -22.86 14.09 -4.42
CA SER D 91 -24.27 13.90 -4.76
C SER D 91 -25.12 15.11 -4.43
N TYR D 92 -24.54 16.30 -4.35
CA TYR D 92 -25.29 17.51 -4.05
C TYR D 92 -25.64 18.27 -5.34
N SER D 93 -24.63 18.61 -6.14
CA SER D 93 -24.82 19.30 -7.40
C SER D 93 -25.29 18.30 -8.45
N THR D 94 -26.60 18.15 -8.54
CA THR D 94 -27.24 17.24 -9.49
C THR D 94 -27.72 18.02 -10.72
N PRO D 95 -27.35 17.62 -11.95
CA PRO D 95 -26.20 16.79 -12.35
C PRO D 95 -25.02 17.68 -12.70
N PRO D 96 -23.90 17.14 -13.22
CA PRO D 96 -23.55 15.73 -13.30
C PRO D 96 -22.91 15.25 -11.99
N HIS D 97 -23.11 13.99 -11.60
CA HIS D 97 -22.43 13.46 -10.43
C HIS D 97 -20.96 13.28 -10.73
N THR D 98 -20.10 13.73 -9.83
CA THR D 98 -18.66 13.77 -10.07
C THR D 98 -17.94 12.87 -9.08
N PHE D 99 -16.94 12.15 -9.57
CA PHE D 99 -16.08 11.29 -8.77
C PHE D 99 -14.74 11.99 -8.52
N GLY D 100 -14.04 11.53 -7.48
CA GLY D 100 -12.65 11.90 -7.30
C GLY D 100 -11.77 11.14 -8.29
N GLN D 101 -10.48 11.47 -8.25
CA GLN D 101 -9.54 10.80 -9.16
C GLN D 101 -8.98 9.51 -8.60
N GLY D 102 -9.08 9.28 -7.30
CA GLY D 102 -8.72 7.99 -6.75
C GLY D 102 -7.43 8.04 -5.93
N THR D 103 -7.33 7.10 -4.99
CA THR D 103 -6.13 6.94 -4.17
C THR D 103 -5.81 5.46 -4.08
N LYS D 104 -4.67 5.06 -4.63
CA LYS D 104 -4.27 3.65 -4.62
C LYS D 104 -3.47 3.36 -3.36
N VAL D 105 -3.86 2.30 -2.65
CA VAL D 105 -3.28 1.93 -1.37
C VAL D 105 -2.59 0.59 -1.51
N GLU D 106 -1.32 0.53 -1.12
CA GLU D 106 -0.55 -0.71 -1.13
C GLU D 106 -0.12 -1.06 0.29
N ILE D 107 0.01 -2.36 0.55
CA ILE D 107 0.45 -2.87 1.84
C ILE D 107 1.97 -3.02 1.81
N LYS D 108 2.63 -2.49 2.83
CA LYS D 108 4.08 -2.64 2.96
C LYS D 108 4.39 -3.82 3.86
N ARG D 109 5.44 -4.56 3.51
CA ARG D 109 5.89 -5.70 4.30
C ARG D 109 7.41 -5.79 4.20
N THR D 110 7.96 -6.90 4.68
CA THR D 110 9.40 -7.10 4.71
C THR D 110 9.85 -7.81 3.44
N VAL D 111 11.10 -7.55 3.06
CA VAL D 111 11.64 -8.07 1.80
C VAL D 111 11.48 -9.58 1.80
N ALA D 112 11.22 -10.15 0.63
CA ALA D 112 11.02 -11.59 0.50
C ALA D 112 11.51 -12.03 -0.88
N ALA D 113 12.44 -12.97 -0.90
CA ALA D 113 12.98 -13.42 -2.17
C ALA D 113 12.03 -14.42 -2.84
N PRO D 114 12.05 -14.51 -4.17
CA PRO D 114 11.15 -15.43 -4.87
C PRO D 114 11.71 -16.83 -5.02
N SER D 115 10.80 -17.80 -4.98
CA SER D 115 11.10 -19.16 -5.43
C SER D 115 10.76 -19.26 -6.91
N VAL D 116 11.63 -19.92 -7.68
CA VAL D 116 11.60 -19.87 -9.13
C VAL D 116 11.36 -21.27 -9.70
N PHE D 117 10.53 -21.32 -10.75
CA PHE D 117 10.28 -22.54 -11.51
C PHE D 117 10.38 -22.23 -13.00
N ILE D 118 10.85 -23.22 -13.75
CA ILE D 118 11.00 -23.11 -15.21
C ILE D 118 10.32 -24.31 -15.86
N PHE D 119 9.73 -24.09 -17.04
CA PHE D 119 8.94 -25.10 -17.73
C PHE D 119 9.30 -25.12 -19.20
N PRO D 120 9.56 -26.30 -19.79
CA PRO D 120 9.80 -26.37 -21.24
C PRO D 120 8.51 -26.41 -22.02
N PRO D 121 8.57 -26.25 -23.35
CA PRO D 121 7.37 -26.40 -24.17
C PRO D 121 6.92 -27.85 -24.24
N SER D 122 5.61 -28.03 -24.33
CA SER D 122 5.03 -29.36 -24.43
C SER D 122 5.28 -29.96 -25.81
N ASP D 123 5.49 -31.28 -25.84
CA ASP D 123 5.62 -31.98 -27.11
C ASP D 123 4.42 -31.68 -28.01
N GLU D 124 3.24 -31.54 -27.42
CA GLU D 124 2.05 -31.21 -28.20
C GLU D 124 2.20 -29.85 -28.89
N GLN D 125 2.71 -28.85 -28.16
CA GLN D 125 2.85 -27.52 -28.74
C GLN D 125 3.93 -27.49 -29.83
N LEU D 126 4.93 -28.37 -29.73
CA LEU D 126 6.07 -28.28 -30.64
C LEU D 126 5.70 -28.75 -32.04
N LYS D 127 4.91 -29.81 -32.15
CA LYS D 127 4.48 -30.28 -33.46
C LYS D 127 3.71 -29.19 -34.21
N SER D 128 3.09 -28.26 -33.49
CA SER D 128 2.38 -27.16 -34.13
C SER D 128 3.32 -26.11 -34.69
N GLY D 129 4.56 -26.06 -34.23
CA GLY D 129 5.59 -25.23 -34.84
C GLY D 129 6.10 -24.09 -33.99
N THR D 130 5.59 -23.91 -32.77
CA THR D 130 6.03 -22.86 -31.88
C THR D 130 6.43 -23.44 -30.54
N ALA D 131 7.44 -22.82 -29.93
CA ALA D 131 7.97 -23.25 -28.64
C ALA D 131 7.83 -22.10 -27.65
N SER D 132 7.22 -22.38 -26.49
CA SER D 132 7.02 -21.40 -25.44
C SER D 132 7.72 -21.88 -24.18
N VAL D 133 8.66 -21.09 -23.68
CA VAL D 133 9.35 -21.36 -22.43
C VAL D 133 8.76 -20.44 -21.37
N VAL D 134 8.62 -20.95 -20.15
CA VAL D 134 7.98 -20.21 -19.07
C VAL D 134 8.85 -20.22 -17.83
N CYS D 135 8.79 -19.12 -17.07
CA CYS D 135 9.57 -18.92 -15.86
C CYS D 135 8.65 -18.23 -14.86
N LEU D 136 8.47 -18.85 -13.69
CA LEU D 136 7.51 -18.36 -12.69
C LEU D 136 8.23 -17.97 -11.40
N LEU D 137 7.82 -16.84 -10.83
CA LEU D 137 8.31 -16.35 -9.56
C LEU D 137 7.16 -16.24 -8.57
N ASN D 138 7.34 -16.82 -7.38
CA ASN D 138 6.27 -16.94 -6.38
C ASN D 138 6.63 -16.21 -5.09
N ASN D 139 5.67 -15.45 -4.57
CA ASN D 139 5.71 -14.88 -3.23
C ASN D 139 7.01 -14.11 -2.95
N PHE D 140 7.12 -12.95 -3.61
CA PHE D 140 8.24 -12.05 -3.38
C PHE D 140 7.73 -10.64 -3.08
N TYR D 141 8.58 -9.87 -2.40
CA TYR D 141 8.31 -8.48 -2.08
C TYR D 141 9.66 -7.80 -1.92
N PRO D 142 9.84 -6.59 -2.47
CA PRO D 142 8.87 -5.74 -3.18
C PRO D 142 8.55 -6.16 -4.60
N ARG D 143 7.71 -5.37 -5.27
CA ARG D 143 7.19 -5.71 -6.59
C ARG D 143 8.28 -5.74 -7.66
N GLU D 144 9.32 -4.92 -7.52
CA GLU D 144 10.30 -4.76 -8.59
C GLU D 144 11.17 -6.00 -8.71
N ALA D 145 11.03 -6.71 -9.84
CA ALA D 145 11.89 -7.84 -10.18
C ALA D 145 12.27 -7.73 -11.64
N LYS D 146 13.39 -8.36 -11.98
CA LYS D 146 13.96 -8.32 -13.33
C LYS D 146 14.26 -9.73 -13.80
N VAL D 147 13.55 -10.17 -14.85
CA VAL D 147 13.76 -11.48 -15.45
C VAL D 147 14.58 -11.32 -16.72
N GLN D 148 15.36 -12.35 -17.04
CA GLN D 148 16.39 -12.28 -18.06
C GLN D 148 16.59 -13.67 -18.66
N TRP D 149 16.32 -13.81 -19.95
CA TRP D 149 16.44 -15.08 -20.63
C TRP D 149 17.81 -15.24 -21.27
N LYS D 150 18.33 -16.48 -21.24
CA LYS D 150 19.58 -16.82 -21.89
C LYS D 150 19.44 -18.15 -22.62
N VAL D 151 19.91 -18.19 -23.86
CA VAL D 151 19.95 -19.41 -24.67
C VAL D 151 21.40 -19.64 -25.06
N ASP D 152 22.00 -20.70 -24.52
CA ASP D 152 23.43 -20.97 -24.71
C ASP D 152 24.26 -19.75 -24.28
N ASN D 153 23.88 -19.15 -23.16
CA ASN D 153 24.53 -17.98 -22.58
C ASN D 153 24.44 -16.74 -23.46
N ALA D 154 23.63 -16.77 -24.51
CA ALA D 154 23.37 -15.60 -25.34
C ALA D 154 22.06 -14.99 -24.90
N LEU D 155 22.10 -13.71 -24.53
CA LEU D 155 20.92 -13.05 -23.98
C LEU D 155 19.87 -12.80 -25.05
N GLN D 156 18.61 -13.10 -24.71
CA GLN D 156 17.49 -12.88 -25.61
C GLN D 156 16.96 -11.46 -25.43
N SER D 157 16.15 -11.01 -26.40
CA SER D 157 15.60 -9.67 -26.32
C SER D 157 14.48 -9.50 -27.32
N GLY D 158 13.44 -8.75 -26.92
CA GLY D 158 12.32 -8.44 -27.78
C GLY D 158 11.47 -9.63 -28.17
N ASN D 159 11.67 -10.77 -27.52
CA ASN D 159 10.92 -11.98 -27.81
C ASN D 159 10.36 -12.59 -26.53
N SER D 160 10.02 -11.76 -25.56
CA SER D 160 9.50 -12.26 -24.29
C SER D 160 8.50 -11.25 -23.73
N GLN D 161 7.56 -11.76 -22.93
CA GLN D 161 6.56 -10.94 -22.27
C GLN D 161 6.35 -11.47 -20.87
N GLU D 162 5.79 -10.61 -20.01
CA GLU D 162 5.61 -10.97 -18.60
C GLU D 162 4.42 -10.20 -18.04
N SER D 163 3.97 -10.63 -16.87
CA SER D 163 2.90 -9.94 -16.15
C SER D 163 2.99 -10.31 -14.68
N VAL D 164 2.39 -9.47 -13.83
CA VAL D 164 2.51 -9.57 -12.39
C VAL D 164 1.13 -9.61 -11.74
N THR D 165 1.02 -10.36 -10.66
CA THR D 165 -0.25 -10.53 -9.96
C THR D 165 -0.49 -9.37 -8.99
N GLU D 166 -1.71 -9.34 -8.45
CA GLU D 166 -2.02 -8.45 -7.34
C GLU D 166 -1.30 -8.90 -6.08
N GLN D 167 -1.40 -8.10 -5.03
CA GLN D 167 -0.87 -8.52 -3.74
C GLN D 167 -1.74 -9.60 -3.13
N ASP D 168 -1.11 -10.65 -2.63
CA ASP D 168 -1.86 -11.66 -1.90
C ASP D 168 -2.56 -11.03 -0.70
N SER D 169 -3.74 -11.54 -0.38
CA SER D 169 -4.58 -10.94 0.65
C SER D 169 -4.29 -11.46 2.05
N LYS D 170 -3.38 -12.42 2.20
CA LYS D 170 -2.92 -12.87 3.51
C LYS D 170 -1.46 -12.53 3.77
N ASP D 171 -0.57 -12.78 2.82
CA ASP D 171 0.87 -12.58 3.03
C ASP D 171 1.45 -11.41 2.24
N SER D 172 0.66 -10.75 1.39
CA SER D 172 1.02 -9.46 0.80
C SER D 172 2.20 -9.54 -0.16
N THR D 173 2.43 -10.68 -0.79
CA THR D 173 3.53 -10.84 -1.73
C THR D 173 3.01 -10.79 -3.17
N TYR D 174 3.95 -10.78 -4.12
CA TYR D 174 3.65 -10.76 -5.53
C TYR D 174 4.17 -12.01 -6.21
N SER D 175 3.61 -12.32 -7.38
CA SER D 175 4.12 -13.38 -8.25
C SER D 175 4.16 -12.87 -9.69
N LEU D 176 5.01 -13.50 -10.50
CA LEU D 176 5.29 -13.03 -11.85
C LEU D 176 5.49 -14.23 -12.77
N SER D 177 4.91 -14.12 -13.98
CA SER D 177 5.07 -15.13 -15.03
C SER D 177 5.69 -14.47 -16.25
N SER D 178 6.67 -15.12 -16.85
CA SER D 178 7.38 -14.61 -18.03
C SER D 178 7.45 -15.71 -19.08
N THR D 179 7.28 -15.33 -20.35
CA THR D 179 7.17 -16.29 -21.44
C THR D 179 8.09 -15.91 -22.58
N LEU D 180 8.99 -16.82 -22.95
CA LEU D 180 9.85 -16.70 -24.12
C LEU D 180 9.24 -17.49 -25.27
N THR D 181 9.07 -16.85 -26.42
CA THR D 181 8.47 -17.48 -27.59
C THR D 181 9.52 -17.61 -28.69
N LEU D 182 9.70 -18.84 -29.18
CA LEU D 182 10.62 -19.15 -30.25
C LEU D 182 9.96 -20.05 -31.28
N SER D 183 10.53 -20.06 -32.48
CA SER D 183 10.11 -21.02 -33.50
C SER D 183 10.66 -22.41 -33.18
N LYS D 184 9.90 -23.43 -33.57
CA LYS D 184 10.36 -24.80 -33.43
C LYS D 184 11.76 -24.97 -34.01
N ALA D 185 12.07 -24.21 -35.07
CA ALA D 185 13.40 -24.23 -35.67
C ALA D 185 14.46 -23.78 -34.67
N ASP D 186 14.39 -22.52 -34.24
CA ASP D 186 15.42 -21.99 -33.35
C ASP D 186 15.47 -22.78 -32.04
N TYR D 187 14.33 -23.33 -31.61
CA TYR D 187 14.30 -24.08 -30.36
C TYR D 187 15.17 -25.33 -30.47
N GLU D 188 15.17 -25.96 -31.64
CA GLU D 188 15.92 -27.20 -31.85
C GLU D 188 17.37 -26.97 -32.27
N LYS D 189 17.83 -25.71 -32.38
CA LYS D 189 19.23 -25.45 -32.66
C LYS D 189 20.09 -25.37 -31.41
N HIS D 190 19.55 -24.83 -30.31
CA HIS D 190 20.30 -24.60 -29.08
C HIS D 190 19.87 -25.59 -28.01
N LYS D 191 20.64 -25.66 -26.93
CA LYS D 191 20.47 -26.72 -25.94
C LYS D 191 20.06 -26.21 -24.57
N VAL D 192 20.81 -25.28 -23.98
CA VAL D 192 20.61 -24.87 -22.59
C VAL D 192 19.76 -23.60 -22.57
N TYR D 193 18.67 -23.64 -21.80
CA TYR D 193 17.77 -22.51 -21.63
C TYR D 193 17.69 -22.15 -20.15
N ALA D 194 17.62 -20.84 -19.86
CA ALA D 194 17.68 -20.39 -18.48
C ALA D 194 17.02 -19.01 -18.35
N CYS D 195 16.39 -18.78 -17.21
CA CYS D 195 15.95 -17.46 -16.80
C CYS D 195 16.69 -17.06 -15.52
N GLU D 196 17.26 -15.86 -15.52
CA GLU D 196 18.04 -15.35 -14.40
C GLU D 196 17.27 -14.21 -13.76
N VAL D 197 17.05 -14.30 -12.45
CA VAL D 197 16.21 -13.37 -11.71
C VAL D 197 17.07 -12.48 -10.83
N THR D 198 16.69 -11.21 -10.74
CA THR D 198 17.35 -10.22 -9.88
C THR D 198 16.30 -9.58 -8.98
N HIS D 199 16.60 -9.50 -7.69
CA HIS D 199 15.65 -8.98 -6.71
C HIS D 199 16.39 -8.63 -5.44
N GLN D 200 15.81 -7.70 -4.66
CA GLN D 200 16.45 -7.25 -3.42
C GLN D 200 16.81 -8.42 -2.53
N GLY D 201 15.85 -9.32 -2.28
CA GLY D 201 16.05 -10.45 -1.39
C GLY D 201 17.08 -11.45 -1.86
N LEU D 202 17.66 -11.24 -3.03
CA LEU D 202 18.73 -12.08 -3.56
C LEU D 202 20.04 -11.31 -3.51
N SER D 203 21.00 -11.81 -2.72
CA SER D 203 22.30 -11.18 -2.68
C SER D 203 23.06 -11.37 -3.98
N SER D 204 22.64 -12.34 -4.81
CA SER D 204 23.26 -12.62 -6.10
C SER D 204 22.18 -13.13 -7.04
N PRO D 205 22.20 -12.74 -8.32
CA PRO D 205 21.15 -13.19 -9.24
C PRO D 205 21.00 -14.71 -9.24
N VAL D 206 19.75 -15.16 -9.20
CA VAL D 206 19.40 -16.58 -9.15
C VAL D 206 19.11 -17.08 -10.57
N THR D 207 19.57 -18.29 -10.87
CA THR D 207 19.39 -18.90 -12.17
C THR D 207 18.68 -20.25 -12.05
N LYS D 208 17.75 -20.51 -12.98
CA LYS D 208 17.11 -21.80 -13.16
C LYS D 208 17.22 -22.17 -14.63
N SER D 209 17.49 -23.44 -14.92
CA SER D 209 17.77 -23.82 -16.30
C SER D 209 17.35 -25.26 -16.56
N PHE D 210 17.26 -25.60 -17.84
CA PHE D 210 17.06 -26.97 -18.28
C PHE D 210 17.78 -27.16 -19.60
N ASN D 211 18.06 -28.41 -19.93
CA ASN D 211 18.63 -28.79 -21.22
C ASN D 211 17.58 -29.50 -22.06
N ARG D 212 17.67 -29.32 -23.37
CA ARG D 212 16.59 -29.75 -24.26
C ARG D 212 16.37 -31.26 -24.17
N GLY D 213 17.43 -32.03 -23.93
CA GLY D 213 17.34 -33.47 -23.77
C GLY D 213 16.89 -34.00 -22.42
N GLU D 214 15.68 -33.72 -21.99
CA GLU D 214 15.11 -34.26 -20.75
C GLU D 214 13.80 -33.53 -20.47
N ASP E 1 -32.87 -46.31 -30.88
CA ASP E 1 -33.74 -45.11 -31.04
C ASP E 1 -35.19 -45.51 -31.28
N ILE E 2 -36.10 -44.94 -30.48
CA ILE E 2 -37.53 -45.13 -30.67
C ILE E 2 -38.05 -44.02 -31.58
N GLN E 3 -38.71 -44.42 -32.67
CA GLN E 3 -39.26 -43.50 -33.64
C GLN E 3 -40.71 -43.19 -33.32
N MET E 4 -41.03 -41.89 -33.23
CA MET E 4 -42.38 -41.43 -32.97
C MET E 4 -43.02 -40.90 -34.25
N THR E 5 -44.25 -41.32 -34.50
CA THR E 5 -45.00 -40.95 -35.68
C THR E 5 -46.26 -40.21 -35.26
N GLN E 6 -46.51 -39.08 -35.91
CA GLN E 6 -47.65 -38.22 -35.61
C GLN E 6 -48.52 -38.12 -36.84
N SER E 7 -49.83 -38.01 -36.61
CA SER E 7 -50.79 -37.79 -37.68
C SER E 7 -52.03 -37.13 -37.08
N PRO E 8 -52.73 -36.29 -37.84
CA PRO E 8 -52.44 -35.87 -39.21
C PRO E 8 -51.34 -34.82 -39.26
N SER E 9 -50.85 -34.52 -40.47
CA SER E 9 -49.80 -33.52 -40.60
C SER E 9 -50.36 -32.12 -40.40
N SER E 10 -51.53 -31.83 -40.98
CA SER E 10 -52.19 -30.55 -40.81
C SER E 10 -53.70 -30.78 -40.81
N LEU E 11 -54.43 -29.84 -40.20
CA LEU E 11 -55.88 -29.96 -40.16
C LEU E 11 -56.48 -28.57 -39.94
N SER E 12 -57.73 -28.43 -40.38
CA SER E 12 -58.49 -27.19 -40.25
C SER E 12 -59.85 -27.52 -39.66
N ALA E 13 -60.21 -26.85 -38.56
CA ALA E 13 -61.43 -27.17 -37.84
C ALA E 13 -62.06 -25.90 -37.30
N SER E 14 -63.38 -25.95 -37.10
CA SER E 14 -64.15 -24.79 -36.70
C SER E 14 -64.17 -24.65 -35.18
N VAL E 15 -64.41 -23.42 -34.72
CA VAL E 15 -64.49 -23.17 -33.29
C VAL E 15 -65.64 -23.98 -32.71
N GLY E 16 -65.38 -24.65 -31.59
CA GLY E 16 -66.35 -25.51 -30.94
C GLY E 16 -66.24 -26.96 -31.32
N ASP E 17 -65.49 -27.28 -32.38
CA ASP E 17 -65.36 -28.65 -32.86
C ASP E 17 -64.33 -29.43 -32.05
N ARG E 18 -64.40 -30.75 -32.17
CA ARG E 18 -63.47 -31.66 -31.50
C ARG E 18 -62.30 -31.95 -32.43
N VAL E 19 -61.08 -31.83 -31.92
CA VAL E 19 -59.85 -32.13 -32.67
C VAL E 19 -59.19 -33.34 -32.04
N THR E 20 -58.79 -34.30 -32.88
CA THR E 20 -58.20 -35.56 -32.42
C THR E 20 -56.86 -35.74 -33.12
N ILE E 21 -55.79 -35.89 -32.34
CA ILE E 21 -54.44 -36.08 -32.85
C ILE E 21 -53.88 -37.36 -32.23
N THR E 22 -53.25 -38.19 -33.07
CA THR E 22 -52.70 -39.47 -32.64
C THR E 22 -51.18 -39.48 -32.75
N CYS E 23 -50.54 -40.14 -31.79
CA CYS E 23 -49.09 -40.32 -31.76
C CYS E 23 -48.81 -41.79 -31.51
N ARG E 24 -48.02 -42.42 -32.37
CA ARG E 24 -47.74 -43.85 -32.28
C ARG E 24 -46.24 -44.08 -32.15
N ALA E 25 -45.88 -45.02 -31.28
CA ALA E 25 -44.49 -45.35 -30.99
C ALA E 25 -44.07 -46.63 -31.67
N SER E 26 -42.79 -46.71 -32.02
CA SER E 26 -42.24 -47.88 -32.70
C SER E 26 -42.08 -49.07 -31.77
N GLN E 27 -42.35 -48.93 -30.48
CA GLN E 27 -42.24 -50.03 -29.53
C GLN E 27 -42.74 -49.57 -28.16
N SER E 28 -43.27 -50.50 -27.37
CA SER E 28 -43.94 -50.16 -26.11
C SER E 28 -43.09 -49.24 -25.24
N ILE E 29 -43.72 -48.19 -24.72
CA ILE E 29 -43.08 -47.25 -23.81
C ILE E 29 -43.99 -46.98 -22.61
N SER E 30 -44.92 -47.88 -22.33
CA SER E 30 -45.86 -47.69 -21.24
C SER E 30 -46.52 -46.31 -21.34
N SER E 31 -46.40 -45.49 -20.29
CA SER E 31 -47.01 -44.17 -20.26
C SER E 31 -46.00 -43.03 -20.31
N TYR E 32 -44.82 -43.28 -20.88
CA TYR E 32 -43.78 -42.25 -20.97
C TYR E 32 -43.96 -41.39 -22.24
N LEU E 33 -45.09 -40.69 -22.32
CA LEU E 33 -45.37 -39.80 -23.43
C LEU E 33 -45.90 -38.47 -22.90
N ASN E 34 -45.49 -37.38 -23.54
CA ASN E 34 -45.92 -36.04 -23.19
C ASN E 34 -46.39 -35.30 -24.45
N TRP E 35 -47.24 -34.29 -24.24
CA TRP E 35 -47.77 -33.46 -25.31
C TRP E 35 -47.42 -32.00 -25.07
N TYR E 36 -47.01 -31.29 -26.13
CA TYR E 36 -46.62 -29.89 -26.05
C TYR E 36 -47.39 -29.08 -27.07
N GLN E 37 -47.52 -27.78 -26.79
CA GLN E 37 -48.10 -26.80 -27.71
C GLN E 37 -47.05 -25.74 -28.00
N GLN E 38 -46.90 -25.38 -29.27
CA GLN E 38 -45.94 -24.36 -29.71
C GLN E 38 -46.63 -23.40 -30.66
N LYS E 39 -47.00 -22.23 -30.15
CA LYS E 39 -47.48 -21.17 -31.02
C LYS E 39 -46.29 -20.54 -31.73
N PRO E 40 -46.48 -20.06 -32.97
CA PRO E 40 -45.33 -19.74 -33.82
C PRO E 40 -44.47 -18.65 -33.19
N GLY E 41 -43.16 -18.84 -33.26
CA GLY E 41 -42.23 -17.85 -32.74
C GLY E 41 -42.06 -17.86 -31.24
N LYS E 42 -42.48 -18.92 -30.55
CA LYS E 42 -42.35 -19.01 -29.11
C LYS E 42 -41.93 -20.42 -28.73
N ALA E 43 -41.46 -20.56 -27.49
CA ALA E 43 -40.99 -21.85 -27.03
C ALA E 43 -42.16 -22.81 -26.81
N PRO E 44 -41.93 -24.11 -26.92
CA PRO E 44 -43.00 -25.07 -26.62
C PRO E 44 -43.51 -24.90 -25.19
N LYS E 45 -44.65 -25.53 -24.92
CA LYS E 45 -45.29 -25.42 -23.62
C LYS E 45 -45.95 -26.76 -23.31
N LEU E 46 -45.69 -27.28 -22.12
CA LEU E 46 -46.21 -28.58 -21.73
C LEU E 46 -47.71 -28.51 -21.47
N LEU E 47 -48.46 -29.45 -22.05
CA LEU E 47 -49.89 -29.59 -21.84
C LEU E 47 -50.22 -30.83 -21.02
N ILE E 48 -49.88 -32.01 -21.52
CA ILE E 48 -50.17 -33.29 -20.88
C ILE E 48 -48.86 -33.99 -20.56
N TYR E 49 -48.81 -34.63 -19.38
CA TYR E 49 -47.66 -35.44 -18.99
C TYR E 49 -48.13 -36.80 -18.49
N ALA E 50 -47.28 -37.81 -18.66
CA ALA E 50 -47.59 -39.18 -18.29
C ALA E 50 -48.76 -39.73 -19.09
N ALA E 51 -48.97 -39.18 -20.30
CA ALA E 51 -49.99 -39.66 -21.24
C ALA E 51 -51.38 -39.12 -20.90
N SER E 52 -51.66 -38.90 -19.61
CA SER E 52 -53.03 -38.57 -19.21
C SER E 52 -53.12 -37.63 -18.03
N SER E 53 -52.07 -36.86 -17.73
CA SER E 53 -52.08 -35.94 -16.60
C SER E 53 -52.02 -34.51 -17.13
N LEU E 54 -52.98 -33.70 -16.71
CA LEU E 54 -53.05 -32.32 -17.18
C LEU E 54 -52.12 -31.46 -16.35
N GLN E 55 -51.11 -30.88 -17.00
CA GLN E 55 -50.20 -29.96 -16.33
C GLN E 55 -51.02 -28.82 -15.72
N SER E 56 -50.72 -28.49 -14.47
CA SER E 56 -51.50 -27.49 -13.77
C SER E 56 -51.49 -26.17 -14.52
N GLY E 57 -52.66 -25.54 -14.60
CA GLY E 57 -52.80 -24.28 -15.30
C GLY E 57 -53.20 -24.39 -16.77
N VAL E 58 -53.49 -25.58 -17.25
CA VAL E 58 -53.87 -25.80 -18.65
C VAL E 58 -55.38 -26.00 -18.71
N PRO E 59 -56.10 -25.36 -19.64
CA PRO E 59 -57.55 -25.54 -19.72
C PRO E 59 -57.94 -27.01 -19.77
N SER E 60 -59.08 -27.33 -19.15
CA SER E 60 -59.54 -28.70 -19.05
C SER E 60 -60.03 -29.27 -20.38
N ARG E 61 -60.16 -28.45 -21.43
CA ARG E 61 -60.55 -29.01 -22.72
C ARG E 61 -59.44 -29.86 -23.34
N PHE E 62 -58.22 -29.72 -22.85
CA PHE E 62 -57.12 -30.57 -23.29
C PHE E 62 -57.12 -31.87 -22.48
N SER E 63 -56.78 -32.97 -23.14
CA SER E 63 -56.80 -34.28 -22.51
C SER E 63 -56.01 -35.26 -23.36
N GLY E 64 -55.51 -36.32 -22.71
CA GLY E 64 -54.76 -37.35 -23.40
C GLY E 64 -55.16 -38.73 -22.91
N SER E 65 -54.90 -39.72 -23.75
CA SER E 65 -55.18 -41.11 -23.41
C SER E 65 -54.19 -42.01 -24.13
N GLY E 66 -54.21 -43.28 -23.76
CA GLY E 66 -53.41 -44.30 -24.42
C GLY E 66 -52.27 -44.78 -23.54
N SER E 67 -51.66 -45.88 -23.99
CA SER E 67 -50.50 -46.46 -23.32
C SER E 67 -49.92 -47.54 -24.22
N GLY E 68 -48.61 -47.67 -24.20
CA GLY E 68 -47.93 -48.66 -25.01
C GLY E 68 -47.45 -48.12 -26.34
N THR E 69 -48.31 -48.18 -27.37
CA THR E 69 -47.95 -47.71 -28.71
C THR E 69 -48.93 -46.72 -29.31
N ASP E 70 -50.14 -46.58 -28.78
CA ASP E 70 -51.14 -45.66 -29.33
C ASP E 70 -51.51 -44.62 -28.28
N PHE E 71 -51.39 -43.35 -28.65
CA PHE E 71 -51.73 -42.23 -27.79
C PHE E 71 -52.55 -41.23 -28.59
N THR E 72 -53.30 -40.38 -27.88
CA THR E 72 -54.23 -39.47 -28.54
C THR E 72 -54.42 -38.21 -27.72
N LEU E 73 -54.12 -37.06 -28.33
CA LEU E 73 -54.48 -35.75 -27.78
C LEU E 73 -55.84 -35.33 -28.32
N THR E 74 -56.68 -34.76 -27.45
CA THR E 74 -58.02 -34.37 -27.85
C THR E 74 -58.36 -33.01 -27.27
N ILE E 75 -58.83 -32.10 -28.13
CA ILE E 75 -59.33 -30.78 -27.72
C ILE E 75 -60.86 -30.83 -27.85
N SER E 76 -61.56 -30.80 -26.72
CA SER E 76 -63.01 -31.02 -26.72
C SER E 76 -63.76 -29.95 -27.49
N SER E 77 -63.38 -28.68 -27.32
CA SER E 77 -64.06 -27.55 -27.96
C SER E 77 -62.99 -26.58 -28.42
N LEU E 78 -62.63 -26.68 -29.70
CA LEU E 78 -61.59 -25.83 -30.24
C LEU E 78 -61.94 -24.36 -30.01
N GLN E 79 -60.93 -23.58 -29.66
CA GLN E 79 -61.09 -22.16 -29.39
C GLN E 79 -60.24 -21.36 -30.36
N PRO E 80 -60.58 -20.09 -30.61
CA PRO E 80 -59.87 -19.33 -31.64
C PRO E 80 -58.38 -19.20 -31.38
N GLU E 81 -57.95 -19.32 -30.12
CA GLU E 81 -56.55 -19.13 -29.76
C GLU E 81 -55.75 -20.43 -29.75
N ASP E 82 -56.33 -21.54 -30.20
CA ASP E 82 -55.65 -22.82 -30.11
C ASP E 82 -54.84 -23.15 -31.36
N PHE E 83 -54.84 -22.26 -32.34
CA PHE E 83 -54.01 -22.46 -33.53
C PHE E 83 -52.54 -22.54 -33.11
N ALA E 84 -51.90 -23.65 -33.44
CA ALA E 84 -50.53 -23.92 -33.00
C ALA E 84 -50.06 -25.19 -33.70
N THR E 85 -48.86 -25.62 -33.34
CA THR E 85 -48.32 -26.92 -33.76
C THR E 85 -48.08 -27.75 -32.51
N TYR E 86 -48.62 -28.97 -32.52
CA TYR E 86 -48.60 -29.83 -31.34
C TYR E 86 -47.65 -30.99 -31.57
N TYR E 87 -46.83 -31.29 -30.56
CA TYR E 87 -45.83 -32.34 -30.62
C TYR E 87 -46.06 -33.36 -29.51
N CYS E 88 -45.70 -34.61 -29.79
CA CYS E 88 -45.56 -35.63 -28.76
C CYS E 88 -44.08 -35.95 -28.54
N GLN E 89 -43.77 -36.47 -27.36
CA GLN E 89 -42.40 -36.74 -26.97
C GLN E 89 -42.34 -37.98 -26.09
N GLN E 90 -41.29 -38.76 -26.27
CA GLN E 90 -41.07 -40.01 -25.54
C GLN E 90 -39.88 -39.88 -24.59
N SER E 91 -40.02 -40.47 -23.40
CA SER E 91 -38.99 -40.39 -22.37
C SER E 91 -38.67 -41.75 -21.77
N TYR E 92 -38.91 -42.83 -22.52
CA TYR E 92 -38.64 -44.18 -22.04
C TYR E 92 -37.30 -44.71 -22.52
N SER E 93 -37.09 -44.76 -23.83
CA SER E 93 -35.82 -45.23 -24.40
C SER E 93 -34.79 -44.11 -24.31
N THR E 94 -34.20 -43.99 -23.14
CA THR E 94 -33.25 -42.92 -22.88
C THR E 94 -31.82 -43.42 -23.05
N PRO E 95 -30.99 -42.78 -23.89
CA PRO E 95 -31.30 -41.74 -24.90
C PRO E 95 -31.61 -42.39 -26.25
N PRO E 96 -31.92 -41.62 -27.28
CA PRO E 96 -32.26 -40.19 -27.25
C PRO E 96 -33.75 -39.98 -26.99
N HIS E 97 -34.12 -38.89 -26.31
CA HIS E 97 -35.52 -38.50 -26.22
C HIS E 97 -35.96 -38.00 -27.58
N THR E 98 -37.08 -38.51 -28.08
CA THR E 98 -37.50 -38.21 -29.45
C THR E 98 -38.84 -37.51 -29.47
N PHE E 99 -38.97 -36.54 -30.36
CA PHE E 99 -40.20 -35.81 -30.59
C PHE E 99 -40.92 -36.36 -31.82
N GLY E 100 -42.21 -36.06 -31.88
CA GLY E 100 -42.96 -36.29 -33.09
C GLY E 100 -42.62 -35.25 -34.14
N GLN E 101 -43.22 -35.42 -35.31
CA GLN E 101 -42.99 -34.51 -36.42
C GLN E 101 -43.92 -33.30 -36.42
N GLY E 102 -45.00 -33.35 -35.67
CA GLY E 102 -45.82 -32.17 -35.48
C GLY E 102 -47.16 -32.27 -36.19
N THR E 103 -48.14 -31.55 -35.65
CA THR E 103 -49.47 -31.44 -36.24
C THR E 103 -49.89 -29.98 -36.14
N LYS E 104 -50.05 -29.33 -37.30
CA LYS E 104 -50.45 -27.93 -37.33
C LYS E 104 -51.96 -27.82 -37.39
N VAL E 105 -52.52 -26.99 -36.52
CA VAL E 105 -53.97 -26.83 -36.38
C VAL E 105 -54.33 -25.40 -36.75
N GLU E 106 -55.28 -25.26 -37.67
CA GLU E 106 -55.80 -23.97 -38.09
C GLU E 106 -57.28 -23.87 -37.74
N ILE E 107 -57.73 -22.65 -37.48
CA ILE E 107 -59.14 -22.39 -37.19
C ILE E 107 -59.86 -22.07 -38.49
N LYS E 108 -60.97 -22.75 -38.74
CA LYS E 108 -61.78 -22.50 -39.93
C LYS E 108 -62.89 -21.51 -39.61
N ARG E 109 -63.15 -20.62 -40.57
CA ARG E 109 -64.18 -19.61 -40.40
C ARG E 109 -64.81 -19.32 -41.76
N THR E 110 -65.65 -18.28 -41.78
CA THR E 110 -66.38 -17.87 -42.97
C THR E 110 -65.59 -16.79 -43.71
N VAL E 111 -65.78 -16.75 -45.03
CA VAL E 111 -65.02 -15.87 -45.90
C VAL E 111 -65.12 -14.42 -45.42
N ALA E 112 -64.05 -13.65 -45.62
CA ALA E 112 -63.99 -12.26 -45.17
C ALA E 112 -63.15 -11.49 -46.17
N ALA E 113 -63.72 -10.42 -46.73
CA ALA E 113 -63.02 -9.62 -47.73
C ALA E 113 -62.02 -8.68 -47.06
N PRO E 114 -60.98 -8.27 -47.77
CA PRO E 114 -59.92 -7.45 -47.16
C PRO E 114 -60.22 -5.96 -47.19
N SER E 115 -59.73 -5.28 -46.16
CA SER E 115 -59.64 -3.82 -46.17
C SER E 115 -58.29 -3.43 -46.73
N VAL E 116 -58.27 -2.46 -47.65
CA VAL E 116 -57.07 -2.12 -48.41
C VAL E 116 -56.67 -0.68 -48.12
N PHE E 117 -55.38 -0.47 -47.91
CA PHE E 117 -54.81 0.86 -47.71
C PHE E 117 -53.52 0.96 -48.51
N ILE E 118 -53.21 2.16 -49.00
CA ILE E 118 -51.99 2.41 -49.75
C ILE E 118 -51.27 3.61 -49.15
N PHE E 119 -49.94 3.56 -49.18
CA PHE E 119 -49.09 4.57 -48.55
C PHE E 119 -47.97 4.97 -49.50
N PRO E 120 -47.74 6.27 -49.71
CA PRO E 120 -46.60 6.69 -50.53
C PRO E 120 -45.32 6.72 -49.72
N PRO E 121 -44.16 6.86 -50.36
CA PRO E 121 -42.92 7.02 -49.61
C PRO E 121 -42.85 8.37 -48.91
N SER E 122 -42.18 8.39 -47.77
CA SER E 122 -42.01 9.61 -47.01
C SER E 122 -41.00 10.53 -47.69
N ASP E 123 -41.24 11.84 -47.59
CA ASP E 123 -40.29 12.81 -48.11
C ASP E 123 -38.90 12.58 -47.53
N GLU E 124 -38.83 12.16 -46.26
CA GLU E 124 -37.55 11.87 -45.64
C GLU E 124 -36.82 10.75 -46.37
N GLN E 125 -37.54 9.70 -46.73
CA GLN E 125 -36.92 8.55 -47.41
C GLN E 125 -36.45 8.92 -48.82
N LEU E 126 -37.10 9.89 -49.46
CA LEU E 126 -36.82 10.17 -50.87
C LEU E 126 -35.49 10.89 -51.05
N LYS E 127 -35.18 11.85 -50.17
CA LYS E 127 -33.89 12.54 -50.29
C LYS E 127 -32.74 11.56 -50.15
N SER E 128 -32.96 10.42 -49.48
CA SER E 128 -31.92 9.41 -49.34
C SER E 128 -31.72 8.61 -50.62
N GLY E 129 -32.69 8.60 -51.53
CA GLY E 129 -32.50 8.05 -52.86
C GLY E 129 -33.32 6.83 -53.21
N THR E 130 -34.14 6.31 -52.29
CA THR E 130 -34.98 5.16 -52.58
C THR E 130 -36.42 5.46 -52.21
N ALA E 131 -37.34 4.88 -52.97
CA ALA E 131 -38.77 5.06 -52.78
C ALA E 131 -39.41 3.71 -52.49
N SER E 132 -40.15 3.63 -51.38
CA SER E 132 -40.84 2.42 -50.98
C SER E 132 -42.32 2.71 -50.87
N VAL E 133 -43.12 2.00 -51.67
CA VAL E 133 -44.57 2.10 -51.65
C VAL E 133 -45.11 0.87 -50.92
N VAL E 134 -46.19 1.04 -50.17
CA VAL E 134 -46.73 -0.02 -49.33
C VAL E 134 -48.22 -0.17 -49.60
N CYS E 135 -48.70 -1.42 -49.44
CA CYS E 135 -50.10 -1.77 -49.66
C CYS E 135 -50.47 -2.77 -48.57
N LEU E 136 -51.50 -2.46 -47.79
CA LEU E 136 -51.90 -3.27 -46.65
C LEU E 136 -53.29 -3.84 -46.85
N LEU E 137 -53.44 -5.13 -46.54
CA LEU E 137 -54.72 -5.83 -46.59
C LEU E 137 -55.01 -6.33 -45.17
N ASN E 138 -56.20 -5.99 -44.65
CA ASN E 138 -56.51 -6.25 -43.25
C ASN E 138 -57.73 -7.17 -43.11
N ASN E 139 -57.61 -8.14 -42.20
CA ASN E 139 -58.72 -8.98 -41.75
C ASN E 139 -59.45 -9.62 -42.93
N PHE E 140 -58.77 -10.59 -43.55
CA PHE E 140 -59.34 -11.36 -44.63
C PHE E 140 -59.19 -12.85 -44.35
N TYR E 141 -60.08 -13.63 -44.97
CA TYR E 141 -60.07 -15.08 -44.88
C TYR E 141 -60.78 -15.61 -46.12
N PRO E 142 -60.25 -16.66 -46.78
CA PRO E 142 -59.07 -17.47 -46.43
C PRO E 142 -57.75 -16.76 -46.67
N ARG E 143 -56.65 -17.48 -46.42
CA ARG E 143 -55.33 -16.88 -46.47
C ARG E 143 -54.97 -16.42 -47.88
N GLU E 144 -55.50 -17.09 -48.90
CA GLU E 144 -55.07 -16.85 -50.28
C GLU E 144 -55.56 -15.49 -50.76
N ALA E 145 -54.62 -14.58 -51.00
CA ALA E 145 -54.89 -13.28 -51.63
C ALA E 145 -53.78 -13.01 -52.63
N LYS E 146 -54.09 -12.19 -53.64
CA LYS E 146 -53.14 -11.89 -54.70
C LYS E 146 -53.07 -10.39 -54.90
N VAL E 147 -51.90 -9.80 -54.65
CA VAL E 147 -51.66 -8.37 -54.83
C VAL E 147 -50.95 -8.14 -56.15
N GLN E 148 -51.18 -6.97 -56.74
CA GLN E 148 -50.75 -6.68 -58.11
C GLN E 148 -50.47 -5.19 -58.21
N TRP E 149 -49.20 -4.84 -58.46
CA TRP E 149 -48.78 -3.44 -58.55
C TRP E 149 -48.87 -2.94 -59.99
N LYS E 150 -49.24 -1.67 -60.12
CA LYS E 150 -49.31 -1.02 -61.42
C LYS E 150 -48.73 0.38 -61.30
N VAL E 151 -47.88 0.75 -62.26
CA VAL E 151 -47.30 2.09 -62.37
C VAL E 151 -47.70 2.63 -63.73
N ASP E 152 -48.56 3.64 -63.75
CA ASP E 152 -49.13 4.15 -64.99
C ASP E 152 -49.79 3.01 -65.77
N ASN E 153 -50.54 2.17 -65.05
CA ASN E 153 -51.27 1.03 -65.60
C ASN E 153 -50.36 -0.03 -66.21
N ALA E 154 -49.05 0.06 -65.99
CA ALA E 154 -48.12 -0.96 -66.44
C ALA E 154 -47.83 -1.89 -65.26
N LEU E 155 -48.08 -3.19 -65.46
CA LEU E 155 -47.94 -4.13 -64.36
C LEU E 155 -46.47 -4.35 -64.01
N GLN E 156 -46.15 -4.28 -62.72
CA GLN E 156 -44.80 -4.50 -62.24
C GLN E 156 -44.58 -5.98 -61.96
N SER E 157 -43.32 -6.36 -61.81
CA SER E 157 -42.97 -7.75 -61.53
C SER E 157 -41.52 -7.82 -61.06
N GLY E 158 -41.26 -8.70 -60.10
CA GLY E 158 -39.92 -8.91 -59.61
C GLY E 158 -39.31 -7.77 -58.84
N ASN E 159 -40.11 -6.77 -58.46
CA ASN E 159 -39.61 -5.62 -57.71
C ASN E 159 -40.47 -5.37 -56.48
N SER E 160 -41.02 -6.43 -55.89
CA SER E 160 -41.89 -6.31 -54.73
C SER E 160 -41.76 -7.54 -53.85
N GLN E 161 -42.04 -7.35 -52.56
CA GLN E 161 -42.06 -8.44 -51.60
C GLN E 161 -43.26 -8.28 -50.68
N GLU E 162 -43.65 -9.38 -50.04
CA GLU E 162 -44.83 -9.38 -49.19
C GLU E 162 -44.67 -10.42 -48.09
N SER E 163 -45.55 -10.33 -47.09
CA SER E 163 -45.59 -11.29 -46.00
C SER E 163 -46.97 -11.27 -45.37
N VAL E 164 -47.30 -12.35 -44.67
CA VAL E 164 -48.64 -12.56 -44.13
C VAL E 164 -48.53 -12.82 -42.64
N THR E 165 -49.53 -12.36 -41.89
CA THR E 165 -49.53 -12.52 -40.45
C THR E 165 -50.04 -13.90 -40.05
N GLU E 166 -49.88 -14.22 -38.78
CA GLU E 166 -50.53 -15.41 -38.23
C GLU E 166 -52.03 -15.17 -38.16
N GLN E 167 -52.76 -16.22 -37.81
CA GLN E 167 -54.20 -16.07 -37.60
C GLN E 167 -54.43 -15.28 -36.31
N ASP E 168 -55.30 -14.28 -36.38
CA ASP E 168 -55.67 -13.53 -35.18
C ASP E 168 -56.30 -14.47 -34.15
N SER E 169 -56.06 -14.15 -32.88
CA SER E 169 -56.47 -15.00 -31.77
C SER E 169 -57.88 -14.69 -31.29
N LYS E 170 -58.54 -13.68 -31.87
CA LYS E 170 -59.94 -13.39 -31.59
C LYS E 170 -60.84 -13.66 -32.80
N ASP E 171 -60.46 -13.19 -33.99
CA ASP E 171 -61.31 -13.31 -35.17
C ASP E 171 -60.76 -14.28 -36.21
N SER E 172 -59.56 -14.82 -36.02
CA SER E 172 -59.04 -15.92 -36.84
C SER E 172 -58.81 -15.51 -38.30
N THR E 173 -58.55 -14.23 -38.54
CA THR E 173 -58.32 -13.71 -39.88
C THR E 173 -56.84 -13.47 -40.12
N TYR E 174 -56.50 -13.10 -41.36
CA TYR E 174 -55.13 -12.80 -41.75
C TYR E 174 -55.03 -11.36 -42.22
N SER E 175 -53.78 -10.84 -42.22
CA SER E 175 -53.46 -9.56 -42.83
C SER E 175 -52.17 -9.73 -43.63
N LEU E 176 -51.95 -8.81 -44.57
CA LEU E 176 -50.83 -8.91 -45.50
C LEU E 176 -50.27 -7.53 -45.80
N SER E 177 -48.94 -7.45 -45.82
CA SER E 177 -48.23 -6.22 -46.16
C SER E 177 -47.33 -6.47 -47.36
N SER E 178 -47.35 -5.55 -48.33
CA SER E 178 -46.57 -5.67 -49.56
C SER E 178 -45.84 -4.36 -49.82
N THR E 179 -44.62 -4.46 -50.35
CA THR E 179 -43.74 -3.30 -50.52
C THR E 179 -43.17 -3.29 -51.94
N LEU E 180 -43.42 -2.19 -52.66
CA LEU E 180 -42.81 -1.93 -53.96
C LEU E 180 -41.64 -0.96 -53.76
N THR E 181 -40.45 -1.36 -54.22
CA THR E 181 -39.26 -0.54 -54.06
C THR E 181 -38.76 -0.07 -55.43
N LEU E 182 -38.57 1.23 -55.57
CA LEU E 182 -38.05 1.84 -56.79
C LEU E 182 -36.96 2.84 -56.42
N SER E 183 -36.11 3.15 -57.39
CA SER E 183 -35.15 4.24 -57.20
C SER E 183 -35.87 5.58 -57.27
N LYS E 184 -35.34 6.56 -56.54
CA LYS E 184 -35.89 7.91 -56.59
C LYS E 184 -36.05 8.38 -58.04
N ALA E 185 -35.17 7.93 -58.93
CA ALA E 185 -35.28 8.26 -60.34
C ALA E 185 -36.58 7.74 -60.94
N ASP E 186 -36.75 6.43 -60.98
CA ASP E 186 -37.94 5.85 -61.60
C ASP E 186 -39.21 6.31 -60.92
N TYR E 187 -39.15 6.59 -59.62
CA TYR E 187 -40.36 7.00 -58.90
C TYR E 187 -40.88 8.32 -59.42
N GLU E 188 -39.98 9.26 -59.74
CA GLU E 188 -40.35 10.58 -60.22
C GLU E 188 -40.53 10.62 -61.73
N LYS E 189 -40.43 9.47 -62.39
CA LYS E 189 -40.72 9.39 -63.82
C LYS E 189 -42.22 9.20 -64.08
N HIS E 190 -42.89 8.44 -63.21
CA HIS E 190 -44.31 8.11 -63.35
C HIS E 190 -45.13 8.82 -62.29
N LYS E 191 -46.47 8.79 -62.45
CA LYS E 191 -47.37 9.54 -61.59
C LYS E 191 -48.33 8.68 -60.79
N VAL E 192 -49.09 7.79 -61.41
CA VAL E 192 -50.15 7.05 -60.72
C VAL E 192 -49.62 5.70 -60.28
N TYR E 193 -49.77 5.41 -58.99
CA TYR E 193 -49.36 4.14 -58.39
C TYR E 193 -50.58 3.47 -57.79
N ALA E 194 -50.65 2.15 -57.89
CA ALA E 194 -51.83 1.42 -57.48
C ALA E 194 -51.48 -0.02 -57.15
N CYS E 195 -52.19 -0.58 -56.17
CA CYS E 195 -52.17 -2.02 -55.90
C CYS E 195 -53.56 -2.59 -56.10
N GLU E 196 -53.63 -3.70 -56.84
CA GLU E 196 -54.87 -4.38 -57.16
C GLU E 196 -54.94 -5.68 -56.37
N VAL E 197 -56.03 -5.86 -55.63
CA VAL E 197 -56.21 -7.00 -54.74
C VAL E 197 -57.26 -7.93 -55.33
N THR E 198 -57.01 -9.23 -55.25
CA THR E 198 -57.94 -10.26 -55.68
C THR E 198 -58.16 -11.24 -54.54
N HIS E 199 -59.41 -11.56 -54.26
CA HIS E 199 -59.74 -12.39 -53.11
C HIS E 199 -61.16 -12.91 -53.26
N GLN E 200 -61.43 -14.06 -52.64
CA GLN E 200 -62.75 -14.68 -52.74
C GLN E 200 -63.85 -13.70 -52.33
N GLY E 201 -63.69 -13.07 -51.17
CA GLY E 201 -64.71 -12.16 -50.67
C GLY E 201 -64.93 -10.93 -51.54
N LEU E 202 -64.11 -10.76 -52.59
CA LEU E 202 -64.27 -9.68 -53.56
C LEU E 202 -64.78 -10.28 -54.86
N SER E 203 -65.99 -9.86 -55.26
CA SER E 203 -66.54 -10.32 -56.53
C SER E 203 -65.79 -9.74 -57.72
N SER E 204 -65.04 -8.65 -57.53
CA SER E 204 -64.26 -8.02 -58.58
C SER E 204 -63.03 -7.40 -57.92
N PRO E 205 -61.87 -7.45 -58.56
CA PRO E 205 -60.66 -6.91 -57.92
C PRO E 205 -60.83 -5.48 -57.45
N VAL E 206 -60.37 -5.22 -56.23
CA VAL E 206 -60.39 -3.88 -55.63
C VAL E 206 -59.02 -3.25 -55.84
N THR E 207 -59.03 -1.96 -56.19
CA THR E 207 -57.79 -1.22 -56.43
C THR E 207 -57.75 0.03 -55.55
N LYS E 208 -56.56 0.33 -55.04
CA LYS E 208 -56.28 1.57 -54.32
C LYS E 208 -55.06 2.23 -54.94
N SER E 209 -55.11 3.55 -55.08
CA SER E 209 -54.08 4.26 -55.81
C SER E 209 -53.93 5.68 -55.27
N PHE E 210 -52.82 6.30 -55.66
CA PHE E 210 -52.55 7.71 -55.35
C PHE E 210 -51.75 8.30 -56.50
N ASN E 211 -51.73 9.63 -56.56
CA ASN E 211 -50.94 10.35 -57.55
C ASN E 211 -49.73 11.00 -56.88
N ARG E 212 -48.60 11.03 -57.59
CA ARG E 212 -47.34 11.43 -56.97
C ARG E 212 -47.39 12.87 -56.47
N GLY E 213 -48.00 13.76 -57.24
CA GLY E 213 -48.13 15.15 -56.84
C GLY E 213 -49.23 15.29 -55.81
N GLU E 214 -48.97 14.80 -54.60
CA GLU E 214 -49.89 14.84 -53.47
C GLU E 214 -49.55 13.67 -52.55
N GLU F 1 23.81 34.94 12.83
CA GLU F 1 23.90 33.92 11.73
C GLU F 1 24.45 32.61 12.27
N VAL F 2 23.57 31.80 12.86
CA VAL F 2 24.00 30.54 13.44
C VAL F 2 24.59 29.65 12.36
N GLN F 3 25.64 28.93 12.70
CA GLN F 3 26.35 28.12 11.73
C GLN F 3 27.15 27.04 12.45
N LEU F 4 27.02 25.81 11.99
CA LEU F 4 27.84 24.69 12.42
C LEU F 4 28.53 24.10 11.19
N VAL F 5 29.84 23.93 11.27
CA VAL F 5 30.64 23.49 10.13
C VAL F 5 31.52 22.33 10.58
N GLN F 6 31.48 21.22 9.84
CA GLN F 6 32.14 19.98 10.21
C GLN F 6 33.36 19.73 9.33
N SER F 7 34.22 18.82 9.78
CA SER F 7 35.39 18.42 9.03
C SER F 7 35.00 17.70 7.75
N GLY F 8 35.99 17.47 6.89
CA GLY F 8 35.75 16.87 5.59
C GLY F 8 35.72 15.35 5.63
N ALA F 9 35.49 14.78 4.45
CA ALA F 9 35.37 13.33 4.32
C ALA F 9 36.69 12.64 4.65
N GLU F 10 36.59 11.39 5.10
CA GLU F 10 37.73 10.62 5.55
C GLU F 10 37.69 9.22 4.97
N VAL F 11 38.88 8.65 4.75
CA VAL F 11 39.04 7.25 4.39
C VAL F 11 40.04 6.64 5.38
N LYS F 12 39.58 5.66 6.14
CA LYS F 12 40.42 5.01 7.15
C LYS F 12 40.32 3.50 6.98
N LYS F 13 41.34 2.79 7.52
CA LYS F 13 41.34 1.34 7.36
C LYS F 13 40.88 0.68 8.65
N PRO F 14 40.32 -0.53 8.59
CA PRO F 14 39.81 -1.16 9.81
C PRO F 14 40.90 -1.23 10.89
N GLY F 15 40.55 -0.75 12.09
CA GLY F 15 41.46 -0.74 13.22
C GLY F 15 42.10 0.61 13.51
N GLU F 16 41.99 1.57 12.59
CA GLU F 16 42.58 2.88 12.84
C GLU F 16 41.67 3.72 13.73
N SER F 17 42.25 4.84 14.18
CA SER F 17 41.57 5.82 15.00
C SER F 17 41.25 7.05 14.16
N LEU F 18 40.24 7.81 14.60
CA LEU F 18 39.77 8.95 13.83
C LEU F 18 39.08 9.92 14.79
N ARG F 19 39.20 11.21 14.48
CA ARG F 19 38.49 12.24 15.24
C ARG F 19 37.88 13.23 14.27
N ILE F 20 36.55 13.36 14.33
CA ILE F 20 35.81 14.32 13.54
C ILE F 20 35.62 15.60 14.35
N SER F 21 35.38 16.71 13.68
CA SER F 21 35.19 18.00 14.33
C SER F 21 33.87 18.63 13.90
N CYS F 22 33.44 19.62 14.68
CA CYS F 22 32.20 20.35 14.43
C CYS F 22 32.32 21.69 15.15
N LYS F 23 32.49 22.77 14.40
CA LYS F 23 32.80 24.08 14.95
C LYS F 23 31.59 25.00 14.81
N GLY F 24 31.23 25.67 15.89
CA GLY F 24 30.09 26.57 15.91
C GLY F 24 30.49 28.02 15.77
N SER F 25 29.55 28.83 15.27
CA SER F 25 29.77 30.26 15.07
C SER F 25 28.42 30.95 15.02
N GLY F 26 28.42 32.23 15.34
CA GLY F 26 27.20 33.02 15.34
C GLY F 26 26.35 32.90 16.58
N TYR F 27 26.88 32.32 17.65
CA TYR F 27 26.16 32.16 18.91
C TYR F 27 27.15 31.76 19.98
N SER F 28 26.76 31.95 21.24
CA SER F 28 27.61 31.54 22.36
C SER F 28 27.65 30.02 22.40
N PHE F 29 28.81 29.45 22.05
CA PHE F 29 28.94 28.00 21.97
C PHE F 29 28.61 27.31 23.29
N THR F 30 28.69 28.04 24.40
CA THR F 30 28.57 27.46 25.73
C THR F 30 27.17 27.55 26.33
N SER F 31 26.20 28.05 25.58
CA SER F 31 24.82 28.13 26.05
C SER F 31 23.92 27.07 25.41
N TYR F 32 24.46 26.21 24.55
CA TYR F 32 23.68 25.18 23.89
C TYR F 32 24.49 23.90 23.85
N TRP F 33 23.78 22.77 23.96
CA TRP F 33 24.42 21.48 23.87
C TRP F 33 24.78 21.17 22.42
N ILE F 34 25.57 20.12 22.23
CA ILE F 34 25.93 19.62 20.90
C ILE F 34 25.66 18.13 20.87
N THR F 35 24.81 17.69 19.95
CA THR F 35 24.43 16.29 19.82
C THR F 35 24.98 15.74 18.50
N TRP F 36 25.30 14.44 18.51
CA TRP F 36 25.78 13.75 17.33
C TRP F 36 24.77 12.72 16.87
N VAL F 37 24.56 12.66 15.56
CA VAL F 37 23.57 11.79 14.93
C VAL F 37 24.23 11.03 13.80
N ARG F 38 23.90 9.75 13.66
CA ARG F 38 24.45 8.89 12.62
C ARG F 38 23.36 8.46 11.66
N GLN F 39 23.70 8.41 10.38
CA GLN F 39 22.80 7.93 9.33
C GLN F 39 23.54 6.90 8.47
N MET F 40 23.26 5.63 8.70
CA MET F 40 23.88 4.58 7.90
C MET F 40 23.51 4.78 6.43
N PRO F 41 24.35 4.29 5.51
CA PRO F 41 24.05 4.46 4.07
C PRO F 41 22.68 3.95 3.70
N GLY F 42 21.78 4.87 3.32
CA GLY F 42 20.46 4.50 2.86
C GLY F 42 19.44 4.27 3.96
N LYS F 43 19.77 4.58 5.21
CA LYS F 43 18.88 4.33 6.35
C LYS F 43 18.56 5.65 7.04
N GLY F 44 17.93 5.55 8.21
CA GLY F 44 17.44 6.71 8.94
C GLY F 44 18.44 7.25 9.95
N LEU F 45 17.91 8.10 10.84
CA LEU F 45 18.73 8.85 11.80
C LEU F 45 18.78 8.14 13.15
N GLU F 46 19.95 8.18 13.78
CA GLU F 46 20.19 7.53 15.07
C GLU F 46 20.89 8.52 15.99
N TRP F 47 20.30 8.76 17.16
CA TRP F 47 20.90 9.64 18.15
C TRP F 47 22.05 8.95 18.87
N MET F 48 23.21 9.60 18.89
CA MET F 48 24.42 9.04 19.47
C MET F 48 24.71 9.55 20.88
N GLY F 49 24.80 10.86 21.07
CA GLY F 49 25.19 11.38 22.38
C GLY F 49 25.13 12.89 22.43
N ARG F 50 25.48 13.41 23.61
CA ARG F 50 25.41 14.83 23.93
C ARG F 50 26.66 15.25 24.68
N ILE F 51 26.95 16.54 24.60
CA ILE F 51 27.96 17.13 25.46
C ILE F 51 27.52 18.56 25.76
N ASP F 52 27.65 18.95 27.02
CA ASP F 52 27.38 20.32 27.43
C ASP F 52 28.72 21.03 27.46
N PRO F 53 29.07 21.82 26.44
CA PRO F 53 30.42 22.40 26.40
C PRO F 53 30.74 23.28 27.60
N SER F 54 29.73 23.75 28.35
CA SER F 54 30.00 24.58 29.50
C SER F 54 30.75 23.79 30.58
N ASP F 55 30.27 22.58 30.89
CA ASP F 55 30.89 21.73 31.90
C ASP F 55 31.36 20.39 31.35
N SER F 56 31.14 20.12 30.07
CA SER F 56 31.61 18.91 29.40
C SER F 56 30.94 17.64 29.91
N TYR F 57 29.77 17.77 30.54
CA TYR F 57 29.02 16.59 30.96
C TYR F 57 28.43 15.91 29.74
N THR F 58 28.73 14.62 29.57
CA THR F 58 28.32 13.86 28.40
C THR F 58 27.23 12.87 28.75
N ASN F 59 26.45 12.50 27.74
CA ASN F 59 25.41 11.49 27.90
C ASN F 59 25.31 10.71 26.60
N TYR F 60 25.65 9.42 26.65
CA TYR F 60 25.69 8.58 25.46
C TYR F 60 24.45 7.71 25.38
N SER F 61 24.19 7.20 24.17
CA SER F 61 23.12 6.22 24.00
C SER F 61 23.62 4.84 24.43
N PRO F 62 22.76 4.01 25.03
CA PRO F 62 23.18 2.65 25.37
C PRO F 62 23.76 1.89 24.19
N SER F 63 23.28 2.17 22.98
CA SER F 63 23.77 1.45 21.81
C SER F 63 25.24 1.77 21.53
N PHE F 64 25.62 3.05 21.67
CA PHE F 64 26.93 3.50 21.26
C PHE F 64 27.93 3.63 22.40
N GLN F 65 27.46 3.64 23.65
CA GLN F 65 28.35 3.75 24.80
C GLN F 65 29.51 2.78 24.69
N GLY F 66 30.72 3.27 24.96
CA GLY F 66 31.90 2.43 24.97
C GLY F 66 32.71 2.51 23.69
N HIS F 67 32.03 2.42 22.55
CA HIS F 67 32.72 2.39 21.26
C HIS F 67 33.03 3.77 20.71
N VAL F 68 32.52 4.84 21.34
CA VAL F 68 32.69 6.20 20.82
C VAL F 68 32.81 7.15 22.00
N THR F 69 33.44 8.30 21.77
CA THR F 69 33.71 9.28 22.81
C THR F 69 33.47 10.69 22.30
N ILE F 70 32.83 11.52 23.14
CA ILE F 70 32.47 12.89 22.78
C ILE F 70 33.24 13.85 23.67
N SER F 71 33.81 14.90 23.06
CA SER F 71 34.58 15.91 23.78
C SER F 71 34.29 17.27 23.17
N ALA F 72 34.93 18.30 23.74
CA ALA F 72 34.72 19.67 23.29
C ALA F 72 35.86 20.54 23.78
N ASP F 73 36.01 21.70 23.13
CA ASP F 73 37.06 22.67 23.42
C ASP F 73 36.42 24.06 23.27
N LYS F 74 35.84 24.57 24.35
CA LYS F 74 35.09 25.81 24.26
C LYS F 74 35.96 26.99 23.88
N SER F 75 37.26 26.94 24.16
CA SER F 75 38.15 28.04 23.80
C SER F 75 38.15 28.27 22.29
N ILE F 76 38.08 27.18 21.52
CA ILE F 76 38.02 27.26 20.06
C ILE F 76 36.60 26.96 19.56
N SER F 77 35.63 26.90 20.47
CA SER F 77 34.22 26.67 20.16
C SER F 77 34.05 25.51 19.18
N THR F 78 34.49 24.34 19.61
CA THR F 78 34.49 23.16 18.76
C THR F 78 34.17 21.93 19.60
N ALA F 79 33.46 20.98 18.97
CA ALA F 79 33.15 19.69 19.54
C ALA F 79 33.69 18.58 18.64
N TYR F 80 33.93 17.40 19.21
CA TYR F 80 34.58 16.32 18.50
C TYR F 80 33.87 15.00 18.71
N LEU F 81 34.05 14.10 17.75
CA LEU F 81 33.58 12.71 17.83
C LEU F 81 34.76 11.81 17.49
N GLN F 82 35.02 10.82 18.34
CA GLN F 82 36.26 10.05 18.27
C GLN F 82 36.01 8.55 18.32
N TRP F 83 36.80 7.81 17.53
CA TRP F 83 36.88 6.36 17.60
C TRP F 83 38.32 5.96 17.87
N SER F 84 38.50 4.84 18.58
CA SER F 84 39.82 4.29 18.86
C SER F 84 40.21 3.15 17.94
N SER F 85 39.29 2.24 17.60
CA SER F 85 39.53 1.21 16.60
C SER F 85 38.29 1.15 15.72
N LEU F 86 38.41 1.70 14.51
CA LEU F 86 37.28 1.84 13.61
C LEU F 86 36.92 0.48 13.00
N LYS F 87 35.63 0.26 12.78
CA LYS F 87 35.14 -0.99 12.21
C LYS F 87 34.42 -0.72 10.90
N ALA F 88 34.14 -1.80 10.16
CA ALA F 88 33.41 -1.67 8.91
C ALA F 88 32.00 -1.15 9.15
N SER F 89 31.38 -1.57 10.26
CA SER F 89 30.04 -1.11 10.60
C SER F 89 29.97 0.41 10.79
N ASP F 90 31.10 1.06 11.05
CA ASP F 90 31.10 2.50 11.31
C ASP F 90 31.08 3.35 10.05
N THR F 91 31.00 2.75 8.86
CA THR F 91 30.92 3.51 7.62
C THR F 91 29.52 4.11 7.50
N ALA F 92 29.43 5.44 7.56
CA ALA F 92 28.13 6.11 7.53
C ALA F 92 28.37 7.62 7.46
N MET F 93 27.28 8.38 7.54
CA MET F 93 27.32 9.83 7.63
C MET F 93 27.05 10.27 9.06
N TYR F 94 27.80 11.26 9.52
CA TYR F 94 27.72 11.74 10.89
C TYR F 94 27.38 13.22 10.90
N TYR F 95 26.31 13.56 11.61
CA TYR F 95 25.83 14.94 11.73
C TYR F 95 26.01 15.42 13.16
N CYS F 96 26.41 16.68 13.31
CA CYS F 96 26.32 17.37 14.58
C CYS F 96 25.17 18.37 14.51
N ALA F 97 24.59 18.68 15.67
CA ALA F 97 23.43 19.55 15.71
C ALA F 97 23.39 20.27 17.05
N ARG F 98 22.99 21.53 17.02
CA ARG F 98 22.81 22.29 18.25
C ARG F 98 21.50 21.87 18.91
N GLU F 99 21.54 21.66 20.22
CA GLU F 99 20.38 21.22 20.97
C GLU F 99 20.00 22.25 22.02
N GLN F 100 18.69 22.42 22.18
CA GLN F 100 18.13 23.35 23.17
C GLN F 100 17.71 22.54 24.38
N TRP F 101 18.00 23.05 25.58
CA TRP F 101 17.64 22.37 26.81
C TRP F 101 16.62 23.13 27.66
N LEU F 102 16.09 24.25 27.19
CA LEU F 102 15.15 25.05 27.96
C LEU F 102 13.75 24.59 27.61
N GLY F 103 13.12 23.86 28.53
CA GLY F 103 11.82 23.26 28.29
C GLY F 103 11.94 22.07 27.35
N ILE F 104 11.03 21.98 26.39
CA ILE F 104 11.07 20.89 25.42
C ILE F 104 12.28 21.06 24.52
N LYS F 105 13.12 20.03 24.46
CA LYS F 105 14.33 20.08 23.68
C LYS F 105 14.06 19.81 22.19
N ASN F 106 14.93 20.37 21.36
CA ASN F 106 14.84 20.21 19.91
C ASN F 106 16.20 20.55 19.30
N PHE F 107 16.51 19.91 18.18
CA PHE F 107 17.74 20.16 17.43
C PHE F 107 17.44 21.23 16.37
N ASP F 108 17.83 22.48 16.64
CA ASP F 108 17.37 23.59 15.81
C ASP F 108 18.33 23.97 14.69
N TYR F 109 19.62 23.60 14.76
CA TYR F 109 20.56 23.88 13.68
C TYR F 109 21.49 22.68 13.50
N TRP F 110 21.74 22.31 12.24
CA TRP F 110 22.52 21.13 11.90
C TRP F 110 23.75 21.49 11.10
N GLY F 111 24.79 20.66 11.21
CA GLY F 111 25.95 20.74 10.35
C GLY F 111 25.72 20.06 9.01
N GLN F 112 26.71 20.20 8.12
CA GLN F 112 26.57 19.68 6.76
C GLN F 112 26.86 18.18 6.68
N GLY F 113 27.61 17.63 7.63
CA GLY F 113 27.86 16.21 7.68
C GLY F 113 29.30 15.86 7.31
N THR F 114 29.77 14.76 7.91
CA THR F 114 31.10 14.21 7.63
C THR F 114 30.92 12.76 7.19
N LEU F 115 31.38 12.44 5.99
CA LEU F 115 31.31 11.08 5.47
C LEU F 115 32.53 10.29 5.94
N VAL F 116 32.29 9.22 6.70
CA VAL F 116 33.34 8.34 7.17
C VAL F 116 33.25 7.03 6.39
N THR F 117 34.32 6.70 5.67
CA THR F 117 34.39 5.52 4.84
C THR F 117 35.49 4.60 5.36
N VAL F 118 35.12 3.41 5.82
CA VAL F 118 36.08 2.46 6.38
C VAL F 118 36.19 1.30 5.40
N SER F 119 37.37 1.16 4.81
CA SER F 119 37.60 0.11 3.81
C SER F 119 39.09 -0.14 3.72
N SER F 120 39.44 -1.21 3.01
CA SER F 120 40.83 -1.55 2.75
C SER F 120 41.44 -0.71 1.64
N GLY F 121 40.64 0.11 0.96
CA GLY F 121 41.14 0.94 -0.10
C GLY F 121 42.01 2.08 0.42
N SER F 122 42.56 2.84 -0.52
CA SER F 122 43.40 3.99 -0.23
C SER F 122 42.90 5.18 -1.04
N ALA F 123 42.95 6.37 -0.43
CA ALA F 123 42.36 7.55 -1.03
C ALA F 123 43.04 7.91 -2.34
N SER F 124 42.29 8.59 -3.20
CA SER F 124 42.77 8.99 -4.52
C SER F 124 41.90 10.13 -5.03
N ALA F 125 42.52 11.06 -5.76
CA ALA F 125 41.83 12.16 -6.40
C ALA F 125 41.29 11.73 -7.76
N PRO F 126 40.31 12.46 -8.30
CA PRO F 126 39.68 12.03 -9.56
C PRO F 126 40.53 12.35 -10.78
N THR F 127 40.17 11.69 -11.88
CA THR F 127 40.76 11.94 -13.19
C THR F 127 39.64 12.34 -14.13
N LEU F 128 39.83 13.42 -14.87
CA LEU F 128 38.78 14.03 -15.68
C LEU F 128 38.97 13.72 -17.16
N PHE F 129 37.85 13.51 -17.87
CA PHE F 129 37.81 13.32 -19.31
C PHE F 129 36.62 14.10 -19.87
N PRO F 130 36.74 14.68 -21.06
CA PRO F 130 35.63 15.43 -21.63
C PRO F 130 34.63 14.52 -22.34
N LEU F 131 33.42 15.06 -22.54
CA LEU F 131 32.35 14.36 -23.23
C LEU F 131 31.77 15.31 -24.27
N VAL F 132 31.99 15.00 -25.55
CA VAL F 132 31.55 15.84 -26.66
C VAL F 132 30.64 15.03 -27.56
N SER F 133 29.52 15.62 -27.95
CA SER F 133 28.66 15.00 -28.95
C SER F 133 29.44 14.72 -30.22
N CYS F 134 29.28 13.52 -30.76
CA CYS F 134 30.09 13.04 -31.88
C CYS F 134 30.15 14.06 -33.02
N SER F 142 17.75 22.67 -30.72
CA SER F 142 18.45 23.94 -30.91
C SER F 142 19.23 24.34 -29.65
N SER F 143 19.75 23.33 -28.95
CA SER F 143 20.64 23.56 -27.83
C SER F 143 21.55 22.34 -27.70
N VAL F 144 22.86 22.58 -27.60
CA VAL F 144 23.86 21.53 -27.64
C VAL F 144 24.26 21.15 -26.21
N ALA F 145 24.57 19.88 -26.02
CA ALA F 145 24.93 19.32 -24.72
C ALA F 145 26.39 18.91 -24.68
N VAL F 146 27.05 19.22 -23.58
CA VAL F 146 28.47 18.94 -23.38
C VAL F 146 28.66 18.54 -21.93
N GLY F 147 29.61 17.62 -21.68
CA GLY F 147 29.71 16.99 -20.38
C GLY F 147 31.14 16.73 -19.93
N CYS F 148 31.24 16.13 -18.75
CA CYS F 148 32.51 15.92 -18.06
C CYS F 148 32.38 14.63 -17.24
N LEU F 149 33.44 13.81 -17.25
CA LEU F 149 33.42 12.49 -16.62
C LEU F 149 34.58 12.39 -15.63
N ALA F 150 34.27 12.12 -14.37
CA ALA F 150 35.27 11.94 -13.32
C ALA F 150 35.39 10.47 -12.96
N GLN F 151 36.64 10.03 -12.73
CA GLN F 151 36.92 8.61 -12.50
C GLN F 151 38.01 8.42 -11.46
N ASP F 152 37.96 7.26 -10.80
CA ASP F 152 39.07 6.74 -10.02
C ASP F 152 39.36 7.59 -8.78
N PHE F 153 38.31 8.00 -8.08
CA PHE F 153 38.47 8.79 -6.86
C PHE F 153 37.80 8.10 -5.68
N LEU F 154 38.26 8.47 -4.49
CA LEU F 154 37.81 7.92 -3.22
C LEU F 154 38.34 8.83 -2.11
N PRO F 155 37.50 9.26 -1.15
CA PRO F 155 36.09 8.88 -0.92
C PRO F 155 35.14 9.55 -1.91
N ASP F 156 33.84 9.23 -1.80
CA ASP F 156 32.82 9.78 -2.68
C ASP F 156 32.38 11.13 -2.12
N SER F 157 33.21 12.16 -2.35
CA SER F 157 32.95 13.52 -1.87
C SER F 157 33.47 14.48 -2.94
N ILE F 158 32.66 14.67 -3.99
CA ILE F 158 33.07 15.41 -5.17
C ILE F 158 32.03 16.47 -5.52
N THR F 159 32.49 17.57 -6.10
CA THR F 159 31.64 18.67 -6.53
C THR F 159 32.07 19.13 -7.91
N PHE F 160 31.10 19.55 -8.72
CA PHE F 160 31.34 20.03 -10.08
C PHE F 160 31.04 21.51 -10.21
N SER F 161 31.71 22.16 -11.17
CA SER F 161 31.43 23.54 -11.53
C SER F 161 31.99 23.80 -12.92
N TRP F 162 31.37 24.74 -13.62
CA TRP F 162 31.71 25.05 -15.01
C TRP F 162 32.00 26.55 -15.16
N LYS F 163 32.84 26.88 -16.13
CA LYS F 163 33.19 28.26 -16.42
C LYS F 163 33.36 28.46 -17.93
N TYR F 164 32.95 29.61 -18.42
CA TYR F 164 33.19 29.98 -19.80
C TYR F 164 34.65 30.35 -19.97
N LYS F 165 35.06 30.63 -21.22
CA LYS F 165 36.44 31.04 -21.48
C LYS F 165 36.74 32.38 -20.83
N ASN F 166 35.71 33.21 -20.62
CA ASN F 166 35.87 34.51 -19.97
C ASN F 166 35.65 34.42 -18.47
N ASN F 167 35.96 33.26 -17.88
CA ASN F 167 35.88 32.97 -16.45
C ASN F 167 34.54 33.34 -15.81
N SER F 168 33.51 33.56 -16.63
CA SER F 168 32.17 33.70 -16.07
C SER F 168 31.60 32.31 -15.78
N ASP F 169 30.49 32.28 -15.04
CA ASP F 169 29.93 31.04 -14.53
C ASP F 169 28.83 30.51 -15.44
N ILE F 170 28.77 29.20 -15.60
CA ILE F 170 27.73 28.52 -16.37
C ILE F 170 26.74 27.90 -15.39
N SER F 171 25.48 28.32 -15.47
CA SER F 171 24.46 27.94 -14.49
C SER F 171 23.54 26.83 -14.99
N SER F 172 23.75 26.31 -16.20
CA SER F 172 22.95 25.20 -16.71
C SER F 172 23.55 23.84 -16.36
N THR F 173 24.02 23.68 -15.13
CA THR F 173 24.70 22.45 -14.73
C THR F 173 23.70 21.36 -14.34
N ARG F 174 24.18 20.12 -14.35
CA ARG F 174 23.36 18.93 -14.09
C ARG F 174 24.19 17.94 -13.30
N GLY F 175 23.62 17.44 -12.19
CA GLY F 175 24.37 16.61 -11.26
C GLY F 175 23.86 15.20 -11.06
N PHE F 176 24.69 14.19 -11.39
CA PHE F 176 24.32 12.78 -11.31
C PHE F 176 25.05 12.07 -10.17
N PRO F 177 24.38 11.20 -9.42
CA PRO F 177 25.06 10.45 -8.35
C PRO F 177 26.21 9.61 -8.88
N SER F 178 27.11 9.24 -7.97
CA SER F 178 28.28 8.44 -8.31
C SER F 178 27.92 6.95 -8.30
N VAL F 179 28.84 6.15 -8.84
CA VAL F 179 28.68 4.70 -8.90
C VAL F 179 30.01 4.06 -8.52
N LEU F 180 29.92 2.92 -7.85
CA LEU F 180 31.08 2.21 -7.33
C LEU F 180 31.52 1.11 -8.30
N ARG F 181 32.83 0.98 -8.48
CA ARG F 181 33.38 -0.03 -9.38
C ARG F 181 34.83 -0.28 -9.00
N GLY F 182 35.13 -1.49 -8.54
CA GLY F 182 36.48 -1.86 -8.16
C GLY F 182 37.12 -0.91 -7.17
N GLY F 183 36.41 -0.59 -6.08
CA GLY F 183 36.96 0.23 -5.04
C GLY F 183 37.10 1.70 -5.38
N LYS F 184 36.53 2.15 -6.49
CA LYS F 184 36.66 3.55 -6.90
C LYS F 184 35.33 4.04 -7.46
N TYR F 185 35.15 5.36 -7.44
CA TYR F 185 33.91 6.00 -7.83
C TYR F 185 34.09 6.77 -9.13
N ALA F 186 32.99 6.90 -9.88
CA ALA F 186 32.95 7.68 -11.11
C ALA F 186 31.64 8.44 -11.19
N ALA F 187 31.68 9.60 -11.83
CA ALA F 187 30.50 10.46 -11.92
C ALA F 187 30.60 11.32 -13.17
N THR F 188 29.46 11.84 -13.61
CA THR F 188 29.37 12.66 -14.81
C THR F 188 28.59 13.92 -14.54
N SER F 189 28.77 14.91 -15.42
CA SER F 189 28.06 16.18 -15.35
C SER F 189 27.86 16.69 -16.77
N GLN F 190 26.79 17.44 -16.99
CA GLN F 190 26.48 17.95 -18.32
C GLN F 190 25.98 19.39 -18.23
N VAL F 191 26.08 20.09 -19.36
CA VAL F 191 25.59 21.46 -19.49
C VAL F 191 24.94 21.60 -20.86
N LEU F 192 23.97 22.50 -20.96
CA LEU F 192 23.28 22.81 -22.21
C LEU F 192 23.61 24.24 -22.62
N LEU F 193 23.97 24.42 -23.89
CA LEU F 193 24.35 25.72 -24.41
C LEU F 193 23.48 26.11 -25.59
N PRO F 194 23.07 27.38 -25.71
CA PRO F 194 22.25 27.79 -26.85
C PRO F 194 22.98 27.51 -28.16
N SER F 195 22.27 26.91 -29.12
CA SER F 195 22.87 26.62 -30.42
C SER F 195 23.39 27.89 -31.08
N LYS F 196 22.60 28.95 -31.07
CA LYS F 196 23.01 30.24 -31.63
C LYS F 196 24.32 30.73 -31.04
N ASP F 197 24.34 30.99 -29.73
CA ASP F 197 25.48 31.61 -29.08
C ASP F 197 26.81 30.96 -29.46
N VAL F 198 26.81 29.65 -29.71
CA VAL F 198 28.07 28.96 -29.98
C VAL F 198 28.56 29.29 -31.39
N MET F 199 27.69 29.16 -32.39
CA MET F 199 28.09 29.47 -33.76
C MET F 199 28.56 30.91 -33.88
N GLN F 200 27.77 31.86 -33.35
CA GLN F 200 28.16 33.27 -33.30
C GLN F 200 29.08 33.50 -32.10
N GLY F 201 30.30 33.00 -32.21
CA GLY F 201 31.23 33.07 -31.10
C GLY F 201 32.65 32.66 -31.42
N THR F 202 33.61 33.22 -30.68
CA THR F 202 35.01 32.92 -30.89
C THR F 202 35.57 31.95 -29.86
N ASP F 203 34.73 31.47 -28.94
CA ASP F 203 35.18 30.51 -27.94
C ASP F 203 35.01 29.12 -28.51
N GLU F 204 36.04 28.28 -28.36
CA GLU F 204 36.01 26.92 -28.89
C GLU F 204 36.14 25.89 -27.76
N HIS F 205 35.96 26.31 -26.52
CA HIS F 205 36.16 25.41 -25.39
C HIS F 205 35.45 25.99 -24.17
N VAL F 206 35.21 25.13 -23.19
CA VAL F 206 34.72 25.52 -21.87
C VAL F 206 35.44 24.65 -20.85
N VAL F 207 35.36 25.03 -19.58
CA VAL F 207 36.21 24.46 -18.55
C VAL F 207 35.36 23.75 -17.51
N CYS F 208 35.72 22.49 -17.24
CA CYS F 208 35.10 21.68 -16.21
C CYS F 208 36.01 21.62 -14.99
N LYS F 209 35.41 21.77 -13.81
CA LYS F 209 36.14 21.82 -12.55
C LYS F 209 35.52 20.86 -11.55
N VAL F 210 36.34 20.10 -10.84
CA VAL F 210 35.88 19.24 -9.77
C VAL F 210 36.68 19.53 -8.51
N GLN F 211 36.01 19.48 -7.36
CA GLN F 211 36.62 19.65 -6.06
C GLN F 211 36.57 18.34 -5.30
N HIS F 212 37.67 17.98 -4.64
CA HIS F 212 37.77 16.69 -3.98
C HIS F 212 38.76 16.81 -2.83
N PRO F 213 38.55 16.09 -1.72
CA PRO F 213 39.48 16.22 -0.58
C PRO F 213 40.94 16.02 -0.93
N ASN F 214 41.25 15.04 -1.78
CA ASN F 214 42.62 14.68 -2.10
C ASN F 214 43.17 15.42 -3.31
N GLY F 215 42.40 16.33 -3.91
CA GLY F 215 42.90 17.10 -5.04
C GLY F 215 41.82 17.66 -5.94
N ASN F 216 41.90 18.96 -6.22
CA ASN F 216 41.03 19.61 -7.19
C ASN F 216 41.68 19.58 -8.56
N LYS F 217 40.85 19.55 -9.60
CA LYS F 217 41.36 19.35 -10.95
C LYS F 217 40.46 20.01 -11.97
N GLU F 218 41.06 20.45 -13.07
CA GLU F 218 40.38 21.12 -14.16
C GLU F 218 40.56 20.33 -15.45
N LYS F 219 39.72 20.63 -16.44
CA LYS F 219 39.81 19.98 -17.73
C LYS F 219 39.03 20.79 -18.76
N ASN F 220 39.67 21.09 -19.88
CA ASN F 220 39.01 21.80 -20.97
C ASN F 220 38.09 20.84 -21.72
N VAL F 221 36.97 21.37 -22.20
CA VAL F 221 35.97 20.60 -22.92
C VAL F 221 35.74 21.25 -24.27
N PRO F 222 35.95 20.55 -25.39
CA PRO F 222 35.74 21.16 -26.71
C PRO F 222 34.26 21.41 -27.01
N LEU F 223 34.02 22.41 -27.85
CA LEU F 223 32.66 22.72 -28.28
C LEU F 223 32.53 22.38 -29.76
N PRO F 224 31.68 21.43 -30.17
CA PRO F 224 31.64 21.08 -31.59
C PRO F 224 30.91 22.12 -32.44
N GLU G 1 -33.14 -9.46 -2.24
CA GLU G 1 -31.77 -9.71 -2.75
C GLU G 1 -31.53 -8.89 -4.02
N VAL G 2 -31.13 -7.63 -3.82
CA VAL G 2 -30.90 -6.74 -4.95
C VAL G 2 -29.79 -7.29 -5.83
N GLN G 3 -29.94 -7.12 -7.14
CA GLN G 3 -29.00 -7.69 -8.09
C GLN G 3 -29.11 -6.96 -9.42
N LEU G 4 -27.96 -6.54 -9.95
CA LEU G 4 -27.87 -6.00 -11.31
C LEU G 4 -26.88 -6.85 -12.10
N VAL G 5 -27.31 -7.35 -13.26
CA VAL G 5 -26.53 -8.26 -14.06
C VAL G 5 -26.50 -7.75 -15.50
N GLN G 6 -25.29 -7.63 -16.05
CA GLN G 6 -25.06 -7.00 -17.34
C GLN G 6 -24.70 -8.04 -18.40
N SER G 7 -24.78 -7.61 -19.66
CA SER G 7 -24.41 -8.46 -20.78
C SER G 7 -22.92 -8.78 -20.75
N GLY G 8 -22.52 -9.72 -21.62
CA GLY G 8 -21.16 -10.21 -21.65
C GLY G 8 -20.23 -9.34 -22.48
N ALA G 9 -18.96 -9.78 -22.53
CA ALA G 9 -17.94 -9.04 -23.25
C ALA G 9 -18.25 -8.98 -24.74
N GLU G 10 -17.72 -7.94 -25.39
CA GLU G 10 -18.01 -7.67 -26.79
C GLU G 10 -16.71 -7.37 -27.53
N VAL G 11 -16.66 -7.76 -28.81
CA VAL G 11 -15.59 -7.38 -29.72
C VAL G 11 -16.22 -6.80 -30.98
N LYS G 12 -15.94 -5.53 -31.24
CA LYS G 12 -16.47 -4.84 -32.40
C LYS G 12 -15.34 -4.11 -33.12
N LYS G 13 -15.57 -3.81 -34.37
CA LYS G 13 -14.65 -3.10 -35.23
C LYS G 13 -15.06 -1.65 -35.39
N PRO G 14 -14.11 -0.75 -35.66
CA PRO G 14 -14.44 0.67 -35.77
C PRO G 14 -15.55 0.92 -36.77
N GLY G 15 -16.57 1.68 -36.34
CA GLY G 15 -17.69 2.03 -37.20
C GLY G 15 -18.95 1.22 -36.97
N GLU G 16 -18.87 0.14 -36.22
CA GLU G 16 -19.99 -0.74 -35.99
C GLU G 16 -20.88 -0.21 -34.85
N SER G 17 -22.06 -0.82 -34.71
CA SER G 17 -23.04 -0.48 -33.69
C SER G 17 -23.05 -1.53 -32.59
N LEU G 18 -23.51 -1.12 -31.41
CA LEU G 18 -23.49 -1.98 -30.24
C LEU G 18 -24.53 -1.53 -29.23
N ARG G 19 -25.10 -2.49 -28.50
CA ARG G 19 -26.02 -2.20 -27.40
C ARG G 19 -25.72 -3.08 -26.20
N ILE G 20 -25.43 -2.46 -25.06
CA ILE G 20 -25.22 -3.16 -23.81
C ILE G 20 -26.53 -3.21 -23.03
N SER G 21 -26.65 -4.16 -22.09
CA SER G 21 -27.84 -4.32 -21.29
C SER G 21 -27.48 -4.34 -19.80
N CYS G 22 -28.50 -4.13 -18.96
CA CYS G 22 -28.32 -4.11 -17.51
C CYS G 22 -29.68 -4.38 -16.89
N LYS G 23 -29.85 -5.56 -16.30
CA LYS G 23 -31.14 -6.04 -15.82
C LYS G 23 -31.16 -6.09 -14.30
N GLY G 24 -32.23 -5.56 -13.70
CA GLY G 24 -32.39 -5.54 -12.26
C GLY G 24 -33.36 -6.62 -11.78
N SER G 25 -33.17 -7.02 -10.52
CA SER G 25 -34.03 -8.02 -9.91
C SER G 25 -33.93 -7.86 -8.39
N GLY G 26 -34.99 -8.29 -7.70
CA GLY G 26 -35.02 -8.17 -6.25
C GLY G 26 -35.46 -6.82 -5.74
N TYR G 27 -35.99 -5.96 -6.60
CA TYR G 27 -36.47 -4.64 -6.20
C TYR G 27 -37.29 -4.08 -7.34
N SER G 28 -38.16 -3.12 -7.02
CA SER G 28 -38.98 -2.49 -8.05
C SER G 28 -38.08 -1.67 -8.97
N PHE G 29 -37.88 -2.16 -10.18
CA PHE G 29 -36.97 -1.52 -11.12
C PHE G 29 -37.34 -0.07 -11.39
N THR G 30 -38.59 0.31 -11.16
CA THR G 30 -39.11 1.61 -11.55
C THR G 30 -39.09 2.64 -10.42
N SER G 31 -38.53 2.29 -9.26
CA SER G 31 -38.44 3.21 -8.13
C SER G 31 -37.02 3.76 -7.92
N TYR G 32 -36.08 3.41 -8.79
CA TYR G 32 -34.70 3.87 -8.66
C TYR G 32 -34.15 4.24 -10.04
N TRP G 33 -33.28 5.23 -10.06
CA TRP G 33 -32.59 5.57 -11.30
C TRP G 33 -31.60 4.46 -11.65
N ILE G 34 -31.08 4.52 -12.88
CA ILE G 34 -30.03 3.63 -13.35
C ILE G 34 -28.97 4.50 -14.00
N THR G 35 -27.75 4.45 -13.48
CA THR G 35 -26.65 5.26 -13.96
C THR G 35 -25.61 4.38 -14.66
N TRP G 36 -24.97 4.94 -15.68
CA TRP G 36 -23.92 4.26 -16.43
C TRP G 36 -22.60 4.97 -16.17
N VAL G 37 -21.55 4.20 -15.92
CA VAL G 37 -20.23 4.72 -15.58
C VAL G 37 -19.19 4.05 -16.47
N ARG G 38 -18.22 4.82 -16.93
CA ARG G 38 -17.15 4.32 -17.79
C ARG G 38 -15.82 4.41 -17.06
N GLN G 39 -14.99 3.38 -17.21
CA GLN G 39 -13.65 3.35 -16.64
C GLN G 39 -12.67 2.96 -17.73
N MET G 40 -11.99 3.95 -18.29
CA MET G 40 -11.01 3.70 -19.33
C MET G 40 -9.92 2.76 -18.81
N PRO G 41 -9.27 1.99 -19.69
CA PRO G 41 -8.25 1.04 -19.21
C PRO G 41 -7.20 1.69 -18.32
N GLY G 42 -7.20 1.32 -17.04
CA GLY G 42 -6.19 1.81 -16.12
C GLY G 42 -6.48 3.17 -15.52
N LYS G 43 -7.66 3.73 -15.75
CA LYS G 43 -7.99 5.07 -15.29
C LYS G 43 -9.16 5.00 -14.31
N GLY G 44 -9.70 6.17 -13.96
CA GLY G 44 -10.73 6.28 -12.95
C GLY G 44 -12.13 6.21 -13.54
N LEU G 45 -13.11 6.59 -12.71
CA LEU G 45 -14.52 6.43 -13.02
C LEU G 45 -15.09 7.72 -13.60
N GLU G 46 -15.96 7.58 -14.60
CA GLU G 46 -16.57 8.70 -15.29
C GLU G 46 -18.07 8.49 -15.35
N TRP G 47 -18.83 9.46 -14.84
CA TRP G 47 -20.28 9.42 -14.87
C TRP G 47 -20.76 9.75 -16.28
N MET G 48 -21.56 8.86 -16.87
CA MET G 48 -22.04 9.04 -18.24
C MET G 48 -23.44 9.65 -18.28
N GLY G 49 -24.40 9.00 -17.64
CA GLY G 49 -25.78 9.45 -17.71
C GLY G 49 -26.66 8.59 -16.83
N ARG G 50 -27.93 8.99 -16.78
CA ARG G 50 -28.92 8.33 -15.94
C ARG G 50 -30.23 8.26 -16.70
N ILE G 51 -31.08 7.31 -16.31
CA ILE G 51 -32.41 7.17 -16.91
C ILE G 51 -33.39 6.74 -15.82
N ASP G 52 -34.57 7.34 -15.86
CA ASP G 52 -35.66 7.00 -14.95
C ASP G 52 -36.57 5.98 -15.60
N PRO G 53 -36.47 4.69 -15.26
CA PRO G 53 -37.28 3.69 -15.97
C PRO G 53 -38.77 3.91 -15.84
N SER G 54 -39.22 4.68 -14.85
CA SER G 54 -40.66 4.92 -14.72
C SER G 54 -41.19 5.76 -15.87
N ASP G 55 -40.53 6.87 -16.17
CA ASP G 55 -41.00 7.76 -17.23
C ASP G 55 -39.99 7.91 -18.36
N SER G 56 -38.82 7.28 -18.27
CA SER G 56 -37.79 7.30 -19.31
C SER G 56 -37.11 8.66 -19.45
N TYR G 57 -37.17 9.50 -18.42
CA TYR G 57 -36.44 10.76 -18.43
C TYR G 57 -34.94 10.49 -18.31
N THR G 58 -34.16 10.95 -19.29
CA THR G 58 -32.73 10.74 -19.31
C THR G 58 -32.00 12.06 -19.11
N ASN G 59 -30.79 11.97 -18.59
CA ASN G 59 -29.93 13.13 -18.40
C ASN G 59 -28.49 12.70 -18.64
N TYR G 60 -27.85 13.30 -19.64
CA TYR G 60 -26.50 12.93 -20.04
C TYR G 60 -25.49 13.91 -19.48
N SER G 61 -24.25 13.46 -19.43
CA SER G 61 -23.14 14.34 -19.10
C SER G 61 -22.78 15.17 -20.33
N PRO G 62 -22.37 16.43 -20.15
CA PRO G 62 -21.95 17.22 -21.32
C PRO G 62 -20.91 16.51 -22.17
N SER G 63 -20.05 15.70 -21.55
CA SER G 63 -18.99 15.03 -22.30
C SER G 63 -19.55 13.97 -23.25
N PHE G 64 -20.55 13.20 -22.81
CA PHE G 64 -21.02 12.06 -23.58
C PHE G 64 -22.26 12.34 -24.41
N GLN G 65 -22.98 13.42 -24.14
CA GLN G 65 -24.15 13.78 -24.94
C GLN G 65 -23.81 13.73 -26.42
N GLY G 66 -24.69 13.12 -27.20
CA GLY G 66 -24.51 13.08 -28.64
C GLY G 66 -23.93 11.78 -29.14
N HIS G 67 -22.86 11.30 -28.48
CA HIS G 67 -22.16 10.10 -28.91
C HIS G 67 -22.76 8.81 -28.36
N VAL G 68 -23.70 8.89 -27.42
CA VAL G 68 -24.23 7.70 -26.76
C VAL G 68 -25.71 7.91 -26.45
N THR G 69 -26.43 6.81 -26.29
CA THR G 69 -27.87 6.85 -26.05
C THR G 69 -28.24 5.84 -24.97
N ILE G 70 -29.11 6.26 -24.05
CA ILE G 70 -29.55 5.44 -22.93
C ILE G 70 -31.05 5.20 -23.09
N SER G 71 -31.46 3.95 -22.89
CA SER G 71 -32.87 3.57 -23.01
C SER G 71 -33.22 2.58 -21.92
N ALA G 72 -34.48 2.16 -21.89
CA ALA G 72 -34.93 1.23 -20.87
C ALA G 72 -36.24 0.58 -21.32
N ASP G 73 -36.55 -0.56 -20.68
CA ASP G 73 -37.73 -1.36 -21.01
C ASP G 73 -38.25 -1.93 -19.69
N LYS G 74 -39.13 -1.17 -19.02
CA LYS G 74 -39.58 -1.58 -17.69
C LYS G 74 -40.36 -2.89 -17.73
N SER G 75 -40.94 -3.26 -18.87
CA SER G 75 -41.66 -4.53 -18.95
C SER G 75 -40.73 -5.71 -18.67
N ILE G 76 -39.48 -5.61 -19.10
CA ILE G 76 -38.46 -6.61 -18.84
C ILE G 76 -37.47 -6.14 -17.79
N SER G 77 -37.74 -5.01 -17.14
CA SER G 77 -36.89 -4.44 -16.09
C SER G 77 -35.42 -4.43 -16.51
N THR G 78 -35.15 -3.71 -17.59
CA THR G 78 -33.83 -3.68 -18.19
C THR G 78 -33.51 -2.29 -18.73
N ALA G 79 -32.23 -1.93 -18.67
CA ALA G 79 -31.71 -0.67 -19.22
C ALA G 79 -30.61 -0.99 -20.22
N TYR G 80 -30.38 -0.04 -21.14
CA TYR G 80 -29.47 -0.26 -22.26
C TYR G 80 -28.56 0.95 -22.46
N LEU G 81 -27.41 0.69 -23.08
CA LEU G 81 -26.46 1.71 -23.51
C LEU G 81 -26.08 1.45 -24.96
N GLN G 82 -26.11 2.48 -25.80
CA GLN G 82 -26.00 2.31 -27.24
C GLN G 82 -24.92 3.20 -27.85
N TRP G 83 -24.23 2.64 -28.85
CA TRP G 83 -23.39 3.40 -29.75
C TRP G 83 -23.88 3.16 -31.16
N SER G 84 -23.76 4.18 -32.01
CA SER G 84 -24.15 4.07 -33.41
C SER G 84 -22.96 3.82 -34.32
N SER G 85 -21.82 4.49 -34.07
CA SER G 85 -20.58 4.23 -34.76
C SER G 85 -19.47 4.20 -33.72
N LEU G 86 -18.98 3.01 -33.39
CA LEU G 86 -18.02 2.87 -32.32
C LEU G 86 -16.64 3.35 -32.75
N LYS G 87 -15.91 3.91 -31.78
CA LYS G 87 -14.58 4.45 -31.99
C LYS G 87 -13.59 3.70 -31.11
N ALA G 88 -12.30 3.90 -31.41
CA ALA G 88 -11.25 3.26 -30.60
C ALA G 88 -11.24 3.80 -29.17
N SER G 89 -11.52 5.10 -28.99
CA SER G 89 -11.57 5.68 -27.66
C SER G 89 -12.61 5.02 -26.77
N ASP G 90 -13.61 4.36 -27.36
CA ASP G 90 -14.70 3.75 -26.59
C ASP G 90 -14.32 2.42 -25.97
N THR G 91 -13.09 1.96 -26.13
CA THR G 91 -12.65 0.71 -25.53
C THR G 91 -12.44 0.93 -24.03
N ALA G 92 -13.26 0.30 -23.21
CA ALA G 92 -13.20 0.50 -21.76
C ALA G 92 -14.16 -0.48 -21.09
N MET G 93 -14.29 -0.34 -19.77
CA MET G 93 -15.25 -1.09 -18.98
C MET G 93 -16.43 -0.19 -18.65
N TYR G 94 -17.63 -0.73 -18.76
CA TYR G 94 -18.86 0.02 -18.56
C TYR G 94 -19.66 -0.62 -17.43
N TYR G 95 -20.00 0.20 -16.43
CA TYR G 95 -20.73 -0.23 -15.25
C TYR G 95 -22.10 0.43 -15.24
N CYS G 96 -23.12 -0.33 -14.83
CA CYS G 96 -24.39 0.24 -14.44
C CYS G 96 -24.53 0.15 -12.92
N ALA G 97 -25.29 1.07 -12.36
CA ALA G 97 -25.41 1.16 -10.91
C ALA G 97 -26.77 1.76 -10.55
N ARG G 98 -27.37 1.23 -9.48
CA ARG G 98 -28.64 1.72 -8.98
C ARG G 98 -28.43 3.00 -8.17
N GLU G 99 -29.27 4.00 -8.43
CA GLU G 99 -29.21 5.27 -7.73
C GLU G 99 -30.55 5.56 -7.06
N GLN G 100 -30.46 6.20 -5.89
CA GLN G 100 -31.63 6.63 -5.13
C GLN G 100 -31.90 8.10 -5.43
N TRP G 101 -33.19 8.45 -5.54
CA TRP G 101 -33.58 9.83 -5.76
C TRP G 101 -34.21 10.45 -4.51
N LEU G 102 -34.15 9.74 -3.38
CA LEU G 102 -34.72 10.20 -2.12
C LEU G 102 -33.64 10.84 -1.26
N GLY G 103 -33.63 12.17 -1.21
CA GLY G 103 -32.72 12.85 -0.30
C GLY G 103 -31.27 12.66 -0.71
N ILE G 104 -30.46 12.25 0.26
CA ILE G 104 -29.04 12.03 0.04
C ILE G 104 -28.90 10.87 -0.95
N LYS G 105 -28.39 11.15 -2.15
CA LYS G 105 -28.24 10.13 -3.18
C LYS G 105 -26.90 9.40 -3.07
N ASN G 106 -26.90 8.14 -3.51
CA ASN G 106 -25.69 7.31 -3.50
C ASN G 106 -25.92 6.11 -4.42
N PHE G 107 -24.83 5.61 -5.00
CA PHE G 107 -24.87 4.41 -5.83
C PHE G 107 -24.66 3.19 -4.92
N ASP G 108 -25.75 2.53 -4.54
CA ASP G 108 -25.68 1.50 -3.52
C ASP G 108 -25.51 0.09 -4.09
N TYR G 109 -25.85 -0.15 -5.35
CA TYR G 109 -25.65 -1.46 -5.98
C TYR G 109 -25.16 -1.29 -7.40
N TRP G 110 -24.15 -2.08 -7.76
CA TRP G 110 -23.48 -2.01 -9.05
C TRP G 110 -23.61 -3.33 -9.80
N GLY G 111 -23.52 -3.25 -11.12
CA GLY G 111 -23.37 -4.44 -11.95
C GLY G 111 -21.94 -4.92 -11.99
N GLN G 112 -21.73 -6.05 -12.67
CA GLN G 112 -20.40 -6.65 -12.73
C GLN G 112 -19.53 -6.01 -13.79
N GLY G 113 -20.12 -5.39 -14.80
CA GLY G 113 -19.36 -4.68 -15.81
C GLY G 113 -19.40 -5.41 -17.15
N THR G 114 -19.32 -4.63 -18.23
CA THR G 114 -19.26 -5.15 -19.59
C THR G 114 -18.02 -4.61 -20.27
N LEU G 115 -17.13 -5.50 -20.70
CA LEU G 115 -15.90 -5.11 -21.38
C LEU G 115 -16.17 -4.95 -22.86
N VAL G 116 -15.97 -3.74 -23.37
CA VAL G 116 -16.13 -3.43 -24.79
C VAL G 116 -14.75 -3.23 -25.40
N THR G 117 -14.41 -4.06 -26.39
CA THR G 117 -13.11 -4.02 -27.04
C THR G 117 -13.30 -3.67 -28.51
N VAL G 118 -12.78 -2.52 -28.93
CA VAL G 118 -12.91 -2.04 -30.30
C VAL G 118 -11.55 -2.14 -30.96
N SER G 119 -11.41 -3.06 -31.91
CA SER G 119 -10.14 -3.28 -32.59
C SER G 119 -10.39 -4.00 -33.90
N SER G 120 -9.33 -4.10 -34.70
CA SER G 120 -9.37 -4.83 -35.96
C SER G 120 -9.25 -6.34 -35.77
N GLY G 121 -9.03 -6.81 -34.54
CA GLY G 121 -8.92 -8.23 -34.30
C GLY G 121 -10.25 -8.95 -34.47
N SER G 122 -10.17 -10.28 -34.34
CA SER G 122 -11.33 -11.15 -34.47
C SER G 122 -11.38 -12.11 -33.29
N ALA G 123 -12.58 -12.35 -32.77
CA ALA G 123 -12.73 -13.15 -31.57
C ALA G 123 -12.30 -14.59 -31.79
N SER G 124 -11.85 -15.23 -30.72
CA SER G 124 -11.38 -16.61 -30.79
C SER G 124 -11.39 -17.21 -29.40
N ALA G 125 -11.65 -18.51 -29.33
CA ALA G 125 -11.59 -19.24 -28.09
C ALA G 125 -10.16 -19.66 -27.81
N PRO G 126 -9.83 -20.00 -26.55
CA PRO G 126 -8.44 -20.28 -26.21
C PRO G 126 -7.98 -21.65 -26.65
N THR G 127 -6.66 -21.81 -26.69
CA THR G 127 -5.99 -23.08 -26.91
C THR G 127 -5.07 -23.35 -25.73
N LEU G 128 -5.17 -24.54 -25.15
CA LEU G 128 -4.49 -24.88 -23.92
C LEU G 128 -3.30 -25.79 -24.18
N PHE G 129 -2.23 -25.57 -23.42
CA PHE G 129 -1.04 -26.41 -23.41
C PHE G 129 -0.62 -26.62 -21.96
N PRO G 130 -0.09 -27.80 -21.63
CA PRO G 130 0.33 -28.04 -20.25
C PRO G 130 1.74 -27.52 -19.99
N LEU G 131 2.04 -27.38 -18.70
CA LEU G 131 3.36 -26.95 -18.23
C LEU G 131 3.80 -27.91 -17.15
N VAL G 132 4.85 -28.70 -17.43
CA VAL G 132 5.37 -29.70 -16.51
C VAL G 132 6.83 -29.37 -16.23
N SER G 133 7.20 -29.39 -14.95
CA SER G 133 8.60 -29.25 -14.58
C SER G 133 9.42 -30.33 -15.28
N CYS G 134 10.55 -29.91 -15.86
CA CYS G 134 11.34 -30.78 -16.71
C CYS G 134 11.63 -32.12 -16.02
N SER G 142 9.70 -28.90 -0.98
CA SER G 142 8.92 -30.12 -0.77
C SER G 142 7.48 -29.93 -1.26
N SER G 143 7.34 -29.18 -2.34
CA SER G 143 6.05 -29.03 -3.02
C SER G 143 6.32 -28.74 -4.49
N VAL G 144 5.64 -29.48 -5.37
CA VAL G 144 5.91 -29.43 -6.80
C VAL G 144 4.91 -28.50 -7.47
N ALA G 145 5.35 -27.84 -8.53
CA ALA G 145 4.55 -26.85 -9.24
C ALA G 145 4.19 -27.36 -10.63
N VAL G 146 2.93 -27.14 -11.02
CA VAL G 146 2.40 -27.58 -12.30
C VAL G 146 1.46 -26.50 -12.81
N GLY G 147 1.41 -26.33 -14.14
CA GLY G 147 0.77 -25.17 -14.72
C GLY G 147 0.04 -25.47 -16.02
N CYS G 148 -0.53 -24.40 -16.58
CA CYS G 148 -1.40 -24.45 -17.74
C CYS G 148 -1.23 -23.14 -18.50
N LEU G 149 -1.16 -23.22 -19.84
CA LEU G 149 -0.90 -22.06 -20.67
C LEU G 149 -2.01 -21.93 -21.71
N ALA G 150 -2.72 -20.81 -21.68
CA ALA G 150 -3.79 -20.53 -22.64
C ALA G 150 -3.29 -19.50 -23.65
N GLN G 151 -3.64 -19.70 -24.91
CA GLN G 151 -3.10 -18.89 -26.00
C GLN G 151 -4.16 -18.63 -27.05
N ASP G 152 -3.99 -17.51 -27.76
CA ASP G 152 -4.71 -17.26 -29.00
C ASP G 152 -6.20 -17.04 -28.76
N PHE G 153 -6.56 -16.26 -27.74
CA PHE G 153 -7.95 -15.96 -27.46
C PHE G 153 -8.19 -14.45 -27.47
N LEU G 154 -9.44 -14.09 -27.69
CA LEU G 154 -9.92 -12.71 -27.78
C LEU G 154 -11.44 -12.76 -27.74
N PRO G 155 -12.10 -11.94 -26.90
CA PRO G 155 -11.56 -10.87 -26.04
C PRO G 155 -10.83 -11.40 -24.82
N ASP G 156 -10.26 -10.50 -24.02
CA ASP G 156 -9.50 -10.87 -22.83
C ASP G 156 -10.46 -11.00 -21.65
N SER G 157 -11.17 -12.13 -21.61
CA SER G 157 -12.15 -12.41 -20.56
C SER G 157 -12.09 -13.92 -20.30
N ILE G 158 -11.12 -14.33 -19.49
CA ILE G 158 -10.82 -15.75 -19.28
C ILE G 158 -10.78 -16.04 -17.78
N THR G 159 -11.14 -17.28 -17.44
CA THR G 159 -11.16 -17.76 -16.08
C THR G 159 -10.53 -19.15 -16.03
N PHE G 160 -9.81 -19.45 -14.95
CA PHE G 160 -9.16 -20.74 -14.77
C PHE G 160 -9.78 -21.49 -13.61
N SER G 161 -9.69 -22.82 -13.67
CA SER G 161 -10.11 -23.69 -12.58
C SER G 161 -9.46 -25.04 -12.75
N TRP G 162 -9.23 -25.73 -11.63
CA TRP G 162 -8.49 -26.99 -11.63
C TRP G 162 -9.32 -28.07 -10.93
N LYS G 163 -9.06 -29.32 -11.32
CA LYS G 163 -9.73 -30.48 -10.74
C LYS G 163 -8.78 -31.65 -10.66
N TYR G 164 -8.94 -32.44 -9.59
CA TYR G 164 -8.20 -33.68 -9.44
C TYR G 164 -8.77 -34.75 -10.37
N LYS G 165 -8.15 -35.93 -10.35
CA LYS G 165 -8.67 -37.04 -11.15
C LYS G 165 -10.07 -37.43 -10.70
N ASN G 166 -10.40 -37.21 -9.43
CA ASN G 166 -11.72 -37.55 -8.90
C ASN G 166 -12.68 -36.37 -8.91
N ASN G 167 -12.54 -35.47 -9.89
CA ASN G 167 -13.43 -34.32 -10.06
C ASN G 167 -13.59 -33.51 -8.78
N SER G 168 -12.56 -33.50 -7.94
CA SER G 168 -12.54 -32.70 -6.73
C SER G 168 -11.77 -31.41 -6.99
N ASP G 169 -12.21 -30.33 -6.35
CA ASP G 169 -11.66 -29.01 -6.62
C ASP G 169 -10.28 -28.85 -6.00
N ILE G 170 -9.34 -28.34 -6.78
CA ILE G 170 -8.02 -27.96 -6.28
C ILE G 170 -8.09 -26.49 -5.84
N SER G 171 -7.60 -26.22 -4.64
CA SER G 171 -7.68 -24.88 -4.06
C SER G 171 -6.48 -24.02 -4.43
N SER G 172 -5.26 -24.58 -4.35
CA SER G 172 -4.07 -23.84 -4.76
C SER G 172 -4.23 -23.37 -6.20
N THR G 173 -4.12 -22.05 -6.39
CA THR G 173 -4.30 -21.44 -7.71
C THR G 173 -3.64 -20.07 -7.69
N ARG G 174 -2.98 -19.71 -8.79
CA ARG G 174 -2.44 -18.38 -8.98
C ARG G 174 -2.89 -17.85 -10.32
N GLY G 175 -3.41 -16.63 -10.33
CA GLY G 175 -3.90 -16.02 -11.55
C GLY G 175 -3.00 -14.93 -12.08
N PHE G 176 -2.47 -15.11 -13.29
CA PHE G 176 -1.55 -14.13 -13.86
C PHE G 176 -2.26 -13.31 -14.94
N PRO G 177 -2.08 -11.99 -14.96
CA PRO G 177 -2.69 -11.18 -16.01
C PRO G 177 -2.23 -11.60 -17.39
N SER G 178 -3.03 -11.23 -18.39
CA SER G 178 -2.79 -11.58 -19.77
C SER G 178 -1.82 -10.59 -20.42
N VAL G 179 -1.32 -10.95 -21.61
CA VAL G 179 -0.41 -10.11 -22.37
C VAL G 179 -0.83 -10.13 -23.84
N LEU G 180 -0.68 -9.00 -24.50
CA LEU G 180 -1.11 -8.82 -25.88
C LEU G 180 0.03 -9.08 -26.86
N ARG G 181 -0.29 -9.77 -27.95
CA ARG G 181 0.73 -10.08 -28.97
C ARG G 181 0.00 -10.42 -30.26
N GLY G 182 0.17 -9.58 -31.28
CA GLY G 182 -0.43 -9.79 -32.57
C GLY G 182 -1.94 -10.01 -32.52
N GLY G 183 -2.65 -9.13 -31.82
CA GLY G 183 -4.10 -9.18 -31.78
C GLY G 183 -4.70 -10.30 -30.95
N LYS G 184 -3.91 -11.01 -30.15
CA LYS G 184 -4.40 -12.11 -29.34
C LYS G 184 -3.75 -12.06 -27.97
N TYR G 185 -4.41 -12.68 -27.00
CA TYR G 185 -3.99 -12.67 -25.60
C TYR G 185 -3.54 -14.05 -25.17
N ALA G 186 -2.66 -14.09 -24.17
CA ALA G 186 -2.19 -15.34 -23.58
C ALA G 186 -2.08 -15.17 -22.07
N ALA G 187 -2.29 -16.27 -21.34
CA ALA G 187 -2.27 -16.24 -19.89
C ALA G 187 -1.89 -17.61 -19.36
N THR G 188 -1.42 -17.64 -18.11
CA THR G 188 -0.95 -18.86 -17.47
C THR G 188 -1.56 -19.01 -16.09
N SER G 189 -1.52 -20.25 -15.58
CA SER G 189 -2.02 -20.58 -14.26
C SER G 189 -1.16 -21.71 -13.69
N GLN G 190 -1.03 -21.74 -12.36
CA GLN G 190 -0.21 -22.76 -11.70
C GLN G 190 -0.88 -23.24 -10.42
N VAL G 191 -0.45 -24.41 -9.97
CA VAL G 191 -0.90 -25.01 -8.72
C VAL G 191 0.31 -25.62 -8.02
N LEU G 192 0.24 -25.69 -6.69
CA LEU G 192 1.27 -26.31 -5.87
C LEU G 192 0.70 -27.55 -5.22
N LEU G 193 1.43 -28.67 -5.31
CA LEU G 193 0.97 -29.94 -4.76
C LEU G 193 1.97 -30.49 -3.76
N PRO G 194 1.52 -31.02 -2.62
CA PRO G 194 2.47 -31.58 -1.64
C PRO G 194 3.25 -32.75 -2.22
N SER G 195 4.56 -32.75 -1.97
CA SER G 195 5.41 -33.85 -2.40
C SER G 195 4.92 -35.18 -1.83
N LYS G 196 4.56 -35.19 -0.54
CA LYS G 196 4.06 -36.41 0.09
C LYS G 196 2.96 -37.04 -0.75
N ASP G 197 1.86 -36.32 -0.93
CA ASP G 197 0.72 -36.85 -1.67
C ASP G 197 1.14 -37.32 -3.06
N VAL G 198 2.07 -36.60 -3.69
CA VAL G 198 2.55 -36.94 -5.03
C VAL G 198 3.57 -38.07 -4.96
N GLY G 201 2.03 -42.11 -4.05
CA GLY G 201 0.77 -41.58 -4.51
C GLY G 201 0.37 -42.13 -5.88
N THR G 202 -0.94 -42.31 -6.09
CA THR G 202 -1.45 -43.05 -7.23
C THR G 202 -1.68 -42.18 -8.47
N ASP G 203 -2.55 -41.16 -8.33
CA ASP G 203 -2.95 -40.35 -9.48
C ASP G 203 -1.74 -39.88 -10.27
N GLU G 204 -1.87 -39.91 -11.61
CA GLU G 204 -0.80 -39.50 -12.51
C GLU G 204 -1.16 -38.31 -13.39
N HIS G 205 -2.23 -37.58 -13.10
CA HIS G 205 -2.62 -36.44 -13.93
C HIS G 205 -3.58 -35.55 -13.15
N VAL G 206 -3.73 -34.32 -13.64
CA VAL G 206 -4.72 -33.37 -13.16
C VAL G 206 -5.27 -32.60 -14.34
N VAL G 207 -6.37 -31.88 -14.13
CA VAL G 207 -7.15 -31.29 -15.22
C VAL G 207 -7.19 -29.77 -15.07
N CYS G 208 -6.85 -29.07 -16.16
CA CYS G 208 -6.93 -27.63 -16.25
C CYS G 208 -8.16 -27.23 -17.05
N LYS G 209 -8.89 -26.23 -16.57
CA LYS G 209 -10.15 -25.80 -17.18
C LYS G 209 -10.13 -24.29 -17.35
N VAL G 210 -10.55 -23.81 -18.53
CA VAL G 210 -10.72 -22.39 -18.77
C VAL G 210 -12.10 -22.16 -19.35
N GLN G 211 -12.74 -21.06 -18.96
CA GLN G 211 -14.01 -20.63 -19.54
C GLN G 211 -13.79 -19.31 -20.26
N HIS G 212 -14.42 -19.17 -21.43
CA HIS G 212 -14.20 -18.03 -22.30
C HIS G 212 -15.45 -17.76 -23.11
N PRO G 213 -15.74 -16.50 -23.44
CA PRO G 213 -16.98 -16.20 -24.19
C PRO G 213 -17.18 -17.02 -25.46
N ASN G 214 -16.12 -17.27 -26.23
CA ASN G 214 -16.24 -18.00 -27.49
C ASN G 214 -16.07 -19.49 -27.33
N GLY G 215 -15.87 -20.01 -26.12
CA GLY G 215 -15.70 -21.43 -25.93
C GLY G 215 -14.99 -21.84 -24.65
N ASN G 216 -15.54 -22.82 -23.96
CA ASN G 216 -14.90 -23.42 -22.80
C ASN G 216 -14.07 -24.62 -23.23
N LYS G 217 -12.98 -24.89 -22.49
CA LYS G 217 -12.03 -25.90 -22.92
C LYS G 217 -11.30 -26.48 -21.72
N GLU G 218 -10.91 -27.75 -21.83
CA GLU G 218 -10.17 -28.48 -20.81
C GLU G 218 -8.85 -28.98 -21.36
N LYS G 219 -7.97 -29.40 -20.46
CA LYS G 219 -6.69 -29.98 -20.83
C LYS G 219 -6.10 -30.73 -19.65
N ASN G 220 -5.71 -31.98 -19.88
CA ASN G 220 -5.05 -32.78 -18.87
C ASN G 220 -3.60 -32.32 -18.70
N VAL G 221 -3.11 -32.36 -17.47
CA VAL G 221 -1.77 -31.90 -17.13
C VAL G 221 -1.02 -33.06 -16.47
N PRO G 222 0.12 -33.49 -17.02
CA PRO G 222 0.86 -34.58 -16.37
C PRO G 222 1.50 -34.15 -15.07
N LEU G 223 1.68 -35.13 -14.18
CA LEU G 223 2.39 -34.93 -12.92
C LEU G 223 3.69 -35.71 -12.95
N PRO G 224 4.86 -35.06 -12.82
CA PRO G 224 6.11 -35.81 -12.92
C PRO G 224 6.41 -36.63 -11.68
N GLU H 1 -40.33 -19.71 -8.22
CA GLU H 1 -40.55 -19.15 -9.58
C GLU H 1 -39.48 -19.65 -10.54
N VAL H 2 -39.69 -20.85 -11.08
CA VAL H 2 -38.72 -21.44 -11.99
C VAL H 2 -38.57 -20.56 -13.21
N GLN H 3 -37.34 -20.45 -13.72
CA GLN H 3 -37.07 -19.55 -14.83
C GLN H 3 -35.77 -19.97 -15.52
N LEU H 4 -35.82 -20.10 -16.84
CA LEU H 4 -34.63 -20.29 -17.67
C LEU H 4 -34.58 -19.16 -18.69
N VAL H 5 -33.44 -18.48 -18.75
CA VAL H 5 -33.27 -17.31 -19.61
C VAL H 5 -31.98 -17.49 -20.41
N GLN H 6 -32.07 -17.32 -21.72
CA GLN H 6 -30.98 -17.59 -22.64
C GLN H 6 -30.36 -16.31 -23.17
N SER H 7 -29.18 -16.45 -23.75
CA SER H 7 -28.48 -15.33 -24.34
C SER H 7 -29.24 -14.80 -25.56
N GLY H 8 -28.79 -13.66 -26.07
CA GLY H 8 -29.47 -12.99 -27.16
C GLY H 8 -29.06 -13.50 -28.53
N ALA H 9 -29.68 -12.92 -29.56
CA ALA H 9 -29.43 -13.34 -30.93
C ALA H 9 -27.99 -13.04 -31.33
N GLU H 10 -27.49 -13.81 -32.30
CA GLU H 10 -26.11 -13.72 -32.76
C GLU H 10 -26.07 -13.73 -34.28
N VAL H 11 -25.07 -13.04 -34.83
CA VAL H 11 -24.74 -13.09 -36.25
C VAL H 11 -23.27 -13.47 -36.36
N LYS H 12 -23.00 -14.60 -36.99
CA LYS H 12 -21.65 -15.11 -37.16
C LYS H 12 -21.43 -15.48 -38.62
N LYS H 13 -20.17 -15.51 -39.01
CA LYS H 13 -19.80 -15.85 -40.37
C LYS H 13 -19.24 -17.28 -40.41
N PRO H 14 -19.37 -17.99 -41.52
CA PRO H 14 -18.90 -19.38 -41.56
C PRO H 14 -17.43 -19.50 -41.14
N GLY H 15 -17.18 -20.44 -40.23
CA GLY H 15 -15.85 -20.69 -39.71
C GLY H 15 -15.59 -20.10 -38.34
N GLU H 16 -16.47 -19.22 -37.86
CA GLU H 16 -16.28 -18.59 -36.57
C GLU H 16 -16.81 -19.50 -35.45
N SER H 17 -16.47 -19.14 -34.21
CA SER H 17 -16.88 -19.88 -33.03
C SER H 17 -17.96 -19.12 -32.26
N LEU H 18 -18.71 -19.85 -31.44
CA LEU H 18 -19.85 -19.28 -30.73
C LEU H 18 -20.12 -20.08 -29.46
N ARG H 19 -20.59 -19.39 -28.43
CA ARG H 19 -21.03 -20.03 -27.19
C ARG H 19 -22.34 -19.38 -26.74
N ILE H 20 -23.40 -20.19 -26.64
CA ILE H 20 -24.69 -19.74 -26.15
C ILE H 20 -24.80 -20.04 -24.65
N SER H 21 -25.72 -19.35 -23.98
CA SER H 21 -25.92 -19.49 -22.54
C SER H 21 -27.37 -19.86 -22.22
N CYS H 22 -27.55 -20.36 -20.99
CA CYS H 22 -28.88 -20.72 -20.49
C CYS H 22 -28.79 -20.77 -18.96
N LYS H 23 -29.37 -19.79 -18.29
CA LYS H 23 -29.22 -19.62 -16.85
C LYS H 23 -30.53 -19.92 -16.13
N GLY H 24 -30.45 -20.71 -15.06
CA GLY H 24 -31.61 -21.08 -14.28
C GLY H 24 -31.73 -20.29 -12.98
N SER H 25 -32.95 -20.16 -12.48
CA SER H 25 -33.22 -19.49 -11.22
C SER H 25 -34.56 -19.98 -10.70
N GLY H 26 -34.73 -19.89 -9.38
CA GLY H 26 -35.96 -20.34 -8.75
C GLY H 26 -36.02 -21.82 -8.48
N TYR H 27 -34.91 -22.53 -8.60
CA TYR H 27 -34.85 -23.95 -8.31
C TYR H 27 -33.38 -24.33 -8.21
N SER H 28 -33.12 -25.44 -7.54
CA SER H 28 -31.73 -25.90 -7.39
C SER H 28 -31.24 -26.36 -8.76
N PHE H 29 -30.34 -25.58 -9.35
CA PHE H 29 -29.87 -25.86 -10.71
C PHE H 29 -29.29 -27.26 -10.83
N THR H 30 -28.86 -27.85 -9.71
CA THR H 30 -28.11 -29.09 -9.71
C THR H 30 -28.99 -30.33 -9.46
N SER H 31 -30.31 -30.16 -9.37
CA SER H 31 -31.22 -31.28 -9.15
C SER H 31 -31.98 -31.67 -10.41
N TYR H 32 -31.70 -31.03 -11.54
CA TYR H 32 -32.40 -31.33 -12.78
C TYR H 32 -31.41 -31.30 -13.94
N TRP H 33 -31.71 -32.13 -14.94
CA TRP H 33 -30.92 -32.10 -16.16
C TRP H 33 -31.18 -30.82 -16.93
N ILE H 34 -30.34 -30.56 -17.93
CA ILE H 34 -30.53 -29.46 -18.87
C ILE H 34 -30.34 -30.02 -20.28
N THR H 35 -31.35 -29.89 -21.11
CA THR H 35 -31.34 -30.41 -22.48
C THR H 35 -31.31 -29.26 -23.47
N TRP H 36 -30.66 -29.49 -24.60
CA TRP H 36 -30.63 -28.52 -25.70
C TRP H 36 -31.38 -29.09 -26.89
N VAL H 37 -32.20 -28.25 -27.52
CA VAL H 37 -33.05 -28.64 -28.64
C VAL H 37 -32.86 -27.64 -29.77
N ARG H 38 -32.82 -28.15 -31.00
CA ARG H 38 -32.67 -27.31 -32.19
C ARG H 38 -33.92 -27.39 -33.04
N GLN H 39 -34.31 -26.24 -33.59
CA GLN H 39 -35.46 -26.16 -34.49
C GLN H 39 -35.03 -25.39 -35.73
N MET H 40 -34.73 -26.12 -36.80
CA MET H 40 -34.35 -25.48 -38.06
C MET H 40 -35.48 -24.58 -38.54
N PRO H 41 -35.17 -23.56 -39.33
CA PRO H 41 -36.22 -22.65 -39.82
C PRO H 41 -37.38 -23.39 -40.49
N GLY H 42 -38.55 -23.34 -39.87
CA GLY H 42 -39.75 -23.91 -40.45
C GLY H 42 -39.94 -25.40 -40.22
N LYS H 43 -39.11 -26.03 -39.40
CA LYS H 43 -39.17 -27.47 -39.18
C LYS H 43 -39.47 -27.75 -37.70
N GLY H 44 -39.35 -29.02 -37.31
CA GLY H 44 -39.70 -29.47 -35.99
C GLY H 44 -38.53 -29.46 -35.02
N LEU H 45 -38.74 -30.12 -33.89
CA LEU H 45 -37.81 -30.11 -32.76
C LEU H 45 -36.89 -31.32 -32.82
N GLU H 46 -35.63 -31.10 -32.46
CA GLU H 46 -34.60 -32.14 -32.49
C GLU H 46 -33.84 -32.13 -31.18
N TRP H 47 -33.78 -33.28 -30.52
CA TRP H 47 -33.05 -33.43 -29.28
C TRP H 47 -31.55 -33.49 -29.59
N MET H 48 -30.77 -32.61 -28.96
CA MET H 48 -29.34 -32.51 -29.23
C MET H 48 -28.50 -33.25 -28.19
N GLY H 49 -28.69 -32.92 -26.91
CA GLY H 49 -27.86 -33.50 -25.88
C GLY H 49 -28.34 -33.07 -24.51
N ARG H 50 -27.68 -33.62 -23.50
CA ARG H 50 -28.08 -33.43 -22.11
C ARG H 50 -26.83 -33.28 -21.26
N ILE H 51 -26.97 -32.57 -20.13
CA ILE H 51 -25.87 -32.40 -19.19
C ILE H 51 -26.43 -32.34 -17.76
N ASP H 52 -25.74 -33.02 -16.84
CA ASP H 52 -26.05 -32.99 -15.42
C ASP H 52 -25.13 -31.98 -14.73
N PRO H 53 -25.61 -30.79 -14.37
CA PRO H 53 -24.71 -29.79 -13.77
C PRO H 53 -24.06 -30.23 -12.46
N SER H 54 -24.62 -31.23 -11.77
CA SER H 54 -24.03 -31.67 -10.51
C SER H 54 -22.66 -32.28 -10.73
N ASP H 55 -22.55 -33.21 -11.68
CA ASP H 55 -21.33 -33.93 -11.96
C ASP H 55 -20.81 -33.70 -13.37
N SER H 56 -21.52 -32.92 -14.19
CA SER H 56 -21.10 -32.54 -15.53
C SER H 56 -21.09 -33.73 -16.49
N TYR H 57 -21.82 -34.80 -16.19
CA TYR H 57 -21.96 -35.89 -17.13
C TYR H 57 -22.78 -35.44 -18.31
N THR H 58 -22.20 -35.54 -19.51
CA THR H 58 -22.85 -35.09 -20.73
C THR H 58 -23.23 -36.30 -21.59
N ASN H 59 -24.26 -36.13 -22.40
CA ASN H 59 -24.70 -37.17 -23.32
C ASN H 59 -25.27 -36.53 -24.57
N TYR H 60 -24.66 -36.82 -25.71
CA TYR H 60 -25.03 -36.22 -26.98
C TYR H 60 -25.88 -37.19 -27.78
N SER H 61 -26.59 -36.65 -28.74
CA SER H 61 -27.27 -37.48 -29.71
C SER H 61 -26.26 -37.98 -30.74
N PRO H 62 -26.43 -39.20 -31.26
CA PRO H 62 -25.51 -39.65 -32.32
C PRO H 62 -25.39 -38.66 -33.45
N SER H 63 -26.47 -37.92 -33.75
CA SER H 63 -26.45 -36.98 -34.86
C SER H 63 -25.51 -35.80 -34.58
N PHE H 64 -25.52 -35.29 -33.34
CA PHE H 64 -24.79 -34.06 -33.02
C PHE H 64 -23.44 -34.30 -32.37
N GLN H 65 -23.17 -35.52 -31.90
CA GLN H 65 -21.87 -35.84 -31.32
C GLN H 65 -20.76 -35.38 -32.25
N GLY H 66 -19.75 -34.73 -31.68
CA GLY H 66 -18.59 -34.31 -32.45
C GLY H 66 -18.62 -32.85 -32.88
N HIS H 67 -19.75 -32.41 -33.44
CA HIS H 67 -19.85 -31.07 -33.98
C HIS H 67 -20.23 -30.01 -32.94
N VAL H 68 -20.62 -30.43 -31.73
CA VAL H 68 -21.09 -29.49 -30.72
C VAL H 68 -20.65 -29.99 -29.35
N THR H 69 -20.57 -29.06 -28.39
CA THR H 69 -20.08 -29.38 -27.05
C THR H 69 -20.96 -28.69 -26.01
N ILE H 70 -21.30 -29.44 -24.95
CA ILE H 70 -22.15 -28.95 -23.87
C ILE H 70 -21.35 -28.90 -22.58
N SER H 71 -21.48 -27.81 -21.84
CA SER H 71 -20.76 -27.60 -20.58
C SER H 71 -21.69 -26.89 -19.60
N ALA H 72 -21.17 -26.64 -18.39
CA ALA H 72 -21.97 -26.00 -17.34
C ALA H 72 -21.04 -25.43 -16.30
N ASP H 73 -21.59 -24.52 -15.48
CA ASP H 73 -20.86 -23.83 -14.42
C ASP H 73 -21.84 -23.64 -13.26
N LYS H 74 -21.91 -24.64 -12.37
CA LYS H 74 -22.92 -24.61 -11.32
C LYS H 74 -22.72 -23.44 -10.36
N SER H 75 -21.50 -22.91 -10.26
CA SER H 75 -21.27 -21.77 -9.38
C SER H 75 -22.13 -20.57 -9.79
N ILE H 76 -22.33 -20.39 -11.09
CA ILE H 76 -23.19 -19.33 -11.63
C ILE H 76 -24.51 -19.90 -12.15
N SER H 77 -24.78 -21.17 -11.88
CA SER H 77 -26.02 -21.84 -12.28
C SER H 77 -26.35 -21.54 -13.75
N THR H 78 -25.45 -21.95 -14.62
CA THR H 78 -25.57 -21.68 -16.05
C THR H 78 -25.04 -22.86 -16.85
N ALA H 79 -25.65 -23.09 -18.01
CA ALA H 79 -25.22 -24.11 -18.96
C ALA H 79 -24.94 -23.46 -20.31
N TYR H 80 -24.10 -24.13 -21.12
CA TYR H 80 -23.62 -23.55 -22.37
C TYR H 80 -23.70 -24.56 -23.51
N LEU H 81 -23.79 -24.02 -24.73
CA LEU H 81 -23.69 -24.78 -25.97
C LEU H 81 -22.74 -24.04 -26.90
N GLN H 82 -21.72 -24.73 -27.42
CA GLN H 82 -20.67 -24.06 -28.17
C GLN H 82 -20.36 -24.80 -29.48
N TRP H 83 -19.99 -24.01 -30.48
CA TRP H 83 -19.49 -24.49 -31.76
C TRP H 83 -18.06 -24.00 -31.95
N SER H 84 -17.24 -24.80 -32.63
CA SER H 84 -15.86 -24.41 -32.91
C SER H 84 -15.69 -23.83 -34.30
N SER H 85 -16.38 -24.39 -35.31
CA SER H 85 -16.39 -23.81 -36.66
C SER H 85 -17.83 -23.85 -37.15
N LEU H 86 -18.47 -22.69 -37.16
CA LEU H 86 -19.88 -22.63 -37.51
C LEU H 86 -20.08 -22.79 -39.01
N LYS H 87 -21.18 -23.44 -39.37
CA LYS H 87 -21.54 -23.71 -40.75
C LYS H 87 -22.89 -23.06 -41.05
N ALA H 88 -23.23 -23.00 -42.34
CA ALA H 88 -24.51 -22.44 -42.73
C ALA H 88 -25.67 -23.30 -42.23
N SER H 89 -25.47 -24.62 -42.23
CA SER H 89 -26.51 -25.53 -41.75
C SER H 89 -26.88 -25.28 -40.30
N ASP H 90 -26.02 -24.63 -39.53
CA ASP H 90 -26.25 -24.39 -38.12
C ASP H 90 -27.18 -23.21 -37.85
N THR H 91 -27.73 -22.60 -38.89
CA THR H 91 -28.67 -21.49 -38.72
C THR H 91 -30.00 -22.03 -38.24
N ALA H 92 -30.40 -21.67 -37.03
CA ALA H 92 -31.64 -22.19 -36.46
C ALA H 92 -31.91 -21.50 -35.13
N MET H 93 -32.97 -21.95 -34.47
CA MET H 93 -33.32 -21.54 -33.12
C MET H 93 -32.93 -22.65 -32.15
N TYR H 94 -32.33 -22.29 -31.02
CA TYR H 94 -31.82 -23.25 -30.06
C TYR H 94 -32.47 -23.01 -28.70
N TYR H 95 -33.07 -24.06 -28.15
CA TYR H 95 -33.77 -24.01 -26.88
C TYR H 95 -33.04 -24.85 -25.84
N CYS H 96 -33.02 -24.37 -24.60
CA CYS H 96 -32.67 -25.19 -23.45
C CYS H 96 -33.93 -25.51 -22.65
N ALA H 97 -33.91 -26.66 -21.97
CA ALA H 97 -35.09 -27.13 -21.25
C ALA H 97 -34.67 -28.02 -20.08
N ARG H 98 -35.38 -27.88 -18.96
CA ARG H 98 -35.13 -28.67 -17.77
C ARG H 98 -35.76 -30.06 -17.88
N GLU H 99 -35.00 -31.09 -17.53
CA GLU H 99 -35.48 -32.48 -17.53
C GLU H 99 -35.30 -33.07 -16.13
N GLN H 100 -36.24 -33.92 -15.75
CA GLN H 100 -36.28 -34.56 -14.44
C GLN H 100 -35.73 -35.98 -14.48
N TRP H 101 -35.11 -36.39 -13.38
CA TRP H 101 -34.64 -37.76 -13.20
C TRP H 101 -35.53 -38.56 -12.26
N LEU H 102 -36.68 -38.00 -11.84
CA LEU H 102 -37.59 -38.67 -10.92
C LEU H 102 -38.72 -39.33 -11.71
N GLY H 103 -38.64 -40.64 -11.92
CA GLY H 103 -39.79 -41.32 -12.52
C GLY H 103 -40.03 -40.88 -13.96
N ILE H 104 -41.29 -40.54 -14.23
CA ILE H 104 -41.66 -40.04 -15.55
C ILE H 104 -40.90 -38.75 -15.84
N LYS H 105 -40.08 -38.78 -16.88
CA LYS H 105 -39.26 -37.65 -17.27
C LYS H 105 -40.07 -36.76 -18.20
N ASN H 106 -39.80 -35.45 -18.14
CA ASN H 106 -40.51 -34.52 -19.02
C ASN H 106 -39.77 -33.19 -19.01
N PHE H 107 -39.88 -32.47 -20.13
CA PHE H 107 -39.32 -31.12 -20.23
C PHE H 107 -40.39 -30.16 -19.74
N ASP H 108 -40.29 -29.74 -18.48
CA ASP H 108 -41.38 -29.00 -17.85
C ASP H 108 -41.21 -27.49 -17.93
N TYR H 109 -39.99 -26.99 -18.16
CA TYR H 109 -39.75 -25.56 -18.30
C TYR H 109 -38.73 -25.33 -19.41
N TRP H 110 -39.01 -24.34 -20.26
CA TRP H 110 -38.18 -24.05 -21.41
C TRP H 110 -37.65 -22.63 -21.33
N GLY H 111 -36.49 -22.40 -21.96
CA GLY H 111 -36.02 -21.05 -22.16
C GLY H 111 -36.70 -20.40 -23.36
N GLN H 112 -36.42 -19.12 -23.55
CA GLN H 112 -37.11 -18.39 -24.61
C GLN H 112 -36.53 -18.65 -25.99
N GLY H 113 -35.27 -19.05 -26.07
CA GLY H 113 -34.67 -19.41 -27.34
C GLY H 113 -33.64 -18.39 -27.78
N THR H 114 -32.63 -18.87 -28.49
CA THR H 114 -31.57 -18.04 -29.04
C THR H 114 -31.50 -18.28 -30.55
N LEU H 115 -31.67 -17.21 -31.33
CA LEU H 115 -31.60 -17.28 -32.78
C LEU H 115 -30.14 -17.16 -33.22
N VAL H 116 -29.64 -18.19 -33.90
CA VAL H 116 -28.29 -18.19 -34.45
C VAL H 116 -28.40 -18.05 -35.96
N THR H 117 -27.85 -16.98 -36.50
CA THR H 117 -27.89 -16.67 -37.92
C THR H 117 -26.47 -16.67 -38.47
N VAL H 118 -26.20 -17.59 -39.39
CA VAL H 118 -24.87 -17.74 -39.97
C VAL H 118 -24.94 -17.25 -41.41
N SER H 119 -24.27 -16.14 -41.70
CA SER H 119 -24.32 -15.53 -43.02
C SER H 119 -23.12 -14.62 -43.22
N SER H 120 -22.92 -14.19 -44.46
CA SER H 120 -21.86 -13.26 -44.82
C SER H 120 -22.21 -11.81 -44.50
N GLY H 121 -23.43 -11.52 -44.09
CA GLY H 121 -23.82 -10.17 -43.76
C GLY H 121 -23.15 -9.68 -42.49
N SER H 122 -23.43 -8.41 -42.16
CA SER H 122 -22.92 -7.77 -40.96
C SER H 122 -24.07 -7.11 -40.22
N ALA H 123 -24.05 -7.21 -38.89
CA ALA H 123 -25.17 -6.73 -38.08
C ALA H 123 -25.34 -5.23 -38.23
N SER H 124 -26.59 -4.79 -38.07
CA SER H 124 -26.93 -3.38 -38.22
C SER H 124 -28.25 -3.10 -37.53
N ALA H 125 -28.39 -1.89 -36.99
CA ALA H 125 -29.63 -1.46 -36.38
C ALA H 125 -30.60 -0.95 -37.44
N PRO H 126 -31.89 -0.90 -37.14
CA PRO H 126 -32.88 -0.52 -38.16
C PRO H 126 -32.95 0.98 -38.39
N THR H 127 -33.56 1.33 -39.52
CA THR H 127 -33.85 2.72 -39.89
C THR H 127 -35.36 2.86 -40.08
N LEU H 128 -35.94 3.89 -39.47
CA LEU H 128 -37.39 4.05 -39.42
C LEU H 128 -37.85 5.16 -40.37
N PHE H 129 -38.99 4.95 -41.00
CA PHE H 129 -39.67 5.91 -41.84
C PHE H 129 -41.16 5.85 -41.55
N PRO H 130 -41.87 6.97 -41.60
CA PRO H 130 -43.30 6.96 -41.33
C PRO H 130 -44.11 6.59 -42.57
N LEU H 131 -45.35 6.17 -42.33
CA LEU H 131 -46.29 5.80 -43.37
C LEU H 131 -47.62 6.50 -43.08
N VAL H 132 -48.01 7.43 -43.94
CA VAL H 132 -49.22 8.22 -43.77
C VAL H 132 -50.11 8.01 -44.99
N SER H 133 -51.40 7.76 -44.75
CA SER H 133 -52.36 7.71 -45.84
C SER H 133 -52.33 9.03 -46.61
N CYS H 134 -52.28 8.95 -47.93
CA CYS H 134 -52.09 10.13 -48.77
C CYS H 134 -53.08 11.23 -48.40
N SER H 142 -64.66 4.94 -41.15
CA SER H 142 -64.59 5.87 -40.03
C SER H 142 -63.49 5.49 -39.05
N SER H 143 -62.39 4.97 -39.59
CA SER H 143 -61.19 4.71 -38.80
C SER H 143 -59.98 4.79 -39.72
N VAL H 144 -58.97 5.55 -39.30
CA VAL H 144 -57.80 5.86 -40.12
C VAL H 144 -56.66 4.92 -39.75
N ALA H 145 -55.83 4.61 -40.75
CA ALA H 145 -54.71 3.70 -40.60
C ALA H 145 -53.40 4.46 -40.73
N VAL H 146 -52.45 4.14 -39.85
CA VAL H 146 -51.15 4.80 -39.80
C VAL H 146 -50.11 3.73 -39.48
N GLY H 147 -48.91 3.89 -40.03
CA GLY H 147 -47.92 2.83 -40.01
C GLY H 147 -46.50 3.32 -39.84
N CYS H 148 -45.60 2.34 -39.81
CA CYS H 148 -44.18 2.54 -39.52
C CYS H 148 -43.40 1.49 -40.30
N LEU H 149 -42.28 1.91 -40.89
CA LEU H 149 -41.50 1.03 -41.75
C LEU H 149 -40.05 1.00 -41.26
N ALA H 150 -39.57 -0.18 -40.90
CA ALA H 150 -38.19 -0.38 -40.46
C ALA H 150 -37.42 -1.08 -41.56
N GLN H 151 -36.16 -0.66 -41.76
CA GLN H 151 -35.36 -1.15 -42.86
C GLN H 151 -33.91 -1.30 -42.43
N ASP H 152 -33.20 -2.21 -43.12
CA ASP H 152 -31.74 -2.24 -43.10
C ASP H 152 -31.20 -2.68 -41.74
N PHE H 153 -31.80 -3.73 -41.16
CA PHE H 153 -31.35 -4.27 -39.89
C PHE H 153 -31.01 -5.76 -40.04
N LEU H 154 -30.20 -6.23 -39.10
CA LEU H 154 -29.74 -7.61 -39.03
C LEU H 154 -29.08 -7.80 -37.66
N PRO H 155 -29.42 -8.87 -36.93
CA PRO H 155 -30.27 -10.01 -37.28
C PRO H 155 -31.76 -9.67 -37.26
N ASP H 156 -32.59 -10.63 -37.65
CA ASP H 156 -34.04 -10.44 -37.71
C ASP H 156 -34.61 -10.75 -36.33
N SER H 157 -34.46 -9.78 -35.43
CA SER H 157 -34.94 -9.89 -34.05
C SER H 157 -35.42 -8.48 -33.65
N ILE H 158 -36.63 -8.15 -34.08
CA ILE H 158 -37.16 -6.80 -33.94
C ILE H 158 -38.53 -6.86 -33.28
N THR H 159 -38.85 -5.80 -32.55
CA THR H 159 -40.11 -5.64 -31.85
C THR H 159 -40.63 -4.23 -32.10
N PHE H 160 -41.94 -4.09 -32.22
CA PHE H 160 -42.58 -2.80 -32.44
C PHE H 160 -43.39 -2.40 -31.23
N SER H 161 -43.56 -1.09 -31.06
CA SER H 161 -44.39 -0.55 -30.00
C SER H 161 -44.79 0.86 -30.39
N TRP H 162 -45.97 1.26 -29.93
CA TRP H 162 -46.55 2.56 -30.27
C TRP H 162 -46.94 3.32 -29.02
N LYS H 163 -46.93 4.64 -29.12
CA LYS H 163 -47.30 5.51 -28.01
C LYS H 163 -48.02 6.75 -28.52
N TYR H 164 -49.01 7.20 -27.75
CA TYR H 164 -49.69 8.45 -28.06
C TYR H 164 -48.78 9.62 -27.73
N LYS H 165 -49.25 10.84 -28.01
CA LYS H 165 -48.46 12.02 -27.69
C LYS H 165 -48.21 12.15 -26.20
N ASN H 166 -49.12 11.63 -25.37
CA ASN H 166 -48.97 11.71 -23.92
C ASN H 166 -48.33 10.45 -23.32
N ASN H 167 -47.44 9.79 -24.06
CA ASN H 167 -46.71 8.63 -23.55
C ASN H 167 -47.65 7.59 -22.96
N SER H 168 -48.75 7.34 -23.66
CA SER H 168 -49.66 6.24 -23.35
C SER H 168 -49.54 5.19 -24.44
N ASP H 169 -50.20 4.04 -24.23
CA ASP H 169 -50.04 2.88 -25.10
C ASP H 169 -51.18 2.78 -26.09
N ILE H 170 -50.85 2.39 -27.33
CA ILE H 170 -51.82 2.26 -28.41
C ILE H 170 -51.97 0.76 -28.70
N SER H 171 -53.14 0.21 -28.38
CA SER H 171 -53.34 -1.24 -28.50
C SER H 171 -53.41 -1.68 -29.95
N SER H 172 -53.93 -0.84 -30.84
CA SER H 172 -54.02 -1.18 -32.26
C SER H 172 -52.64 -1.55 -32.80
N THR H 173 -52.37 -2.84 -32.99
CA THR H 173 -51.04 -3.25 -33.41
C THR H 173 -51.13 -4.52 -34.25
N ARG H 174 -50.47 -4.51 -35.40
CA ARG H 174 -50.40 -5.64 -36.30
C ARG H 174 -48.95 -5.94 -36.59
N GLY H 175 -48.52 -7.17 -36.32
CA GLY H 175 -47.15 -7.57 -36.54
C GLY H 175 -47.03 -8.34 -37.84
N PHE H 176 -46.25 -7.77 -38.77
CA PHE H 176 -46.07 -8.44 -40.04
C PHE H 176 -44.68 -9.05 -40.11
N PRO H 177 -44.52 -10.28 -40.60
CA PRO H 177 -43.19 -10.86 -40.70
C PRO H 177 -42.27 -10.02 -41.57
N SER H 178 -40.97 -10.21 -41.36
CA SER H 178 -39.96 -9.49 -42.12
C SER H 178 -39.71 -10.19 -43.45
N VAL H 179 -38.98 -9.50 -44.32
CA VAL H 179 -38.62 -10.04 -45.64
C VAL H 179 -37.16 -9.74 -45.90
N LEU H 180 -36.48 -10.67 -46.57
CA LEU H 180 -35.04 -10.57 -46.80
C LEU H 180 -34.76 -9.95 -48.16
N ARG H 181 -33.76 -9.07 -48.20
CA ARG H 181 -33.37 -8.40 -49.44
C ARG H 181 -31.95 -7.88 -49.27
N GLY H 182 -31.02 -8.41 -50.06
CA GLY H 182 -29.64 -7.97 -50.03
C GLY H 182 -29.00 -7.98 -48.65
N GLY H 183 -29.12 -9.10 -47.95
CA GLY H 183 -28.45 -9.25 -46.66
C GLY H 183 -29.05 -8.46 -45.52
N LYS H 184 -30.22 -7.86 -45.70
CA LYS H 184 -30.85 -7.06 -44.66
C LYS H 184 -32.35 -7.34 -44.65
N TYR H 185 -32.97 -7.06 -43.51
CA TYR H 185 -34.39 -7.33 -43.29
C TYR H 185 -35.18 -6.03 -43.19
N ALA H 186 -36.46 -6.11 -43.54
CA ALA H 186 -37.39 -4.99 -43.44
C ALA H 186 -38.73 -5.49 -42.91
N ALA H 187 -39.41 -4.61 -42.19
CA ALA H 187 -40.68 -4.99 -41.57
C ALA H 187 -41.54 -3.74 -41.37
N THR H 188 -42.84 -3.97 -41.22
CA THR H 188 -43.82 -2.89 -41.08
C THR H 188 -44.73 -3.17 -39.89
N SER H 189 -45.37 -2.10 -39.42
CA SER H 189 -46.32 -2.15 -38.33
C SER H 189 -47.37 -1.09 -38.60
N GLN H 190 -48.59 -1.32 -38.10
CA GLN H 190 -49.69 -0.41 -38.36
C GLN H 190 -50.54 -0.23 -37.12
N VAL H 191 -51.29 0.87 -37.11
CA VAL H 191 -52.25 1.21 -36.07
C VAL H 191 -53.51 1.74 -36.73
N LEU H 192 -54.65 1.45 -36.11
CA LEU H 192 -55.94 1.99 -36.52
C LEU H 192 -56.48 2.86 -35.39
N LEU H 193 -56.87 4.09 -35.73
CA LEU H 193 -57.33 5.08 -34.77
C LEU H 193 -58.73 5.59 -35.11
N PRO H 194 -59.61 5.75 -34.11
CA PRO H 194 -60.97 6.20 -34.41
C PRO H 194 -61.00 7.57 -35.08
N SER H 195 -61.83 7.69 -36.12
CA SER H 195 -62.01 8.98 -36.78
C SER H 195 -62.49 10.05 -35.80
N LYS H 196 -63.45 9.69 -34.94
CA LYS H 196 -63.93 10.64 -33.94
C LYS H 196 -62.77 11.29 -33.20
N ASP H 197 -62.00 10.46 -32.49
CA ASP H 197 -60.89 10.98 -31.68
C ASP H 197 -59.95 11.83 -32.53
N VAL H 198 -59.74 11.46 -33.78
CA VAL H 198 -58.81 12.18 -34.65
C VAL H 198 -59.47 13.45 -35.17
N ASP H 203 -53.75 16.62 -30.86
CA ASP H 203 -52.45 16.04 -31.18
C ASP H 203 -52.27 15.92 -32.70
N GLU H 204 -51.05 16.19 -33.15
CA GLU H 204 -50.70 16.16 -34.57
C GLU H 204 -49.72 15.05 -34.92
N HIS H 205 -49.49 14.08 -34.04
CA HIS H 205 -48.49 13.06 -34.30
C HIS H 205 -48.67 11.88 -33.36
N VAL H 206 -48.03 10.77 -33.72
CA VAL H 206 -47.88 9.61 -32.86
C VAL H 206 -46.46 9.08 -33.06
N VAL H 207 -46.03 8.21 -32.15
CA VAL H 207 -44.62 7.80 -32.08
C VAL H 207 -44.52 6.30 -32.26
N CYS H 208 -43.63 5.89 -33.17
CA CYS H 208 -43.31 4.49 -33.41
C CYS H 208 -41.97 4.14 -32.76
N LYS H 209 -41.92 2.98 -32.10
CA LYS H 209 -40.75 2.53 -31.38
C LYS H 209 -40.41 1.10 -31.78
N VAL H 210 -39.12 0.85 -32.00
CA VAL H 210 -38.63 -0.49 -32.30
C VAL H 210 -37.46 -0.82 -31.38
N GLN H 211 -37.38 -2.07 -30.95
CA GLN H 211 -36.27 -2.59 -30.16
C GLN H 211 -35.51 -3.62 -30.98
N HIS H 212 -34.18 -3.58 -30.91
CA HIS H 212 -33.34 -4.43 -31.74
C HIS H 212 -32.00 -4.64 -31.04
N PRO H 213 -31.37 -5.80 -31.21
CA PRO H 213 -30.10 -6.06 -30.51
C PRO H 213 -29.04 -4.98 -30.69
N ASN H 214 -28.90 -4.43 -31.90
CA ASN H 214 -27.85 -3.46 -32.18
C ASN H 214 -28.28 -2.01 -31.95
N GLY H 215 -29.51 -1.77 -31.50
CA GLY H 215 -29.95 -0.41 -31.28
C GLY H 215 -31.45 -0.20 -31.28
N ASN H 216 -31.94 0.50 -30.28
CA ASN H 216 -33.34 0.90 -30.20
C ASN H 216 -33.53 2.27 -30.84
N LYS H 217 -34.73 2.50 -31.39
CA LYS H 217 -34.97 3.72 -32.16
C LYS H 217 -36.44 4.10 -32.12
N GLU H 218 -36.68 5.41 -32.24
CA GLU H 218 -38.02 5.98 -32.28
C GLU H 218 -38.21 6.77 -33.57
N LYS H 219 -39.47 7.08 -33.89
CA LYS H 219 -39.79 7.88 -35.07
C LYS H 219 -41.21 8.42 -34.93
N ASN H 220 -41.36 9.72 -35.13
CA ASN H 220 -42.68 10.34 -35.13
C ASN H 220 -43.41 10.04 -36.43
N VAL H 221 -44.73 9.89 -36.33
CA VAL H 221 -45.58 9.54 -37.46
C VAL H 221 -46.65 10.62 -37.58
N PRO H 222 -46.78 11.32 -38.70
CA PRO H 222 -47.84 12.31 -38.83
C PRO H 222 -49.22 11.68 -38.93
N LEU H 223 -50.22 12.45 -38.50
CA LEU H 223 -51.63 12.07 -38.60
C LEU H 223 -52.30 12.98 -39.63
N PRO H 224 -52.85 12.45 -40.73
CA PRO H 224 -53.44 13.34 -41.74
C PRO H 224 -54.78 13.91 -41.32
#